data_8SB4
#
_entry.id   8SB4
#
_cell.length_a   1.00
_cell.length_b   1.00
_cell.length_c   1.00
_cell.angle_alpha   90.00
_cell.angle_beta   90.00
_cell.angle_gamma   90.00
#
_symmetry.space_group_name_H-M   'P 1'
#
loop_
_entity.id
_entity.type
_entity.pdbx_description
1 polymer 'CH848.10.17 gp120'
2 polymer 'CH848.10.17 gp41'
3 polymer 'DH270.1 variable heavy chain'
4 polymer 'DH270.1 variable light chain'
5 branched alpha-D-mannopyranose-(1-2)-alpha-D-mannopyranose-(1-3)-beta-D-mannopyranose-(1-4)-2-acetamido-2-deoxy-beta-D-glucopyranose-(1-4)-2-acetamido-2-deoxy-beta-D-glucopyranose
6 branched alpha-D-mannopyranose-(1-2)-alpha-D-mannopyranose-(1-2)-alpha-D-mannopyranose-(1-3)-[alpha-D-mannopyranose-(1-2)-alpha-D-mannopyranose-(1-6)-alpha-D-mannopyranose-(1-6)]beta-D-mannopyranose-(1-4)-2-acetamido-2-deoxy-beta-D-glucopyranose-(1-4)-2-acetamido-2-deoxy-beta-D-glucopyranose
7 branched beta-D-mannopyranose-(1-4)-2-acetamido-2-deoxy-beta-D-glucopyranose-(1-4)-2-acetamido-2-deoxy-beta-D-glucopyranose
8 branched 2-acetamido-2-deoxy-beta-D-glucopyranose-(1-4)-2-acetamido-2-deoxy-beta-D-glucopyranose
9 branched alpha-D-mannopyranose-(1-2)-alpha-D-mannopyranose-(1-2)-alpha-D-mannopyranose-(1-3)-[alpha-D-mannopyranose-(1-6)-alpha-D-mannopyranose-(1-6)]beta-D-mannopyranose-(1-4)-2-acetamido-2-deoxy-beta-D-glucopyranose-(1-4)-2-acetamido-2-deoxy-beta-D-glucopyranose
#
loop_
_entity_poly.entity_id
_entity_poly.type
_entity_poly.pdbx_seq_one_letter_code
_entity_poly.pdbx_strand_id
1 'polypeptide(L)'
;AENLWVTVYYGVPVWKEAKTTLFCASDARAYEKEVHNVWATHACVPTDPSPQELVLGNVTENFNMWKNDMVDQMHEDIIS
LWDQSLKPCVKLTPLCVTLICSNATVKNGTVEEMKNCSFNTTTEIRDKEKKEYALFYKPDIVPLSETNNTSEYRLINCNT
SACTQACPKVTFEPIPIHYCAPAGYAILKCNDETFNGTGPCSNVSTVQCTHGIRPVVSTQLLLNGSLAEKEIVIRSENLT
NNAKIIIVHLHTPVEIVCTRPNNNTRKSVRIGPGQTFYATGDIIGDIKQAHCNISEEKWNDTLQKVGIELQKHFPNKTIK
YNQSAGGDMEITTHSFNCGGEFFYCNTSNLFNGTYNGTYISTNSSANSTSTITLQCRIKQIINMWQGVGRCMYAPPIAGN
ITCRSNITGLLLTRDGGTNSNETETFRPAGGDMRDNWRSELYKYKVVKIEPLGVAPTRCKRRV
;
A,F,K
2 'polypeptide(L)'
;AVGIGAVFLGFLGAAGSTMGAASMTLTVQARNLLSGTVWGIKQLQARVLAVERYLRDQQLLGIWGCSGKLICCTNVPWNS
SWSNRNLSEIWDNMTWLQWDKEISNYTQIIYGLLEESQNQQEKNEQDLLALD
;
B,G,L
3 'polypeptide(L)'
;QVQLVQSGAEMKKPGASVRVSCKASGYTFTDYYIHWVRQAPGQGPEWMGWINPSTGRTNSPQKFQGRVTMTRDTSISTAY
MDLNRLTSDDTAMYYCTTGGWIGLYSDTSGYPNFDYWGQGTLVTVS
;
C,H,M
4 'polypeptide(L)'
;QSALTQPASVSGSPGQSITISCTGTNYDVGSYNLVSWYQQHPGKVPKYIIYEVNKRPSGVSNRFSGSKSGNTASLTISGL
QAEDEATYYCCSYAGSSIIFFGGGTKLTVI
;
D,I,N
#
# COMPACT_ATOMS: atom_id res chain seq x y z
N GLU A 2 31.33 -17.95 -58.97
CA GLU A 2 30.27 -18.99 -58.90
C GLU A 2 29.05 -18.47 -58.14
N ASN A 3 27.88 -19.01 -58.48
CA ASN A 3 26.62 -18.49 -57.96
C ASN A 3 26.53 -18.67 -56.45
N LEU A 4 25.89 -17.71 -55.80
CA LEU A 4 25.64 -17.72 -54.37
C LEU A 4 24.17 -17.39 -54.13
N TRP A 5 23.67 -17.83 -52.97
CA TRP A 5 22.29 -17.62 -52.57
C TRP A 5 22.25 -17.16 -51.13
N VAL A 6 21.20 -16.42 -50.78
CA VAL A 6 21.04 -15.97 -49.41
C VAL A 6 20.64 -17.16 -48.55
N THR A 7 21.45 -17.44 -47.53
CA THR A 7 21.26 -18.56 -46.63
C THR A 7 21.17 -18.02 -45.21
N VAL A 8 20.11 -18.40 -44.50
CA VAL A 8 19.78 -17.82 -43.20
C VAL A 8 20.12 -18.83 -42.12
N TYR A 9 20.79 -18.35 -41.07
CA TYR A 9 21.25 -19.17 -39.96
C TYR A 9 20.58 -18.71 -38.68
N TYR A 10 20.38 -19.66 -37.76
CA TYR A 10 19.83 -19.41 -36.44
C TYR A 10 20.74 -20.03 -35.40
N GLY A 11 20.85 -19.36 -34.25
CA GLY A 11 21.86 -19.71 -33.27
C GLY A 11 23.20 -19.04 -33.50
N VAL A 12 23.23 -17.96 -34.28
CA VAL A 12 24.48 -17.29 -34.62
C VAL A 12 25.08 -16.65 -33.37
N PRO A 13 26.42 -16.63 -33.19
CA PRO A 13 26.99 -15.87 -32.05
C PRO A 13 27.26 -14.40 -32.39
N VAL A 14 26.19 -13.62 -32.36
CA VAL A 14 26.22 -12.18 -32.60
C VAL A 14 25.41 -11.50 -31.50
N TRP A 15 25.85 -10.31 -31.10
CA TRP A 15 25.14 -9.55 -30.08
C TRP A 15 25.36 -8.06 -30.29
N LYS A 16 24.55 -7.27 -29.58
CA LYS A 16 24.70 -5.82 -29.50
C LYS A 16 24.49 -5.39 -28.06
N GLU A 17 25.19 -4.34 -27.64
CA GLU A 17 24.98 -3.79 -26.30
C GLU A 17 23.57 -3.22 -26.20
N ALA A 18 22.97 -3.34 -25.01
CA ALA A 18 21.56 -3.00 -24.85
C ALA A 18 21.28 -2.65 -23.40
N LYS A 19 20.08 -2.11 -23.17
CA LYS A 19 19.59 -1.75 -21.84
C LYS A 19 18.52 -2.74 -21.42
N THR A 20 18.59 -3.18 -20.17
CA THR A 20 17.58 -4.09 -19.63
C THR A 20 17.74 -4.17 -18.13
N THR A 21 16.72 -4.71 -17.47
CA THR A 21 16.81 -5.00 -16.05
C THR A 21 17.74 -6.20 -15.83
N LEU A 22 18.15 -6.36 -14.58
CA LEU A 22 18.94 -7.51 -14.16
C LEU A 22 18.32 -8.11 -12.91
N PHE A 23 18.46 -9.42 -12.77
CA PHE A 23 18.11 -10.07 -11.52
C PHE A 23 19.16 -9.75 -10.46
N CYS A 24 18.85 -10.10 -9.22
CA CYS A 24 19.82 -10.15 -8.14
C CYS A 24 19.75 -11.52 -7.50
N ALA A 25 20.91 -12.09 -7.19
CA ALA A 25 21.01 -13.43 -6.64
C ALA A 25 21.96 -13.42 -5.45
N SER A 26 21.55 -14.07 -4.38
CA SER A 26 22.33 -14.14 -3.15
C SER A 26 23.15 -15.42 -3.12
N ASP A 27 24.05 -15.48 -2.14
CA ASP A 27 24.72 -16.74 -1.85
C ASP A 27 23.73 -17.69 -1.18
N ALA A 28 24.14 -18.96 -1.07
CA ALA A 28 23.19 -20.01 -0.69
C ALA A 28 22.65 -19.85 0.73
N ARG A 29 23.37 -19.18 1.62
CA ARG A 29 23.02 -19.15 3.04
C ARG A 29 22.18 -17.94 3.44
N ALA A 30 21.43 -17.35 2.50
CA ALA A 30 20.70 -16.12 2.75
C ALA A 30 19.27 -16.33 3.20
N TYR A 31 18.82 -17.58 3.39
CA TYR A 31 17.40 -17.87 3.59
C TYR A 31 17.08 -18.58 4.89
N GLU A 32 18.04 -18.71 5.81
CA GLU A 32 17.73 -19.18 7.16
C GLU A 32 17.19 -18.07 8.06
N LYS A 33 17.20 -16.82 7.60
CA LYS A 33 16.86 -15.67 8.42
C LYS A 33 15.38 -15.33 8.27
N GLU A 34 14.97 -14.18 8.79
CA GLU A 34 13.58 -13.76 8.75
C GLU A 34 13.27 -13.10 7.41
N VAL A 35 12.02 -12.64 7.26
CA VAL A 35 11.66 -11.84 6.10
C VAL A 35 12.35 -10.48 6.20
N HIS A 36 12.77 -9.96 5.05
CA HIS A 36 13.36 -8.62 4.91
C HIS A 36 14.73 -8.49 5.56
N ASN A 37 15.27 -9.56 6.16
CA ASN A 37 16.48 -9.52 6.97
C ASN A 37 17.41 -10.65 6.56
N VAL A 38 18.51 -10.34 5.87
CA VAL A 38 18.95 -9.11 5.22
C VAL A 38 18.11 -9.02 3.95
N TRP A 39 18.10 -7.86 3.30
CA TRP A 39 17.37 -7.70 2.04
C TRP A 39 17.75 -8.74 0.99
N ALA A 40 18.95 -9.32 1.08
CA ALA A 40 19.37 -10.37 0.14
C ALA A 40 18.43 -11.56 0.15
N THR A 41 17.77 -11.84 1.28
CA THR A 41 16.79 -12.94 1.31
C THR A 41 15.52 -12.60 0.55
N HIS A 42 15.22 -11.32 0.37
CA HIS A 42 13.90 -10.87 -0.06
C HIS A 42 13.86 -10.56 -1.55
N ALA A 43 14.72 -9.66 -2.03
CA ALA A 43 14.67 -9.23 -3.42
C ALA A 43 15.34 -10.21 -4.37
N CYS A 44 16.06 -11.22 -3.85
CA CYS A 44 16.96 -12.03 -4.66
C CYS A 44 16.63 -13.51 -4.57
N VAL A 45 17.32 -14.26 -5.42
CA VAL A 45 17.09 -15.67 -5.70
C VAL A 45 18.36 -16.39 -5.24
N PRO A 46 18.32 -17.66 -4.83
CA PRO A 46 19.60 -18.36 -4.65
C PRO A 46 20.35 -18.52 -5.97
N THR A 47 21.64 -18.20 -5.94
CA THR A 47 22.50 -18.31 -7.10
C THR A 47 23.05 -19.72 -7.23
N ASP A 48 23.35 -20.10 -8.48
CA ASP A 48 24.01 -21.37 -8.79
C ASP A 48 25.37 -21.02 -9.39
N PRO A 49 26.50 -21.28 -8.71
CA PRO A 49 27.79 -20.94 -9.33
C PRO A 49 28.06 -21.65 -10.64
N SER A 50 27.45 -22.82 -10.87
CA SER A 50 27.56 -23.50 -12.15
C SER A 50 26.54 -22.97 -13.14
N PRO A 51 26.89 -22.75 -14.44
CA PRO A 51 28.20 -22.91 -15.08
C PRO A 51 29.15 -21.77 -14.71
N GLN A 52 30.45 -22.02 -14.75
CA GLN A 52 31.44 -21.03 -14.35
C GLN A 52 31.83 -20.18 -15.56
N GLU A 53 32.88 -19.39 -15.43
CA GLU A 53 33.24 -18.43 -16.46
C GLU A 53 33.71 -19.13 -17.73
N LEU A 54 33.53 -18.44 -18.85
CA LEU A 54 34.04 -18.86 -20.16
C LEU A 54 34.81 -17.70 -20.76
N VAL A 55 35.94 -18.00 -21.39
CA VAL A 55 36.79 -17.00 -22.03
C VAL A 55 36.64 -17.14 -23.54
N LEU A 56 36.37 -16.01 -24.20
CA LEU A 56 36.20 -15.97 -25.65
C LEU A 56 37.55 -15.66 -26.28
N GLY A 57 37.95 -16.47 -27.27
CA GLY A 57 39.33 -16.55 -27.67
C GLY A 57 39.84 -15.47 -28.60
N ASN A 58 38.93 -14.80 -29.34
CA ASN A 58 39.38 -13.94 -30.44
C ASN A 58 38.60 -12.62 -30.54
N VAL A 59 37.95 -12.17 -29.48
CA VAL A 59 37.04 -11.02 -29.53
C VAL A 59 37.60 -9.89 -28.68
N THR A 60 37.36 -8.67 -29.14
CA THR A 60 37.73 -7.44 -28.44
C THR A 60 36.52 -6.51 -28.43
N GLU A 61 36.33 -5.82 -27.31
CA GLU A 61 35.13 -4.99 -27.14
C GLU A 61 35.45 -3.76 -26.29
N ASN A 62 34.71 -2.69 -26.57
CA ASN A 62 34.81 -1.46 -25.79
C ASN A 62 34.08 -1.62 -24.46
N PHE A 63 34.75 -1.25 -23.37
CA PHE A 63 34.15 -1.16 -22.05
C PHE A 63 34.21 0.29 -21.58
N ASN A 64 33.08 0.80 -21.10
CA ASN A 64 32.97 2.20 -20.65
C ASN A 64 32.32 2.18 -19.27
N MET A 65 33.13 2.41 -18.23
CA MET A 65 32.64 2.30 -16.86
C MET A 65 31.68 3.44 -16.51
N TRP A 66 31.98 4.68 -16.91
CA TRP A 66 31.17 5.81 -16.47
C TRP A 66 29.85 5.92 -17.22
N LYS A 67 29.72 5.28 -18.37
CA LYS A 67 28.44 5.21 -19.08
C LYS A 67 27.64 3.96 -18.75
N ASN A 68 28.12 3.13 -17.83
CA ASN A 68 27.46 1.86 -17.51
C ASN A 68 26.15 2.13 -16.79
N ASP A 69 25.04 1.69 -17.37
CA ASP A 69 23.74 1.83 -16.73
C ASP A 69 23.55 0.83 -15.59
N MET A 70 24.45 -0.15 -15.44
CA MET A 70 24.30 -1.15 -14.40
C MET A 70 24.33 -0.51 -13.01
N VAL A 71 25.25 0.42 -12.79
CA VAL A 71 25.28 1.13 -11.51
C VAL A 71 24.04 2.02 -11.35
N ASP A 72 23.56 2.59 -12.47
CA ASP A 72 22.35 3.40 -12.41
C ASP A 72 21.14 2.57 -11.97
N GLN A 73 21.12 1.28 -12.30
CA GLN A 73 20.06 0.41 -11.81
C GLN A 73 20.34 -0.07 -10.40
N MET A 74 21.61 -0.26 -10.05
CA MET A 74 22.00 -0.56 -8.68
C MET A 74 21.48 0.51 -7.71
N HIS A 75 21.61 1.77 -8.12
CA HIS A 75 21.15 2.89 -7.28
C HIS A 75 19.65 2.79 -7.01
N GLU A 76 18.86 2.61 -8.08
CA GLU A 76 17.41 2.51 -7.91
C GLU A 76 17.05 1.28 -7.09
N ASP A 77 17.75 0.17 -7.32
CA ASP A 77 17.46 -1.06 -6.57
C ASP A 77 17.65 -0.84 -5.07
N ILE A 78 18.80 -0.31 -4.68
CA ILE A 78 19.06 -0.12 -3.26
C ILE A 78 18.11 0.93 -2.67
N ILE A 79 17.78 1.96 -3.45
CA ILE A 79 16.89 3.01 -2.94
C ILE A 79 15.52 2.43 -2.64
N SER A 80 14.93 1.72 -3.62
CA SER A 80 13.61 1.14 -3.41
C SER A 80 13.66 0.04 -2.36
N LEU A 81 14.79 -0.64 -2.23
CA LEU A 81 14.90 -1.77 -1.31
C LEU A 81 15.05 -1.31 0.13
N TRP A 82 15.71 -0.17 0.36
CA TRP A 82 15.74 0.41 1.70
C TRP A 82 14.42 1.11 2.01
N ASP A 83 13.79 1.72 1.02
CA ASP A 83 12.50 2.36 1.24
C ASP A 83 11.45 1.34 1.65
N GLN A 84 11.51 0.14 1.07
CA GLN A 84 10.54 -0.91 1.38
C GLN A 84 10.61 -1.33 2.84
N SER A 85 11.84 -1.44 3.38
CA SER A 85 12.02 -2.03 4.70
C SER A 85 11.41 -1.16 5.81
N LEU A 86 11.41 0.17 5.64
CA LEU A 86 10.97 1.08 6.69
C LEU A 86 9.47 1.38 6.62
N LYS A 87 8.69 0.53 5.94
CA LYS A 87 7.23 0.73 5.96
C LYS A 87 6.62 0.26 7.28
N PRO A 88 6.76 -1.01 7.69
CA PRO A 88 6.05 -1.45 8.91
C PRO A 88 6.59 -0.86 10.20
N CYS A 89 7.86 -0.45 10.23
CA CYS A 89 8.47 0.01 11.47
C CYS A 89 7.78 1.28 11.97
N VAL A 90 7.80 1.46 13.30
CA VAL A 90 7.09 2.54 13.96
C VAL A 90 7.61 3.89 13.47
N LYS A 91 6.71 4.76 13.01
CA LYS A 91 7.09 6.05 12.44
C LYS A 91 7.10 7.18 13.47
N LEU A 92 7.69 6.94 14.65
CA LEU A 92 7.81 7.88 15.77
C LEU A 92 6.59 8.81 15.87
N THR A 93 6.81 10.14 16.03
CA THR A 93 5.89 11.28 15.89
C THR A 93 5.44 11.83 17.25
N PRO A 94 5.11 11.01 18.28
CA PRO A 94 4.89 11.60 19.60
C PRO A 94 6.14 12.18 20.26
N LEU A 95 7.31 11.96 19.67
CA LEU A 95 8.56 12.49 20.21
C LEU A 95 8.85 13.92 19.76
N CYS A 96 8.01 14.51 18.91
CA CYS A 96 8.12 15.93 18.55
C CYS A 96 7.48 16.77 19.65
N VAL A 97 8.18 16.85 20.78
CA VAL A 97 7.72 17.57 21.97
C VAL A 97 8.89 18.36 22.56
N THR A 98 8.55 19.21 23.53
CA THR A 98 9.54 20.06 24.19
C THR A 98 10.34 19.22 25.16
N LEU A 99 11.58 18.90 24.77
CA LEU A 99 12.47 18.11 25.62
C LEU A 99 13.21 19.03 26.58
N ILE A 100 13.12 18.74 27.87
CA ILE A 100 13.79 19.49 28.91
C ILE A 100 15.01 18.68 29.35
N CYS A 101 16.19 19.30 29.28
CA CYS A 101 17.46 18.60 29.41
C CYS A 101 18.34 19.27 30.45
N SER A 102 19.28 18.49 30.99
CA SER A 102 20.16 18.92 32.07
C SER A 102 21.59 19.07 31.56
N ASN A 103 22.41 19.79 32.34
CA ASN A 103 23.68 20.28 31.83
C ASN A 103 24.75 19.18 31.75
N ALA A 104 24.81 18.30 32.75
CA ALA A 104 25.90 17.32 32.90
C ALA A 104 27.23 18.03 33.15
N THR A 105 28.31 17.26 33.30
CA THR A 105 29.59 17.82 33.73
C THR A 105 30.71 16.88 33.30
N VAL A 106 31.54 17.32 32.35
CA VAL A 106 32.75 16.58 31.98
C VAL A 106 33.97 17.49 31.99
N LYS A 107 33.79 18.77 31.67
CA LYS A 107 34.79 19.82 31.88
C LYS A 107 36.10 19.66 31.11
N ASN A 108 36.25 18.61 30.28
CA ASN A 108 37.52 18.38 29.59
C ASN A 108 37.47 18.83 28.14
N GLY A 109 36.42 18.45 27.40
CA GLY A 109 36.33 18.71 25.98
C GLY A 109 36.94 17.63 25.11
N THR A 110 37.76 16.74 25.67
CA THR A 110 38.28 15.62 24.89
C THR A 110 37.22 14.55 24.67
N VAL A 111 36.20 14.48 25.53
CA VAL A 111 35.13 13.49 25.44
C VAL A 111 33.81 14.22 25.65
N GLU A 112 32.72 13.63 25.15
CA GLU A 112 31.52 14.39 24.83
C GLU A 112 30.44 14.45 25.92
N GLU A 113 30.23 13.35 26.66
CA GLU A 113 28.96 13.05 27.35
C GLU A 113 27.84 12.82 26.34
N MET A 114 26.69 12.40 26.83
CA MET A 114 25.43 12.42 26.10
C MET A 114 24.42 13.20 26.91
N LYS A 115 23.68 14.09 26.24
CA LYS A 115 22.77 14.97 26.95
C LYS A 115 21.60 14.18 27.52
N ASN A 116 21.29 14.43 28.78
CA ASN A 116 20.17 13.79 29.47
C ASN A 116 18.93 14.65 29.28
N CYS A 117 17.98 14.16 28.49
CA CYS A 117 16.76 14.88 28.14
C CYS A 117 15.54 14.12 28.64
N SER A 118 14.52 14.87 29.05
CA SER A 118 13.28 14.32 29.59
C SER A 118 12.10 14.91 28.85
N PHE A 119 11.03 14.12 28.75
CA PHE A 119 9.90 14.47 27.92
C PHE A 119 8.65 13.76 28.44
N ASN A 120 7.50 14.41 28.24
CA ASN A 120 6.21 13.86 28.65
C ASN A 120 5.68 12.96 27.53
N THR A 121 5.32 11.72 27.88
CA THR A 121 5.01 10.68 26.92
C THR A 121 3.52 10.37 26.92
N THR A 122 2.94 10.30 25.73
CA THR A 122 1.61 9.73 25.56
C THR A 122 1.69 8.22 25.76
N THR A 123 1.22 7.73 26.89
CA THR A 123 1.35 6.31 27.22
C THR A 123 0.49 5.46 26.29
N GLU A 124 0.56 4.15 26.49
CA GLU A 124 -0.14 3.22 25.61
C GLU A 124 -1.66 3.26 25.82
N ILE A 125 -2.12 3.91 26.89
CA ILE A 125 -3.55 4.17 27.12
C ILE A 125 -3.80 5.64 26.83
N ARG A 126 -3.02 6.21 25.89
CA ARG A 126 -3.17 7.57 25.40
C ARG A 126 -3.15 8.63 26.51
N ASP A 127 -4.33 9.08 26.96
CA ASP A 127 -4.42 10.35 27.68
C ASP A 127 -4.14 10.23 29.18
N LYS A 128 -3.02 9.59 29.55
CA LYS A 128 -2.57 9.54 30.93
C LYS A 128 -1.04 9.59 30.90
N GLU A 129 -0.50 10.81 30.86
CA GLU A 129 0.91 10.97 30.53
C GLU A 129 1.80 10.61 31.71
N LYS A 130 3.06 10.30 31.38
CA LYS A 130 4.10 10.07 32.38
C LYS A 130 5.41 10.59 31.82
N LYS A 131 6.15 11.33 32.64
CA LYS A 131 7.43 11.86 32.22
C LYS A 131 8.45 10.73 32.08
N GLU A 132 9.30 10.84 31.06
CA GLU A 132 10.29 9.81 30.74
C GLU A 132 11.54 10.50 30.22
N TYR A 133 12.69 9.84 30.43
CA TYR A 133 13.99 10.40 30.07
C TYR A 133 14.77 9.39 29.26
N ALA A 134 15.66 9.91 28.41
CA ALA A 134 16.55 9.10 27.60
C ALA A 134 17.79 9.92 27.25
N LEU A 135 18.89 9.21 27.00
CA LEU A 135 20.13 9.86 26.57
C LEU A 135 20.12 10.03 25.06
N PHE A 136 20.50 11.22 24.60
CA PHE A 136 20.59 11.54 23.18
C PHE A 136 21.98 12.07 22.86
N TYR A 137 22.56 11.57 21.77
CA TYR A 137 23.79 12.16 21.26
C TYR A 137 23.53 13.59 20.83
N LYS A 138 24.46 14.49 21.17
CA LYS A 138 24.27 15.92 20.94
C LYS A 138 23.96 16.30 19.49
N PRO A 139 24.58 15.70 18.46
CA PRO A 139 24.22 16.08 17.08
C PRO A 139 22.76 15.86 16.73
N ASP A 140 22.03 15.02 17.47
CA ASP A 140 20.65 14.70 17.19
C ASP A 140 19.66 15.59 17.93
N ILE A 141 20.12 16.60 18.67
CA ILE A 141 19.27 17.48 19.45
C ILE A 141 19.67 18.92 19.19
N VAL A 142 18.66 19.80 19.14
CA VAL A 142 18.84 21.21 18.81
C VAL A 142 18.05 22.02 19.85
N PRO A 143 18.49 23.23 20.23
CA PRO A 143 17.63 24.06 21.08
C PRO A 143 16.34 24.47 20.37
N LEU A 144 15.27 24.60 21.15
CA LEU A 144 13.94 24.77 20.55
C LEU A 144 13.75 26.16 19.97
N SER A 145 14.29 27.19 20.61
CA SER A 145 13.94 28.55 20.25
C SER A 145 15.10 29.49 20.54
N GLU A 146 15.03 30.68 19.93
CA GLU A 146 16.03 31.72 20.14
C GLU A 146 15.97 32.34 21.53
N THR A 147 14.93 32.05 22.31
CA THR A 147 14.81 32.62 23.65
C THR A 147 15.98 32.18 24.53
N ASN A 148 16.11 32.86 25.67
CA ASN A 148 17.23 32.64 26.57
C ASN A 148 17.16 31.31 27.32
N ASN A 149 16.05 30.58 27.23
CA ASN A 149 15.94 29.29 27.92
C ASN A 149 16.93 28.32 27.32
N THR A 150 17.96 27.99 28.10
CA THR A 150 18.97 27.01 27.69
C THR A 150 18.58 25.58 28.04
N SER A 151 17.35 25.34 28.49
CA SER A 151 16.92 24.04 28.99
C SER A 151 15.71 23.48 28.27
N GLU A 152 15.43 23.93 27.04
CA GLU A 152 14.32 23.42 26.24
C GLU A 152 14.87 23.09 24.86
N TYR A 153 14.71 21.84 24.44
CA TYR A 153 15.36 21.32 23.25
C TYR A 153 14.36 20.59 22.37
N ARG A 154 14.72 20.45 21.09
CA ARG A 154 13.92 19.77 20.08
C ARG A 154 14.80 18.82 19.29
N LEU A 155 14.23 17.71 18.85
CA LEU A 155 14.94 16.82 17.93
C LEU A 155 15.19 17.53 16.61
N ILE A 156 16.21 17.06 15.88
CA ILE A 156 16.54 17.61 14.57
C ILE A 156 15.44 17.30 13.57
N ASN A 157 14.56 16.35 13.89
CA ASN A 157 13.36 16.11 13.13
C ASN A 157 12.35 17.21 13.47
N CYS A 158 11.10 17.07 12.99
CA CYS A 158 9.98 17.93 13.33
C CYS A 158 10.06 19.31 12.68
N ASN A 159 11.16 19.61 11.98
CA ASN A 159 11.27 20.86 11.23
C ASN A 159 11.23 20.56 9.74
N THR A 160 11.83 19.45 9.34
CA THR A 160 11.97 19.07 7.93
C THR A 160 11.08 17.91 7.52
N SER A 161 10.99 16.85 8.33
CA SER A 161 10.25 15.66 7.91
C SER A 161 9.91 14.83 9.14
N ALA A 162 8.88 13.99 8.99
CA ALA A 162 8.62 12.93 9.96
C ALA A 162 9.57 11.77 9.71
N CYS A 163 9.87 11.05 10.79
CA CYS A 163 10.98 10.11 10.80
C CYS A 163 10.56 8.81 11.49
N THR A 164 11.29 7.73 11.18
CA THR A 164 10.88 6.37 11.54
C THR A 164 12.04 5.60 12.15
N GLN A 165 11.72 4.79 13.16
CA GLN A 165 12.72 3.91 13.77
C GLN A 165 13.02 2.74 12.86
N ALA A 166 14.29 2.33 12.83
CA ALA A 166 14.66 1.11 12.14
C ALA A 166 14.32 -0.09 13.02
N CYS A 167 13.68 -1.10 12.43
CA CYS A 167 13.22 -2.24 13.20
C CYS A 167 14.41 -3.01 13.77
N PRO A 168 14.24 -3.70 14.90
CA PRO A 168 15.37 -4.45 15.46
C PRO A 168 15.58 -5.80 14.78
N LYS A 169 14.60 -6.30 14.05
CA LYS A 169 14.69 -7.59 13.37
C LYS A 169 15.20 -7.47 11.92
N VAL A 170 15.80 -6.34 11.56
CA VAL A 170 16.46 -6.16 10.27
C VAL A 170 17.83 -5.56 10.53
N THR A 171 18.83 -6.10 9.84
CA THR A 171 20.23 -5.75 10.07
C THR A 171 20.79 -5.00 8.87
N PHE A 172 21.80 -4.17 9.14
CA PHE A 172 22.44 -3.34 8.13
C PHE A 172 23.62 -4.01 7.46
N GLU A 173 24.00 -5.21 7.88
CA GLU A 173 25.23 -5.83 7.38
C GLU A 173 25.09 -6.16 5.90
N PRO A 174 26.11 -5.90 5.06
CA PRO A 174 25.95 -6.16 3.62
C PRO A 174 26.16 -7.62 3.25
N ILE A 175 25.08 -8.31 2.90
CA ILE A 175 25.21 -9.65 2.31
C ILE A 175 25.62 -9.51 0.85
N PRO A 176 26.57 -10.29 0.34
CA PRO A 176 26.97 -10.12 -1.07
C PRO A 176 25.81 -10.36 -2.03
N ILE A 177 25.77 -9.54 -3.08
CA ILE A 177 24.69 -9.55 -4.07
C ILE A 177 25.31 -9.87 -5.43
N HIS A 178 24.71 -10.83 -6.14
CA HIS A 178 25.14 -11.20 -7.49
C HIS A 178 24.06 -10.75 -8.47
N TYR A 179 24.45 -9.90 -9.42
CA TYR A 179 23.54 -9.49 -10.48
C TYR A 179 23.63 -10.47 -11.66
N CYS A 180 22.48 -11.06 -12.00
CA CYS A 180 22.39 -12.07 -13.05
C CYS A 180 21.62 -11.49 -14.23
N ALA A 181 21.88 -12.03 -15.42
CA ALA A 181 21.25 -11.53 -16.63
C ALA A 181 19.95 -12.29 -16.92
N PRO A 182 18.98 -11.70 -17.62
CA PRO A 182 17.81 -12.48 -18.05
C PRO A 182 18.10 -13.23 -19.34
N ALA A 183 17.08 -13.94 -19.81
CA ALA A 183 17.19 -14.71 -21.04
C ALA A 183 17.43 -13.79 -22.23
N GLY A 184 18.22 -14.29 -23.18
CA GLY A 184 18.53 -13.54 -24.37
C GLY A 184 19.63 -12.50 -24.22
N TYR A 185 20.19 -12.36 -23.01
CA TYR A 185 21.27 -11.43 -22.73
C TYR A 185 22.43 -12.17 -22.11
N ALA A 186 23.60 -11.52 -22.12
CA ALA A 186 24.80 -12.05 -21.49
C ALA A 186 25.57 -10.90 -20.86
N ILE A 187 26.45 -11.25 -19.91
CA ILE A 187 27.32 -10.29 -19.24
C ILE A 187 28.75 -10.58 -19.67
N LEU A 188 29.44 -9.56 -20.16
CA LEU A 188 30.82 -9.68 -20.61
C LEU A 188 31.76 -9.16 -19.53
N LYS A 189 32.72 -9.98 -19.16
CA LYS A 189 33.69 -9.67 -18.11
C LYS A 189 35.03 -9.34 -18.76
N CYS A 190 35.54 -8.14 -18.50
CA CYS A 190 36.87 -7.77 -18.98
C CYS A 190 37.93 -8.45 -18.13
N ASN A 191 38.67 -9.39 -18.72
CA ASN A 191 39.68 -10.15 -18.01
C ASN A 191 41.03 -9.45 -17.95
N ASP A 192 41.20 -8.33 -18.65
CA ASP A 192 42.46 -7.58 -18.62
C ASP A 192 42.66 -7.02 -17.22
N GLU A 193 43.72 -7.47 -16.55
CA GLU A 193 43.92 -7.14 -15.15
C GLU A 193 44.50 -5.74 -14.92
N THR A 194 44.85 -5.01 -15.98
CA THR A 194 45.35 -3.64 -15.88
C THR A 194 44.45 -2.63 -16.59
N PHE A 195 43.18 -2.95 -16.77
CA PHE A 195 42.29 -2.08 -17.54
C PHE A 195 41.98 -0.80 -16.77
N ASN A 196 42.04 0.34 -17.46
CA ASN A 196 41.93 1.63 -16.78
C ASN A 196 40.47 2.06 -16.59
N GLY A 197 39.58 1.69 -17.52
CA GLY A 197 38.17 1.96 -17.36
C GLY A 197 37.40 2.34 -18.61
N THR A 198 38.09 2.89 -19.62
CA THR A 198 37.44 3.33 -20.85
C THR A 198 38.35 2.97 -22.02
N GLY A 199 37.98 1.91 -22.76
CA GLY A 199 38.72 1.51 -23.93
C GLY A 199 38.46 0.07 -24.33
N PRO A 200 39.10 -0.39 -25.40
CA PRO A 200 38.88 -1.77 -25.87
C PRO A 200 39.56 -2.81 -25.01
N CYS A 201 38.76 -3.70 -24.42
CA CYS A 201 39.28 -4.84 -23.64
C CYS A 201 39.67 -5.94 -24.62
N SER A 202 40.97 -6.22 -24.72
CA SER A 202 41.46 -7.22 -25.65
C SER A 202 41.39 -8.65 -25.10
N ASN A 203 40.72 -8.85 -23.97
CA ASN A 203 40.51 -10.19 -23.41
C ASN A 203 39.15 -10.15 -22.72
N VAL A 204 38.11 -10.63 -23.41
CA VAL A 204 36.73 -10.53 -22.96
C VAL A 204 36.22 -11.92 -22.62
N SER A 205 35.74 -12.09 -21.39
CA SER A 205 35.09 -13.30 -20.93
C SER A 205 33.59 -13.09 -20.83
N THR A 206 32.88 -14.17 -20.50
CA THR A 206 31.44 -14.10 -20.24
C THR A 206 31.12 -15.04 -19.09
N VAL A 207 30.20 -14.59 -18.22
CA VAL A 207 29.87 -15.29 -16.98
C VAL A 207 28.35 -15.31 -16.84
N GLN A 208 27.84 -16.35 -16.17
CA GLN A 208 26.41 -16.44 -15.91
C GLN A 208 25.93 -15.29 -15.04
N CYS A 209 26.65 -15.01 -13.95
CA CYS A 209 26.32 -13.91 -13.06
C CYS A 209 27.58 -13.22 -12.58
N THR A 210 27.44 -11.96 -12.19
CA THR A 210 28.54 -11.20 -11.63
C THR A 210 28.91 -11.74 -10.25
N HIS A 211 30.16 -11.52 -9.86
CA HIS A 211 30.62 -11.90 -8.54
C HIS A 211 29.97 -11.00 -7.48
N GLY A 212 30.00 -11.46 -6.24
CA GLY A 212 29.33 -10.80 -5.14
C GLY A 212 29.78 -9.37 -4.90
N ILE A 213 28.81 -8.47 -4.70
CA ILE A 213 29.07 -7.08 -4.40
C ILE A 213 28.63 -6.82 -2.97
N ARG A 214 29.50 -6.18 -2.18
CA ARG A 214 29.15 -5.76 -0.83
C ARG A 214 28.52 -4.37 -0.93
N PRO A 215 27.20 -4.19 -0.68
CA PRO A 215 26.66 -2.83 -0.68
C PRO A 215 27.00 -2.07 0.60
N VAL A 216 28.29 -1.75 0.76
CA VAL A 216 28.77 -1.06 1.95
C VAL A 216 28.76 0.43 1.64
N VAL A 217 28.04 1.19 2.48
CA VAL A 217 27.93 2.64 2.29
C VAL A 217 29.07 3.31 3.04
N SER A 218 29.91 4.04 2.30
CA SER A 218 31.03 4.77 2.90
C SER A 218 31.34 5.95 2.00
N THR A 219 31.79 7.04 2.64
CA THR A 219 31.92 8.32 1.95
C THR A 219 33.31 8.56 1.40
N GLN A 220 34.32 8.59 2.26
CA GLN A 220 35.67 8.96 1.80
C GLN A 220 36.45 7.74 1.32
N LEU A 221 36.47 6.68 2.11
CA LEU A 221 37.23 5.48 1.82
C LEU A 221 36.31 4.36 1.37
N LEU A 222 36.85 3.44 0.60
CA LEU A 222 36.13 2.25 0.13
C LEU A 222 36.52 1.07 1.01
N LEU A 223 35.61 0.67 1.89
CA LEU A 223 35.84 -0.44 2.81
C LEU A 223 35.60 -1.75 2.05
N ASN A 224 35.53 -2.88 2.77
CA ASN A 224 35.62 -4.26 2.25
C ASN A 224 35.10 -4.41 0.82
N GLY A 225 35.99 -4.85 -0.07
CA GLY A 225 35.65 -4.92 -1.48
C GLY A 225 36.78 -5.52 -2.27
N SER A 226 36.70 -5.33 -3.58
CA SER A 226 37.67 -5.94 -4.49
C SER A 226 39.01 -5.23 -4.41
N LEU A 227 40.09 -5.99 -4.62
CA LEU A 227 41.45 -5.50 -4.62
C LEU A 227 42.03 -5.57 -6.02
N ALA A 228 42.90 -4.61 -6.36
CA ALA A 228 43.54 -4.61 -7.66
C ALA A 228 44.41 -5.85 -7.81
N GLU A 229 44.46 -6.38 -9.03
CA GLU A 229 45.15 -7.65 -9.26
C GLU A 229 46.66 -7.53 -9.12
N LYS A 230 47.26 -6.48 -9.70
CA LYS A 230 48.71 -6.37 -9.80
C LYS A 230 49.27 -5.09 -9.18
N GLU A 231 48.59 -3.97 -9.39
CA GLU A 231 49.13 -2.68 -8.94
C GLU A 231 47.98 -1.70 -8.70
N ILE A 232 48.33 -0.57 -8.10
CA ILE A 232 47.35 0.49 -7.86
C ILE A 232 47.01 1.14 -9.20
N VAL A 233 45.72 1.22 -9.50
CA VAL A 233 45.22 1.80 -10.74
C VAL A 233 44.22 2.90 -10.37
N ILE A 234 44.29 4.00 -11.12
CA ILE A 234 43.48 5.19 -10.88
C ILE A 234 42.58 5.42 -12.09
N ARG A 235 41.39 5.98 -11.83
CA ARG A 235 40.35 6.11 -12.84
C ARG A 235 39.68 7.47 -12.68
N SER A 236 39.53 8.19 -13.79
CA SER A 236 38.86 9.48 -13.80
C SER A 236 38.51 9.86 -15.23
N GLU A 237 37.39 10.56 -15.38
CA GLU A 237 36.93 10.94 -16.71
C GLU A 237 37.83 11.99 -17.35
N ASN A 238 38.13 13.06 -16.60
CA ASN A 238 38.87 14.19 -17.17
C ASN A 238 39.66 14.82 -16.02
N LEU A 239 40.95 14.46 -15.94
CA LEU A 239 41.79 14.99 -14.87
C LEU A 239 42.16 16.45 -15.09
N THR A 240 42.07 16.96 -16.32
CA THR A 240 42.36 18.37 -16.55
C THR A 240 41.35 19.27 -15.86
N ASN A 241 40.06 18.92 -15.94
CA ASN A 241 39.02 19.61 -15.18
C ASN A 241 38.91 18.88 -13.84
N ASN A 242 39.39 19.53 -12.79
CA ASN A 242 39.58 18.86 -11.51
C ASN A 242 38.28 18.47 -10.83
N ALA A 243 37.14 19.03 -11.27
CA ALA A 243 35.88 18.80 -10.56
C ALA A 243 35.42 17.35 -10.60
N LYS A 244 35.92 16.55 -11.53
CA LYS A 244 35.49 15.16 -11.63
C LYS A 244 36.16 14.31 -10.55
N ILE A 245 35.38 13.37 -9.99
CA ILE A 245 35.90 12.51 -8.93
C ILE A 245 36.94 11.56 -9.52
N ILE A 246 37.95 11.24 -8.72
CA ILE A 246 38.97 10.25 -9.06
C ILE A 246 38.74 9.03 -8.17
N ILE A 247 38.80 7.85 -8.77
CA ILE A 247 38.71 6.58 -8.05
C ILE A 247 40.10 5.96 -8.02
N VAL A 248 40.64 5.77 -6.82
CA VAL A 248 41.89 5.06 -6.60
C VAL A 248 41.56 3.67 -6.12
N HIS A 249 42.19 2.66 -6.72
CA HIS A 249 41.89 1.25 -6.47
C HIS A 249 43.16 0.59 -5.95
N LEU A 250 43.12 0.10 -4.73
CA LEU A 250 44.31 -0.39 -4.04
C LEU A 250 44.57 -1.86 -4.34
N HIS A 251 45.86 -2.21 -4.42
CA HIS A 251 46.26 -3.60 -4.57
C HIS A 251 46.52 -4.25 -3.21
N THR A 252 47.22 -3.54 -2.33
CA THR A 252 47.48 -4.01 -0.97
C THR A 252 46.51 -3.33 -0.02
N PRO A 253 45.69 -4.06 0.74
CA PRO A 253 44.74 -3.37 1.63
C PRO A 253 45.42 -2.73 2.82
N VAL A 254 44.77 -1.71 3.36
CA VAL A 254 45.16 -1.06 4.60
C VAL A 254 44.13 -1.42 5.66
N GLU A 255 44.59 -2.00 6.77
CA GLU A 255 43.68 -2.48 7.81
C GLU A 255 43.26 -1.32 8.70
N ILE A 256 41.97 -1.30 9.06
CA ILE A 256 41.38 -0.28 9.91
C ILE A 256 40.50 -0.96 10.94
N VAL A 257 40.56 -0.48 12.18
CA VAL A 257 39.73 -0.99 13.28
C VAL A 257 39.19 0.21 14.04
N CYS A 258 37.88 0.19 14.31
CA CYS A 258 37.22 1.24 15.09
C CYS A 258 36.42 0.61 16.21
N THR A 259 36.27 1.36 17.30
CA THR A 259 35.57 0.88 18.50
C THR A 259 34.80 2.02 19.13
N ARG A 260 33.76 1.64 19.88
CA ARG A 260 33.07 2.55 20.79
C ARG A 260 33.25 2.00 22.20
N PRO A 261 34.21 2.49 23.01
CA PRO A 261 34.43 1.87 24.33
C PRO A 261 33.30 2.09 25.33
N ASN A 262 32.35 2.98 25.04
CA ASN A 262 31.25 3.22 25.99
C ASN A 262 30.35 2.01 26.05
N ASN A 263 30.04 1.57 27.27
CA ASN A 263 29.18 0.41 27.51
C ASN A 263 27.75 0.91 27.71
N ASN A 264 27.09 1.19 26.60
CA ASN A 264 25.72 1.70 26.62
C ASN A 264 24.75 0.60 27.05
N THR A 265 23.61 1.03 27.60
CA THR A 265 22.54 0.14 28.01
C THR A 265 21.22 0.69 27.50
N ARG A 266 20.33 -0.21 27.06
CA ARG A 266 19.13 0.19 26.35
C ARG A 266 18.00 0.52 27.32
N LYS A 267 16.98 1.18 26.78
CA LYS A 267 15.79 1.57 27.53
C LYS A 267 14.61 1.54 26.56
N SER A 268 13.42 1.28 27.11
CA SER A 268 12.21 1.13 26.31
C SER A 268 11.19 2.17 26.74
N VAL A 269 10.48 2.71 25.74
CA VAL A 269 9.44 3.72 25.95
C VAL A 269 8.26 3.37 25.07
N ARG A 270 7.04 3.51 25.61
CA ARG A 270 5.84 3.21 24.85
C ARG A 270 5.44 4.42 24.01
N ILE A 271 5.07 4.16 22.76
CA ILE A 271 4.65 5.20 21.83
C ILE A 271 3.29 4.83 21.28
N GLY A 272 2.22 5.26 21.95
CA GLY A 272 0.90 4.84 21.57
C GLY A 272 0.67 3.37 21.89
N PRO A 273 -0.37 2.77 21.34
CA PRO A 273 -0.72 1.39 21.71
C PRO A 273 0.15 0.36 21.00
N GLY A 274 0.74 -0.54 21.78
CA GLY A 274 1.30 -1.78 21.25
C GLY A 274 2.62 -1.67 20.53
N GLN A 275 3.33 -0.54 20.62
CA GLN A 275 4.60 -0.36 19.94
C GLN A 275 5.56 0.39 20.86
N THR A 276 6.85 0.13 20.67
CA THR A 276 7.90 0.57 21.58
C THR A 276 8.94 1.38 20.84
N PHE A 277 9.58 2.31 21.56
CA PHE A 277 10.68 3.11 21.05
C PHE A 277 11.90 2.87 21.94
N TYR A 278 12.89 2.18 21.38
CA TYR A 278 14.10 1.85 22.13
C TYR A 278 15.01 3.06 22.21
N ALA A 279 15.68 3.21 23.36
CA ALA A 279 16.55 4.35 23.61
C ALA A 279 17.67 3.95 24.55
N THR A 280 18.65 4.83 24.69
CA THR A 280 19.76 4.64 25.62
C THR A 280 19.38 5.21 26.97
N GLY A 281 19.62 4.42 28.03
CA GLY A 281 19.18 4.78 29.37
C GLY A 281 20.31 4.93 30.38
N ASP A 282 21.46 4.34 30.11
CA ASP A 282 22.56 4.36 31.07
C ASP A 282 23.87 4.14 30.32
N ILE A 283 24.95 4.59 30.94
CA ILE A 283 26.32 4.40 30.44
C ILE A 283 27.09 3.78 31.59
N ILE A 284 27.33 2.48 31.52
CA ILE A 284 28.01 1.77 32.60
C ILE A 284 29.51 1.99 32.46
N GLY A 285 30.14 2.43 33.54
CA GLY A 285 31.58 2.67 33.54
C GLY A 285 31.93 4.09 33.14
N ASP A 286 33.20 4.28 32.84
CA ASP A 286 33.75 5.59 32.50
C ASP A 286 33.51 5.91 31.03
N ILE A 287 33.11 7.15 30.77
CA ILE A 287 32.86 7.59 29.40
C ILE A 287 34.19 7.77 28.67
N LYS A 288 34.26 7.30 27.43
CA LYS A 288 35.50 7.31 26.66
C LYS A 288 35.19 7.63 25.20
N GLN A 289 36.27 7.89 24.45
CA GLN A 289 36.17 8.45 23.11
C GLN A 289 36.10 7.34 22.06
N ALA A 290 35.28 7.55 21.04
CA ALA A 290 35.24 6.64 19.90
C ALA A 290 36.30 7.02 18.88
N HIS A 291 36.85 6.02 18.20
CA HIS A 291 38.03 6.26 17.38
C HIS A 291 38.20 5.14 16.37
N CYS A 292 39.09 5.39 15.40
CA CYS A 292 39.56 4.39 14.45
C CYS A 292 41.08 4.40 14.43
N ASN A 293 41.67 3.21 14.35
CA ASN A 293 43.12 3.03 14.35
C ASN A 293 43.59 2.51 13.02
N ILE A 294 44.55 3.21 12.42
CA ILE A 294 45.22 2.80 11.19
C ILE A 294 46.72 2.77 11.48
N SER A 295 47.40 1.74 10.98
CA SER A 295 48.83 1.60 11.20
C SER A 295 49.57 2.58 10.32
N GLU A 296 50.43 3.41 10.93
CA GLU A 296 51.21 4.38 10.17
C GLU A 296 52.16 3.69 9.20
N GLU A 297 52.71 2.53 9.60
CA GLU A 297 53.67 1.80 8.77
C GLU A 297 53.07 1.40 7.42
N LYS A 298 51.77 1.15 7.36
CA LYS A 298 51.09 0.80 6.11
C LYS A 298 50.64 2.02 5.33
N TRP A 299 50.06 3.01 6.02
CA TRP A 299 49.54 4.20 5.34
C TRP A 299 50.65 5.01 4.70
N ASN A 300 51.79 5.15 5.38
CA ASN A 300 52.91 5.92 4.84
C ASN A 300 53.43 5.31 3.56
N ASP A 301 53.57 3.97 3.54
CA ASP A 301 53.94 3.28 2.31
C ASP A 301 52.88 3.44 1.23
N THR A 302 51.62 3.25 1.61
CA THR A 302 50.53 3.19 0.65
C THR A 302 50.34 4.50 -0.08
N LEU A 303 50.47 5.62 0.63
CA LEU A 303 50.16 6.89 -0.02
C LEU A 303 51.25 7.36 -0.98
N GLN A 304 52.51 7.00 -0.75
CA GLN A 304 53.53 7.22 -1.76
C GLN A 304 53.45 6.23 -2.91
N LYS A 305 53.01 4.99 -2.63
CA LYS A 305 52.68 4.07 -3.72
C LYS A 305 51.57 4.64 -4.59
N VAL A 306 50.60 5.29 -3.97
CA VAL A 306 49.54 5.98 -4.71
C VAL A 306 50.11 7.21 -5.42
N GLY A 307 51.12 7.83 -4.81
CA GLY A 307 51.73 9.00 -5.41
C GLY A 307 52.42 8.70 -6.73
N ILE A 308 53.12 7.56 -6.81
CA ILE A 308 53.79 7.24 -8.08
C ILE A 308 52.75 7.07 -9.19
N GLU A 309 51.61 6.47 -8.88
CA GLU A 309 50.55 6.33 -9.88
C GLU A 309 49.94 7.67 -10.24
N LEU A 310 49.76 8.54 -9.25
CA LEU A 310 49.18 9.85 -9.53
C LEU A 310 50.14 10.73 -10.31
N GLN A 311 51.44 10.44 -10.26
CA GLN A 311 52.44 11.25 -10.94
C GLN A 311 52.28 11.19 -12.46
N LYS A 312 51.73 10.09 -12.97
CA LYS A 312 51.83 9.82 -14.40
C LYS A 312 51.00 10.81 -15.22
N HIS A 313 49.78 11.10 -14.79
CA HIS A 313 48.92 12.07 -15.47
C HIS A 313 49.09 13.49 -14.93
N PHE A 314 49.95 13.69 -13.93
CA PHE A 314 50.43 15.03 -13.56
C PHE A 314 51.95 14.99 -13.45
N PRO A 315 52.66 14.66 -14.54
CA PRO A 315 54.11 14.48 -14.45
C PRO A 315 54.86 15.76 -14.15
N ASN A 316 54.29 16.92 -14.48
CA ASN A 316 55.01 18.18 -14.29
C ASN A 316 55.22 18.50 -12.81
N LYS A 317 54.36 17.98 -11.93
CA LYS A 317 54.28 18.44 -10.55
C LYS A 317 54.39 17.28 -9.57
N THR A 318 55.01 17.55 -8.43
CA THR A 318 54.98 16.63 -7.30
C THR A 318 53.63 16.72 -6.59
N ILE A 319 53.46 15.92 -5.54
CA ILE A 319 52.16 15.67 -4.94
C ILE A 319 52.22 15.94 -3.44
N LYS A 320 51.15 16.54 -2.92
CA LYS A 320 50.91 16.69 -1.49
C LYS A 320 49.44 16.37 -1.23
N TYR A 321 49.14 15.91 -0.01
CA TYR A 321 47.77 15.61 0.38
C TYR A 321 47.28 16.60 1.42
N ASN A 322 45.95 16.77 1.47
CA ASN A 322 45.37 17.88 2.22
C ASN A 322 43.97 17.53 2.70
N GLN A 323 43.48 18.36 3.63
CA GLN A 323 42.18 18.23 4.25
C GLN A 323 41.05 18.36 3.22
N SER A 324 39.86 17.87 3.57
CA SER A 324 38.70 18.00 2.69
C SER A 324 38.35 19.47 2.47
N ALA A 325 37.40 19.70 1.56
CA ALA A 325 37.03 21.05 1.19
C ALA A 325 36.37 21.83 2.33
N GLY A 326 35.85 21.14 3.34
CA GLY A 326 35.20 21.79 4.47
C GLY A 326 33.71 21.90 4.28
N GLY A 327 32.96 21.69 5.35
CA GLY A 327 31.51 21.76 5.28
C GLY A 327 30.88 21.00 6.42
N ASP A 328 29.64 20.58 6.18
CA ASP A 328 28.86 19.86 7.18
C ASP A 328 29.52 18.51 7.49
N MET A 329 29.23 17.99 8.70
CA MET A 329 29.73 16.70 9.15
C MET A 329 29.59 15.61 8.09
N GLU A 330 28.36 15.35 7.66
CA GLU A 330 28.09 14.28 6.70
C GLU A 330 28.74 14.51 5.35
N ILE A 331 29.18 15.75 5.06
CA ILE A 331 29.87 16.04 3.81
C ILE A 331 31.37 15.84 3.95
N THR A 332 31.95 16.27 5.08
CA THR A 332 33.40 16.32 5.20
C THR A 332 34.00 15.06 5.80
N THR A 333 33.30 14.43 6.74
CA THR A 333 33.90 13.33 7.49
C THR A 333 33.72 12.00 6.78
N HIS A 334 34.69 11.10 6.98
CA HIS A 334 34.52 9.71 6.61
C HIS A 334 33.46 9.09 7.50
N SER A 335 32.49 8.41 6.89
CA SER A 335 31.36 7.83 7.60
C SER A 335 31.14 6.39 7.16
N PHE A 336 30.56 5.60 8.06
CA PHE A 336 30.33 4.19 7.80
C PHE A 336 29.37 3.66 8.85
N ASN A 337 28.90 2.43 8.62
CA ASN A 337 28.07 1.70 9.56
C ASN A 337 28.92 0.64 10.25
N CYS A 338 28.57 0.34 11.50
CA CYS A 338 29.30 -0.66 12.27
C CYS A 338 28.38 -1.27 13.31
N GLY A 339 27.90 -2.48 13.06
CA GLY A 339 27.06 -3.18 14.00
C GLY A 339 25.67 -2.58 14.19
N GLY A 340 25.31 -1.56 13.41
CA GLY A 340 24.09 -0.79 13.60
C GLY A 340 24.32 0.66 13.93
N GLU A 341 25.47 1.00 14.51
CA GLU A 341 25.80 2.39 14.78
C GLU A 341 26.43 3.04 13.55
N PHE A 342 26.27 4.37 13.46
CA PHE A 342 26.81 5.15 12.36
C PHE A 342 27.90 6.07 12.90
N PHE A 343 29.10 5.97 12.30
CA PHE A 343 30.28 6.69 12.75
C PHE A 343 30.59 7.81 11.76
N TYR A 344 31.29 8.84 12.25
CA TYR A 344 31.72 9.97 11.42
C TYR A 344 33.08 10.42 11.92
N CYS A 345 34.13 10.12 11.16
CA CYS A 345 35.50 10.25 11.62
C CYS A 345 36.17 11.47 11.02
N ASN A 346 36.81 12.27 11.88
CA ASN A 346 37.64 13.39 11.42
C ASN A 346 38.96 12.84 10.89
N THR A 347 39.22 13.05 9.61
CA THR A 347 40.22 12.29 8.87
C THR A 347 41.45 13.14 8.54
N SER A 348 41.64 14.26 9.24
CA SER A 348 42.74 15.17 8.94
C SER A 348 44.10 14.52 9.18
N ASN A 349 44.17 13.59 10.13
CA ASN A 349 45.46 12.95 10.42
C ASN A 349 45.94 12.10 9.24
N LEU A 350 45.02 11.45 8.53
CA LEU A 350 45.42 10.56 7.45
C LEU A 350 46.00 11.32 6.27
N PHE A 351 45.24 12.26 5.71
CA PHE A 351 45.62 12.91 4.46
C PHE A 351 46.59 14.05 4.76
N ASN A 352 47.85 13.66 4.98
CA ASN A 352 48.91 14.58 5.33
C ASN A 352 50.23 13.95 4.89
N GLY A 353 51.11 14.78 4.33
CA GLY A 353 52.35 14.31 3.75
C GLY A 353 52.43 14.61 2.27
N THR A 354 53.54 14.19 1.67
CA THR A 354 53.84 14.55 0.29
C THR A 354 54.65 13.45 -0.37
N TYR A 355 54.82 13.59 -1.69
CA TYR A 355 55.64 12.69 -2.48
C TYR A 355 56.25 13.47 -3.64
N ASN A 356 57.54 13.25 -3.88
CA ASN A 356 58.28 13.91 -4.95
C ASN A 356 59.05 12.91 -5.82
N GLY A 357 58.47 11.75 -6.10
CA GLY A 357 59.20 10.72 -6.81
C GLY A 357 60.30 10.08 -6.00
N THR A 358 60.22 10.17 -4.67
CA THR A 358 61.29 9.75 -3.75
C THR A 358 60.68 8.79 -2.71
N TYR A 359 60.90 7.49 -2.93
CA TYR A 359 60.33 6.47 -2.06
C TYR A 359 61.13 6.38 -0.76
N ILE A 360 60.42 6.19 0.35
CA ILE A 360 61.01 6.05 1.69
C ILE A 360 60.75 4.64 2.17
N SER A 361 61.77 4.05 2.80
CA SER A 361 61.79 2.61 3.05
C SER A 361 60.78 2.19 4.13
N THR A 362 60.26 0.98 3.98
CA THR A 362 59.48 0.34 5.03
C THR A 362 60.31 -0.60 5.90
N ASN A 363 61.45 -1.07 5.39
CA ASN A 363 62.25 -2.10 6.03
C ASN A 363 63.47 -1.46 6.69
N SER A 364 63.72 -1.75 7.98
CA SER A 364 62.98 -2.53 8.97
C SER A 364 61.88 -1.67 9.58
N SER A 365 60.73 -2.29 9.84
CA SER A 365 59.63 -1.60 10.53
C SER A 365 59.99 -1.48 12.00
N ALA A 366 60.44 -0.29 12.41
CA ALA A 366 60.93 -0.11 13.78
C ALA A 366 59.82 -0.29 14.81
N ASN A 367 58.58 0.05 14.46
CA ASN A 367 57.47 -0.01 15.41
C ASN A 367 56.21 -0.39 14.63
N SER A 368 55.88 -1.69 14.66
CA SER A 368 54.63 -2.16 14.07
C SER A 368 53.43 -1.83 14.94
N THR A 369 53.64 -1.51 16.21
CA THR A 369 52.54 -1.09 17.08
C THR A 369 52.21 0.39 16.95
N SER A 370 52.95 1.13 16.12
CA SER A 370 52.62 2.54 15.89
C SER A 370 51.30 2.66 15.15
N THR A 371 50.53 3.69 15.50
CA THR A 371 49.21 3.91 14.91
C THR A 371 48.98 5.41 14.75
N ILE A 372 47.99 5.73 13.93
CA ILE A 372 47.43 7.07 13.85
C ILE A 372 45.93 6.95 14.09
N THR A 373 45.42 7.74 15.04
CA THR A 373 44.10 7.53 15.61
C THR A 373 43.15 8.61 15.10
N LEU A 374 42.17 8.20 14.30
CA LEU A 374 41.08 9.09 13.93
C LEU A 374 40.08 9.16 15.08
N GLN A 375 39.48 10.33 15.27
CA GLN A 375 38.47 10.55 16.30
C GLN A 375 37.12 10.72 15.63
N CYS A 376 36.13 9.95 16.10
CA CYS A 376 34.85 9.81 15.42
C CYS A 376 33.70 10.12 16.35
N ARG A 377 32.61 10.61 15.78
CA ARG A 377 31.38 10.93 16.48
C ARG A 377 30.26 10.00 16.03
N ILE A 378 29.26 9.85 16.90
CA ILE A 378 28.16 8.92 16.70
C ILE A 378 26.88 9.72 16.50
N LYS A 379 25.99 9.19 15.65
CA LYS A 379 24.66 9.75 15.43
C LYS A 379 23.64 8.63 15.43
N GLN A 380 22.40 8.98 15.72
CA GLN A 380 21.27 8.07 15.63
C GLN A 380 20.17 8.55 14.68
N ILE A 381 20.04 9.86 14.50
CA ILE A 381 19.16 10.41 13.48
C ILE A 381 19.97 10.52 12.20
N ILE A 382 19.47 9.92 11.12
CA ILE A 382 20.24 9.66 9.92
C ILE A 382 19.46 10.15 8.71
N ASN A 383 20.16 10.83 7.80
CA ASN A 383 19.67 11.11 6.45
C ASN A 383 20.55 10.35 5.46
N MET A 384 20.19 9.08 5.24
CA MET A 384 21.06 8.15 4.50
C MET A 384 21.00 8.36 2.99
N TRP A 385 19.82 8.57 2.41
CA TRP A 385 19.72 9.07 1.04
C TRP A 385 18.68 10.17 0.97
N GLN A 386 18.82 11.03 -0.03
CA GLN A 386 17.86 12.11 -0.25
C GLN A 386 16.71 11.60 -1.09
N GLY A 387 15.49 11.72 -0.58
CA GLY A 387 14.30 11.30 -1.28
C GLY A 387 13.93 9.84 -1.15
N VAL A 388 14.54 9.10 -0.21
CA VAL A 388 14.26 7.68 -0.02
C VAL A 388 13.26 7.51 1.12
N GLY A 389 12.54 8.57 1.46
CA GLY A 389 11.91 8.63 2.77
C GLY A 389 13.02 8.76 3.79
N ARG A 390 13.64 9.95 3.79
CA ARG A 390 15.05 10.07 4.14
C ARG A 390 15.33 9.69 5.60
N CYS A 391 14.58 10.25 6.54
CA CYS A 391 15.02 10.14 7.93
C CYS A 391 14.83 8.70 8.42
N MET A 392 15.80 8.23 9.20
CA MET A 392 15.72 6.95 9.89
C MET A 392 16.40 7.12 11.24
N TYR A 393 15.76 6.60 12.28
CA TYR A 393 16.33 6.58 13.62
C TYR A 393 16.90 5.18 13.85
N ALA A 394 18.23 5.09 13.89
CA ALA A 394 18.89 3.82 14.14
C ALA A 394 18.95 3.59 15.65
N PRO A 395 18.31 2.55 16.20
CA PRO A 395 18.29 2.41 17.65
C PRO A 395 19.67 2.08 18.17
N PRO A 396 19.95 2.38 19.45
CA PRO A 396 21.25 2.02 20.01
C PRO A 396 21.39 0.52 20.18
N ILE A 397 22.63 0.07 20.28
CA ILE A 397 22.96 -1.35 20.48
C ILE A 397 23.77 -1.47 21.76
N ALA A 398 23.38 -2.41 22.62
CA ALA A 398 23.95 -2.53 23.94
C ALA A 398 25.35 -3.16 23.88
N GLY A 399 26.16 -2.83 24.87
CA GLY A 399 27.51 -3.37 24.98
C GLY A 399 28.54 -2.47 24.35
N ASN A 400 29.64 -3.06 23.87
CA ASN A 400 30.68 -2.36 23.15
C ASN A 400 31.00 -3.12 21.87
N ILE A 401 31.43 -2.38 20.85
CA ILE A 401 31.46 -2.88 19.48
C ILE A 401 32.80 -2.58 18.83
N THR A 402 33.11 -3.34 17.78
CA THR A 402 34.37 -3.24 17.05
C THR A 402 34.06 -3.33 15.55
N CYS A 403 34.98 -2.78 14.74
CA CYS A 403 34.66 -2.44 13.36
C CYS A 403 35.77 -2.81 12.38
N ARG A 404 36.49 -3.91 12.60
CA ARG A 404 37.65 -4.21 11.79
C ARG A 404 37.26 -4.50 10.34
N SER A 405 38.02 -3.94 9.41
CA SER A 405 37.72 -4.07 7.99
C SER A 405 38.98 -3.70 7.19
N ASN A 406 38.88 -3.88 5.88
CA ASN A 406 39.99 -3.61 4.95
C ASN A 406 39.64 -2.41 4.07
N ILE A 407 40.59 -1.48 3.95
CA ILE A 407 40.45 -0.37 3.01
C ILE A 407 40.99 -0.82 1.66
N THR A 408 40.26 -0.51 0.58
CA THR A 408 40.60 -0.96 -0.75
C THR A 408 40.52 0.12 -1.82
N GLY A 409 40.38 1.39 -1.45
CA GLY A 409 40.38 2.44 -2.44
C GLY A 409 40.01 3.77 -1.82
N LEU A 410 40.30 4.84 -2.57
CA LEU A 410 40.08 6.21 -2.13
C LEU A 410 39.28 6.95 -3.19
N LEU A 411 38.43 7.88 -2.74
CA LEU A 411 37.74 8.83 -3.60
C LEU A 411 38.31 10.21 -3.31
N LEU A 412 38.82 10.87 -4.35
CA LEU A 412 39.64 12.07 -4.20
C LEU A 412 39.17 13.15 -5.17
N THR A 413 39.70 14.35 -4.98
CA THR A 413 39.40 15.48 -5.86
C THR A 413 40.47 16.54 -5.67
N ARG A 414 41.10 16.96 -6.76
CA ARG A 414 42.19 17.93 -6.67
C ARG A 414 41.64 19.32 -6.34
N ASP A 415 42.45 20.09 -5.60
CA ASP A 415 42.17 21.50 -5.40
C ASP A 415 42.67 22.30 -6.61
N GLY A 416 42.15 23.52 -6.74
CA GLY A 416 42.55 24.35 -7.86
C GLY A 416 44.02 24.73 -7.77
N GLY A 417 44.65 24.86 -8.93
CA GLY A 417 46.07 25.17 -8.97
C GLY A 417 46.33 26.65 -8.74
N THR A 418 47.53 26.95 -8.26
CA THR A 418 47.92 28.31 -7.95
C THR A 418 49.44 28.43 -8.06
N ASN A 419 49.87 29.58 -8.60
CA ASN A 419 51.29 29.91 -8.76
C ASN A 419 52.03 28.96 -9.69
N SER A 420 51.31 28.14 -10.45
CA SER A 420 51.92 27.08 -11.25
C SER A 420 52.83 26.20 -10.39
N ASN A 421 52.35 25.87 -9.19
CA ASN A 421 53.21 25.29 -8.17
C ASN A 421 53.66 23.88 -8.56
N GLU A 422 54.91 23.56 -8.18
CA GLU A 422 55.53 22.27 -8.41
C GLU A 422 54.92 21.15 -7.56
N THR A 423 54.05 21.48 -6.59
CA THR A 423 53.61 20.54 -5.57
C THR A 423 52.10 20.59 -5.36
N GLU A 424 51.30 20.63 -6.42
CA GLU A 424 49.86 20.78 -6.25
C GLU A 424 49.26 19.55 -5.57
N THR A 425 48.06 19.74 -5.02
CA THR A 425 47.57 18.90 -3.93
C THR A 425 46.28 18.19 -4.30
N PHE A 426 45.93 17.19 -3.48
CA PHE A 426 44.72 16.39 -3.64
C PHE A 426 43.90 16.50 -2.35
N ARG A 427 42.57 16.35 -2.47
CA ARG A 427 41.66 16.33 -1.34
C ARG A 427 40.75 15.10 -1.40
N PRO A 428 40.26 14.60 -0.26
CA PRO A 428 39.22 13.57 -0.32
C PRO A 428 37.89 14.15 -0.80
N ALA A 429 37.04 13.28 -1.34
CA ALA A 429 35.73 13.73 -1.81
C ALA A 429 34.78 12.52 -1.80
N GLY A 430 33.94 12.46 -0.77
CA GLY A 430 32.78 11.60 -0.81
C GLY A 430 31.60 12.31 -1.43
N GLY A 431 30.62 11.52 -1.86
CA GLY A 431 29.48 12.10 -2.54
C GLY A 431 28.42 11.10 -2.94
N ASP A 432 27.95 11.19 -4.18
CA ASP A 432 26.91 10.30 -4.68
C ASP A 432 27.37 8.85 -4.61
N MET A 433 26.49 7.98 -4.11
CA MET A 433 26.87 6.59 -3.88
C MET A 433 27.06 5.81 -5.17
N ARG A 434 26.69 6.39 -6.32
CA ARG A 434 27.05 5.78 -7.60
C ARG A 434 28.55 5.60 -7.71
N ASP A 435 29.32 6.58 -7.24
CA ASP A 435 30.78 6.50 -7.32
C ASP A 435 31.33 5.35 -6.50
N ASN A 436 30.63 4.95 -5.44
CA ASN A 436 31.06 3.82 -4.62
C ASN A 436 30.85 2.49 -5.35
N TRP A 437 29.66 2.28 -5.91
CA TRP A 437 29.39 1.02 -6.60
C TRP A 437 30.10 0.96 -7.94
N ARG A 438 30.31 2.12 -8.59
CA ARG A 438 31.03 2.15 -9.85
C ARG A 438 32.48 1.73 -9.69
N SER A 439 33.03 1.85 -8.47
CA SER A 439 34.39 1.38 -8.23
C SER A 439 34.52 -0.13 -8.37
N GLU A 440 33.41 -0.87 -8.28
CA GLU A 440 33.42 -2.33 -8.26
C GLU A 440 32.66 -2.98 -9.40
N LEU A 441 31.78 -2.26 -10.09
CA LEU A 441 31.03 -2.80 -11.22
C LEU A 441 31.75 -2.58 -12.56
N TYR A 442 32.99 -2.09 -12.54
CA TYR A 442 33.66 -1.69 -13.79
C TYR A 442 33.95 -2.88 -14.72
N LYS A 443 33.87 -4.11 -14.23
CA LYS A 443 34.28 -5.26 -15.03
C LYS A 443 33.23 -5.69 -16.05
N TYR A 444 31.99 -5.25 -15.91
CA TYR A 444 30.86 -5.91 -16.55
C TYR A 444 30.13 -4.99 -17.53
N LYS A 445 29.55 -5.61 -18.56
CA LYS A 445 28.67 -4.94 -19.51
C LYS A 445 27.61 -5.93 -19.97
N VAL A 446 26.38 -5.44 -20.14
CA VAL A 446 25.25 -6.26 -20.55
C VAL A 446 25.07 -6.14 -22.05
N VAL A 447 24.84 -7.28 -22.72
CA VAL A 447 24.69 -7.35 -24.17
C VAL A 447 23.48 -8.19 -24.50
N LYS A 448 23.04 -8.07 -25.76
CA LYS A 448 21.82 -8.71 -26.25
C LYS A 448 22.13 -9.57 -27.46
N ILE A 449 21.81 -10.86 -27.37
CA ILE A 449 22.21 -11.85 -28.36
C ILE A 449 21.25 -11.78 -29.56
N GLU A 450 21.80 -11.65 -30.76
CA GLU A 450 21.02 -11.58 -32.00
C GLU A 450 21.30 -12.85 -32.79
N PRO A 451 20.55 -13.94 -32.57
CA PRO A 451 20.94 -15.23 -33.16
C PRO A 451 20.56 -15.41 -34.62
N LEU A 452 19.92 -14.44 -35.27
CA LEU A 452 19.39 -14.59 -36.62
C LEU A 452 20.25 -13.79 -37.59
N GLY A 453 20.75 -14.45 -38.62
CA GLY A 453 21.63 -13.82 -39.59
C GLY A 453 21.52 -14.41 -40.99
N VAL A 454 21.92 -13.63 -41.99
CA VAL A 454 21.83 -14.01 -43.40
C VAL A 454 23.21 -13.91 -44.01
N ALA A 455 23.55 -14.87 -44.87
CA ALA A 455 24.87 -14.95 -45.48
C ALA A 455 24.73 -15.51 -46.89
N PRO A 456 25.74 -15.30 -47.75
CA PRO A 456 25.72 -15.92 -49.08
C PRO A 456 26.32 -17.31 -49.06
N THR A 457 25.74 -18.21 -49.84
CA THR A 457 26.18 -19.61 -49.86
C THR A 457 25.76 -20.24 -51.19
N ARG A 458 26.43 -21.34 -51.54
CA ARG A 458 26.25 -22.04 -52.82
C ARG A 458 25.05 -22.99 -52.84
N CYS A 459 24.14 -22.94 -51.87
CA CYS A 459 23.00 -23.87 -51.82
C CYS A 459 21.70 -23.09 -51.97
N LYS A 460 20.72 -23.74 -52.59
CA LYS A 460 19.45 -23.14 -52.97
C LYS A 460 18.30 -24.00 -52.41
N ARG A 461 17.07 -23.53 -52.65
CA ARG A 461 15.90 -24.25 -52.15
C ARG A 461 15.63 -25.50 -52.97
N ARG A 462 15.24 -26.58 -52.28
CA ARG A 462 14.77 -27.79 -52.93
C ARG A 462 13.28 -27.69 -53.19
N VAL A 463 12.87 -27.92 -54.44
CA VAL A 463 11.47 -27.86 -54.83
C VAL A 463 10.91 -29.28 -54.85
N ALA B 1 39.63 -26.89 -32.49
CA ALA B 1 39.03 -27.30 -33.79
C ALA B 1 37.57 -27.67 -33.62
N VAL B 2 36.82 -27.66 -34.73
CA VAL B 2 35.41 -28.03 -34.68
C VAL B 2 35.19 -29.51 -34.39
N GLY B 3 36.22 -30.34 -34.56
CA GLY B 3 36.13 -31.73 -34.19
C GLY B 3 36.18 -31.90 -32.68
N ILE B 4 35.10 -31.47 -32.01
CA ILE B 4 35.12 -31.34 -30.57
C ILE B 4 34.85 -32.68 -29.89
N GLY B 5 34.04 -33.53 -30.51
CA GLY B 5 33.47 -34.67 -29.83
C GLY B 5 32.20 -34.26 -29.12
N ALA B 6 32.05 -34.61 -27.85
CA ALA B 6 30.95 -34.06 -27.07
C ALA B 6 31.16 -32.57 -26.88
N VAL B 7 30.13 -31.79 -27.21
CA VAL B 7 30.28 -30.33 -27.26
C VAL B 7 30.50 -29.78 -25.85
N PHE B 8 31.50 -28.91 -25.71
CA PHE B 8 31.74 -28.18 -24.47
C PHE B 8 32.11 -26.71 -24.74
N LEU B 9 31.66 -26.14 -25.86
CA LEU B 9 32.06 -24.80 -26.23
C LEU B 9 31.50 -23.74 -25.31
N GLY B 10 30.43 -24.03 -24.57
CA GLY B 10 29.75 -23.02 -23.78
C GLY B 10 28.76 -22.24 -24.61
N PHE B 11 28.34 -21.11 -24.04
CA PHE B 11 27.29 -20.32 -24.69
C PHE B 11 27.81 -19.64 -25.95
N LEU B 12 28.77 -18.73 -25.80
CA LEU B 12 29.30 -17.93 -26.91
C LEU B 12 30.70 -18.35 -27.30
N GLY B 13 31.00 -19.65 -27.27
CA GLY B 13 32.37 -20.10 -27.45
C GLY B 13 32.96 -19.73 -28.80
N ALA B 14 32.15 -19.79 -29.85
CA ALA B 14 32.61 -19.51 -31.20
C ALA B 14 32.69 -18.01 -31.52
N ALA B 15 32.43 -17.13 -30.56
CA ALA B 15 32.56 -15.71 -30.80
C ALA B 15 34.02 -15.38 -31.09
N GLY B 16 34.26 -14.70 -32.21
CA GLY B 16 35.59 -14.47 -32.70
C GLY B 16 36.18 -15.58 -33.54
N SER B 17 35.55 -16.77 -33.53
CA SER B 17 36.00 -17.88 -34.34
C SER B 17 35.39 -17.79 -35.74
N THR B 18 35.80 -18.72 -36.61
CA THR B 18 35.42 -18.65 -38.01
C THR B 18 33.92 -18.84 -38.20
N MET B 19 33.43 -18.40 -39.36
CA MET B 19 32.03 -18.61 -39.70
C MET B 19 31.70 -20.10 -39.75
N GLY B 20 32.61 -20.90 -40.31
CA GLY B 20 32.36 -22.33 -40.39
C GLY B 20 32.30 -23.00 -39.03
N ALA B 21 33.20 -22.63 -38.12
CA ALA B 21 33.19 -23.21 -36.78
C ALA B 21 31.92 -22.84 -36.03
N ALA B 22 31.48 -21.59 -36.15
CA ALA B 22 30.24 -21.16 -35.50
C ALA B 22 29.02 -21.76 -36.16
N SER B 23 29.08 -22.10 -37.45
CA SER B 23 27.97 -22.70 -38.15
C SER B 23 27.69 -24.12 -37.70
N MET B 24 28.71 -24.89 -37.36
CA MET B 24 28.52 -26.12 -36.61
C MET B 24 28.32 -25.79 -35.14
N THR B 25 27.54 -26.64 -34.46
CA THR B 25 27.18 -26.43 -33.05
C THR B 25 26.53 -25.06 -32.86
N LEU B 26 25.41 -24.85 -33.56
CA LEU B 26 24.58 -23.67 -33.33
C LEU B 26 23.63 -23.84 -32.17
N THR B 27 23.34 -25.08 -31.78
CA THR B 27 22.30 -25.32 -30.77
C THR B 27 22.70 -24.79 -29.40
N VAL B 28 24.00 -24.64 -29.14
CA VAL B 28 24.43 -24.17 -27.82
C VAL B 28 23.95 -22.74 -27.57
N GLN B 29 23.81 -21.94 -28.62
CA GLN B 29 23.24 -20.61 -28.48
C GLN B 29 21.72 -20.64 -28.45
N ALA B 30 21.12 -21.47 -29.31
CA ALA B 30 19.67 -21.49 -29.44
C ALA B 30 19.00 -21.97 -28.16
N ARG B 31 19.57 -23.00 -27.52
CA ARG B 31 18.93 -23.66 -26.40
C ARG B 31 18.89 -22.79 -25.13
N ASN B 32 19.72 -21.76 -25.04
CA ASN B 32 19.93 -21.06 -23.78
C ASN B 32 19.04 -19.80 -23.68
N LEU B 33 18.06 -19.64 -24.55
CA LEU B 33 17.24 -18.43 -24.52
C LEU B 33 16.21 -18.44 -23.38
N LEU B 34 16.64 -18.72 -22.15
CA LEU B 34 15.73 -18.93 -21.02
C LEU B 34 16.48 -18.71 -19.72
N SER B 35 15.83 -18.06 -18.75
CA SER B 35 16.42 -17.79 -17.44
C SER B 35 15.38 -17.12 -16.55
N GLY B 36 15.58 -17.25 -15.24
CA GLY B 36 15.03 -16.32 -14.28
C GLY B 36 13.89 -16.88 -13.43
N THR B 37 13.68 -16.19 -12.31
CA THR B 37 12.49 -16.33 -11.48
C THR B 37 12.17 -14.95 -10.92
N VAL B 38 11.08 -14.87 -10.15
CA VAL B 38 10.33 -13.63 -10.01
C VAL B 38 10.44 -13.04 -8.62
N TRP B 39 10.67 -11.72 -8.58
CA TRP B 39 10.42 -10.86 -7.44
C TRP B 39 9.66 -9.65 -7.92
N GLY B 40 8.59 -9.29 -7.20
CA GLY B 40 7.83 -8.11 -7.56
C GLY B 40 7.20 -8.21 -8.94
N ILE B 41 7.23 -7.10 -9.66
CA ILE B 41 6.63 -7.01 -10.99
C ILE B 41 7.69 -6.97 -12.09
N LYS B 42 8.88 -6.43 -11.79
CA LYS B 42 9.86 -6.19 -12.85
C LYS B 42 10.46 -7.48 -13.38
N GLN B 43 10.73 -8.45 -12.49
CA GLN B 43 11.38 -9.67 -12.95
C GLN B 43 10.41 -10.54 -13.75
N LEU B 44 9.14 -10.54 -13.37
CA LEU B 44 8.12 -11.22 -14.17
C LEU B 44 8.00 -10.57 -15.55
N GLN B 45 8.12 -9.24 -15.59
CA GLN B 45 8.15 -8.54 -16.86
C GLN B 45 9.35 -8.97 -17.70
N ALA B 46 10.52 -9.10 -17.06
CA ALA B 46 11.70 -9.60 -17.77
C ALA B 46 11.48 -11.02 -18.28
N ARG B 47 10.74 -11.84 -17.52
CA ARG B 47 10.43 -13.20 -17.98
C ARG B 47 9.59 -13.16 -19.25
N VAL B 48 8.51 -12.38 -19.25
CA VAL B 48 7.64 -12.39 -20.42
C VAL B 48 8.31 -11.73 -21.63
N LEU B 49 9.23 -10.79 -21.40
CA LEU B 49 9.94 -10.16 -22.51
C LEU B 49 10.73 -11.19 -23.32
N ALA B 50 11.34 -12.16 -22.64
CA ALA B 50 12.08 -13.21 -23.33
C ALA B 50 11.16 -14.04 -24.23
N VAL B 51 9.96 -14.36 -23.75
CA VAL B 51 9.02 -15.12 -24.57
C VAL B 51 8.59 -14.30 -25.77
N GLU B 52 8.30 -13.01 -25.56
CA GLU B 52 7.98 -12.12 -26.68
C GLU B 52 9.07 -12.19 -27.74
N ARG B 53 10.32 -12.09 -27.31
CA ARG B 53 11.45 -12.07 -28.23
C ARG B 53 11.56 -13.40 -28.97
N TYR B 54 11.49 -14.51 -28.23
CA TYR B 54 11.64 -15.84 -28.82
C TYR B 54 10.57 -16.09 -29.86
N LEU B 55 9.32 -15.69 -29.56
CA LEU B 55 8.25 -15.91 -30.53
C LEU B 55 8.36 -14.95 -31.71
N ARG B 56 8.90 -13.74 -31.51
CA ARG B 56 9.19 -12.87 -32.64
C ARG B 56 10.16 -13.55 -33.60
N ASP B 57 11.27 -14.05 -33.06
CA ASP B 57 12.28 -14.71 -33.89
C ASP B 57 11.68 -15.93 -34.59
N GLN B 58 10.92 -16.75 -33.86
CA GLN B 58 10.36 -17.95 -34.44
C GLN B 58 9.36 -17.64 -35.54
N GLN B 59 8.49 -16.66 -35.32
CA GLN B 59 7.51 -16.29 -36.35
C GLN B 59 8.20 -15.74 -37.58
N LEU B 60 9.17 -14.84 -37.40
CA LEU B 60 9.86 -14.26 -38.55
C LEU B 60 10.60 -15.34 -39.33
N LEU B 61 11.21 -16.29 -38.62
CA LEU B 61 11.90 -17.37 -39.30
C LEU B 61 10.94 -18.30 -40.02
N GLY B 62 9.79 -18.58 -39.42
CA GLY B 62 8.83 -19.50 -40.00
C GLY B 62 8.10 -18.96 -41.22
N ILE B 63 7.82 -17.65 -41.22
CA ILE B 63 7.17 -17.04 -42.39
C ILE B 63 8.05 -17.16 -43.62
N TRP B 64 9.37 -17.19 -43.44
CA TRP B 64 10.29 -17.45 -44.55
C TRP B 64 10.28 -18.90 -44.99
N GLY B 65 9.61 -19.80 -44.28
CA GLY B 65 9.61 -21.21 -44.58
C GLY B 65 10.60 -22.04 -43.78
N CYS B 66 11.19 -21.48 -42.73
CA CYS B 66 12.22 -22.16 -41.94
C CYS B 66 11.65 -22.66 -40.63
N SER B 67 11.13 -23.89 -40.66
CA SER B 67 10.75 -24.57 -39.43
C SER B 67 11.98 -25.06 -38.67
N GLY B 68 13.07 -25.34 -39.38
CA GLY B 68 14.29 -25.80 -38.72
C GLY B 68 15.00 -24.66 -38.04
N LYS B 69 15.57 -24.94 -36.87
CA LYS B 69 16.16 -23.91 -36.02
C LYS B 69 17.67 -23.74 -36.22
N LEU B 70 18.23 -24.24 -37.34
CA LEU B 70 19.67 -24.13 -37.56
C LEU B 70 20.08 -23.45 -38.86
N ILE B 71 19.71 -23.99 -40.03
CA ILE B 71 20.15 -23.48 -41.33
C ILE B 71 19.05 -23.72 -42.35
N CYS B 72 18.95 -22.85 -43.36
CA CYS B 72 18.05 -23.03 -44.49
C CYS B 72 18.72 -22.52 -45.76
N CYS B 73 18.65 -23.31 -46.83
CA CYS B 73 18.86 -22.77 -48.17
C CYS B 73 17.53 -22.28 -48.72
N THR B 74 17.54 -21.06 -49.26
CA THR B 74 16.32 -20.34 -49.63
C THR B 74 16.28 -20.09 -51.13
N ASN B 75 15.06 -19.87 -51.64
CA ASN B 75 14.87 -19.71 -53.08
C ASN B 75 15.36 -18.37 -53.59
N VAL B 76 15.47 -17.38 -52.72
CA VAL B 76 15.80 -16.01 -53.13
C VAL B 76 17.20 -15.99 -53.74
N PRO B 77 17.40 -15.54 -54.98
CA PRO B 77 18.77 -15.44 -55.49
C PRO B 77 19.53 -14.31 -54.84
N TRP B 78 20.86 -14.45 -54.83
CA TRP B 78 21.72 -13.47 -54.19
C TRP B 78 21.82 -12.21 -55.04
N ASN B 79 21.64 -11.05 -54.40
CA ASN B 79 21.93 -9.76 -55.01
C ASN B 79 23.37 -9.40 -54.64
N SER B 80 24.24 -9.37 -55.65
CA SER B 80 25.67 -9.24 -55.38
C SER B 80 26.09 -7.80 -55.11
N SER B 81 25.19 -6.82 -55.32
CA SER B 81 25.54 -5.43 -55.05
C SER B 81 25.81 -5.17 -53.58
N TRP B 82 25.27 -6.00 -52.68
CA TRP B 82 25.40 -5.79 -51.25
C TRP B 82 26.85 -5.82 -50.77
N SER B 83 27.68 -6.73 -51.28
CA SER B 83 29.10 -6.73 -50.94
C SER B 83 30.00 -6.77 -52.18
N ASN B 84 29.62 -7.56 -53.18
CA ASN B 84 30.51 -7.93 -54.29
C ASN B 84 31.84 -8.48 -53.77
N ARG B 85 31.77 -9.30 -52.73
CA ARG B 85 32.94 -9.87 -52.07
C ARG B 85 33.00 -11.38 -52.30
N ASN B 86 34.20 -11.92 -52.19
CA ASN B 86 34.45 -13.31 -52.54
C ASN B 86 33.96 -14.25 -51.43
N LEU B 87 33.94 -15.54 -51.74
CA LEU B 87 33.54 -16.54 -50.75
C LEU B 87 34.56 -16.61 -49.61
N SER B 88 35.85 -16.62 -49.95
CA SER B 88 36.88 -16.62 -48.93
C SER B 88 36.93 -15.29 -48.18
N GLU B 89 36.57 -14.20 -48.83
CA GLU B 89 36.53 -12.90 -48.17
C GLU B 89 35.52 -12.88 -47.03
N ILE B 90 34.45 -13.67 -47.14
CA ILE B 90 33.32 -13.60 -46.23
C ILE B 90 33.35 -14.77 -45.24
N TRP B 91 33.91 -15.89 -45.66
CA TRP B 91 33.67 -17.18 -45.01
C TRP B 91 34.84 -17.71 -44.20
N ASP B 92 36.07 -17.55 -44.68
CA ASP B 92 37.18 -18.36 -44.18
C ASP B 92 37.91 -17.77 -42.98
N ASN B 93 37.90 -16.44 -42.82
CA ASN B 93 38.58 -15.79 -41.69
C ASN B 93 37.72 -14.79 -40.94
N MET B 94 36.58 -14.39 -41.47
CA MET B 94 35.67 -13.55 -40.71
C MET B 94 34.94 -14.37 -39.65
N THR B 95 34.27 -13.67 -38.74
CA THR B 95 33.37 -14.27 -37.78
C THR B 95 31.99 -13.63 -37.94
N TRP B 96 30.98 -14.31 -37.37
CA TRP B 96 29.63 -13.79 -37.44
C TRP B 96 29.52 -12.43 -36.75
N LEU B 97 30.23 -12.28 -35.63
CA LEU B 97 30.22 -11.04 -34.87
C LEU B 97 30.75 -9.85 -35.68
N GLN B 98 31.65 -10.10 -36.63
CA GLN B 98 32.12 -9.06 -37.54
C GLN B 98 31.42 -9.07 -38.88
N TRP B 99 30.74 -10.16 -39.23
CA TRP B 99 29.89 -10.16 -40.41
C TRP B 99 28.65 -9.30 -40.20
N ASP B 100 28.13 -9.27 -38.98
CA ASP B 100 26.89 -8.52 -38.73
C ASP B 100 27.05 -7.02 -38.94
N LYS B 101 28.27 -6.49 -38.95
CA LYS B 101 28.46 -5.06 -39.13
C LYS B 101 28.20 -4.64 -40.58
N GLU B 102 28.26 -5.57 -41.53
CA GLU B 102 28.23 -5.24 -42.95
C GLU B 102 26.82 -5.27 -43.54
N ILE B 103 26.15 -6.43 -43.45
CA ILE B 103 24.88 -6.64 -44.13
C ILE B 103 23.68 -6.40 -43.20
N SER B 104 23.91 -5.97 -41.96
CA SER B 104 22.81 -5.56 -41.10
C SER B 104 22.03 -4.39 -41.70
N ASN B 105 22.68 -3.59 -42.55
CA ASN B 105 22.00 -2.51 -43.25
C ASN B 105 20.91 -3.07 -44.17
N TYR B 106 21.20 -4.19 -44.84
CA TYR B 106 20.31 -4.73 -45.86
C TYR B 106 19.38 -5.83 -45.34
N THR B 107 19.32 -6.04 -44.03
CA THR B 107 18.41 -7.06 -43.49
C THR B 107 16.95 -6.69 -43.75
N GLN B 108 16.63 -5.40 -43.65
CA GLN B 108 15.24 -4.98 -43.83
C GLN B 108 14.76 -5.11 -45.27
N ILE B 109 15.65 -5.38 -46.22
CA ILE B 109 15.28 -5.63 -47.61
C ILE B 109 15.10 -7.13 -47.78
N ILE B 110 16.10 -7.88 -47.28
CA ILE B 110 16.09 -9.34 -47.43
C ILE B 110 14.89 -9.95 -46.72
N TYR B 111 14.48 -9.35 -45.60
CA TYR B 111 13.33 -9.87 -44.88
C TYR B 111 12.06 -9.81 -45.72
N GLY B 112 11.80 -8.67 -46.37
CA GLY B 112 10.67 -8.57 -47.26
C GLY B 112 10.79 -9.50 -48.45
N LEU B 113 12.00 -9.62 -49.01
CA LEU B 113 12.22 -10.55 -50.10
C LEU B 113 11.84 -11.97 -49.72
N LEU B 114 12.31 -12.44 -48.56
CA LEU B 114 11.98 -13.79 -48.11
C LEU B 114 10.49 -13.93 -47.84
N GLU B 115 9.89 -12.90 -47.25
CA GLU B 115 8.47 -12.96 -46.91
C GLU B 115 7.60 -13.13 -48.15
N GLU B 116 7.92 -12.41 -49.22
CA GLU B 116 7.14 -12.58 -50.46
C GLU B 116 7.52 -13.88 -51.16
N SER B 117 8.81 -14.23 -51.14
CA SER B 117 9.31 -15.40 -51.85
C SER B 117 8.78 -16.71 -51.30
N GLN B 118 8.34 -16.74 -50.04
CA GLN B 118 7.62 -17.92 -49.58
C GLN B 118 6.24 -18.02 -50.22
N ASN B 119 5.59 -16.87 -50.47
CA ASN B 119 4.28 -16.87 -51.10
C ASN B 119 4.35 -17.20 -52.59
N GLN B 120 5.41 -16.78 -53.29
CA GLN B 120 5.57 -17.29 -54.66
C GLN B 120 5.88 -18.80 -54.70
N GLN B 121 6.21 -19.43 -53.58
CA GLN B 121 6.40 -20.88 -53.51
C GLN B 121 5.12 -21.62 -53.18
N GLU B 122 4.51 -21.31 -52.04
CA GLU B 122 3.48 -22.20 -51.50
C GLU B 122 2.14 -22.09 -52.22
N LYS B 123 1.88 -20.99 -52.92
CA LYS B 123 0.66 -20.91 -53.72
C LYS B 123 0.70 -21.91 -54.88
N ASN B 124 1.89 -22.18 -55.40
CA ASN B 124 2.01 -23.09 -56.54
C ASN B 124 1.75 -24.53 -56.14
N GLU B 125 2.24 -24.94 -54.96
CA GLU B 125 1.91 -26.27 -54.45
C GLU B 125 0.41 -26.41 -54.25
N GLN B 126 -0.27 -25.31 -53.94
CA GLN B 126 -1.72 -25.32 -53.85
C GLN B 126 -2.39 -25.59 -55.19
N ASP B 127 -1.67 -25.40 -56.31
CA ASP B 127 -2.18 -25.72 -57.63
C ASP B 127 -1.74 -27.10 -58.11
N LEU B 128 -0.46 -27.42 -57.93
CA LEU B 128 0.06 -28.70 -58.43
C LEU B 128 -0.59 -29.87 -57.71
N LEU B 129 -0.74 -29.78 -56.38
CA LEU B 129 -1.37 -30.86 -55.64
C LEU B 129 -2.85 -31.00 -55.94
N ALA B 130 -3.48 -29.98 -56.53
CA ALA B 130 -4.81 -30.13 -57.10
C ALA B 130 -4.77 -30.75 -58.49
N LEU B 131 -3.73 -30.45 -59.27
CA LEU B 131 -3.58 -31.08 -60.58
C LEU B 131 -3.25 -32.56 -60.45
N ASP B 132 -2.49 -32.93 -59.41
CA ASP B 132 -2.09 -34.32 -59.20
C ASP B 132 -3.31 -35.21 -58.98
N GLN C 1 59.61 9.56 44.20
CA GLN C 1 59.00 8.39 44.89
C GLN C 1 57.50 8.63 45.12
N VAL C 2 56.68 7.69 44.68
CA VAL C 2 55.24 7.81 44.82
C VAL C 2 54.82 7.45 46.24
N GLN C 3 53.99 8.29 46.85
CA GLN C 3 53.48 8.04 48.19
C GLN C 3 52.13 8.72 48.35
N LEU C 4 51.31 8.16 49.23
CA LEU C 4 50.01 8.70 49.58
C LEU C 4 49.87 8.77 51.09
N VAL C 5 49.22 9.83 51.58
CA VAL C 5 48.99 10.03 53.01
C VAL C 5 47.57 10.52 53.21
N GLN C 6 46.92 10.02 54.25
CA GLN C 6 45.51 10.26 54.55
C GLN C 6 45.36 11.03 55.86
N SER C 7 44.12 11.36 56.19
CA SER C 7 43.80 12.04 57.43
C SER C 7 44.05 11.11 58.62
N GLY C 8 43.85 11.65 59.83
CA GLY C 8 44.16 10.92 61.03
C GLY C 8 42.98 10.11 61.57
N ALA C 9 43.31 9.23 62.52
CA ALA C 9 42.29 8.41 63.16
C ALA C 9 41.36 9.26 64.01
N GLU C 10 40.16 8.76 64.24
CA GLU C 10 39.15 9.53 64.98
C GLU C 10 38.10 8.60 65.56
N MET C 11 37.36 9.16 66.53
CA MET C 11 36.16 8.53 67.08
C MET C 11 34.94 9.34 66.66
N LYS C 12 33.90 8.66 66.20
CA LYS C 12 32.67 9.30 65.77
C LYS C 12 31.49 8.42 66.16
N LYS C 13 30.43 9.04 66.69
CA LYS C 13 29.28 8.31 67.20
C LYS C 13 28.36 7.87 66.06
N PRO C 14 27.47 6.89 66.30
CA PRO C 14 26.67 6.35 65.19
C PRO C 14 25.75 7.39 64.56
N GLY C 15 25.47 7.19 63.28
CA GLY C 15 24.49 7.97 62.55
C GLY C 15 25.02 9.22 61.88
N ALA C 16 26.22 9.67 62.23
CA ALA C 16 26.78 10.89 61.65
C ALA C 16 27.39 10.59 60.28
N SER C 17 28.16 11.53 59.75
CA SER C 17 28.94 11.34 58.53
C SER C 17 30.40 11.67 58.83
N VAL C 18 31.28 11.21 57.95
CA VAL C 18 32.73 11.38 58.11
C VAL C 18 33.32 11.81 56.78
N ARG C 19 34.26 12.75 56.83
CA ARG C 19 35.03 13.20 55.67
C ARG C 19 36.47 12.72 55.85
N VAL C 20 36.83 11.66 55.10
CA VAL C 20 38.19 11.13 55.09
C VAL C 20 38.86 11.60 53.80
N SER C 21 40.11 12.05 53.92
CA SER C 21 40.84 12.66 52.82
C SER C 21 42.09 11.84 52.49
N CYS C 22 42.48 11.88 51.23
CA CYS C 22 43.68 11.22 50.73
C CYS C 22 44.41 12.18 49.81
N LYS C 23 45.73 12.29 50.01
CA LYS C 23 46.60 13.10 49.18
C LYS C 23 47.78 12.27 48.72
N ALA C 24 48.21 12.49 47.48
CA ALA C 24 49.29 11.73 46.86
C ALA C 24 50.29 12.68 46.22
N SER C 25 51.56 12.29 46.27
CA SER C 25 52.65 13.04 45.64
C SER C 25 53.55 12.08 44.89
N GLY C 26 54.12 12.57 43.78
CA GLY C 26 55.02 11.80 42.94
C GLY C 26 54.52 11.55 41.53
N TYR C 27 53.27 11.85 41.23
CA TYR C 27 52.73 11.72 39.88
C TYR C 27 51.68 12.79 39.65
N THR C 28 51.37 13.03 38.38
CA THR C 28 50.27 13.91 38.02
C THR C 28 48.97 13.33 38.57
N PHE C 29 48.27 14.09 39.40
CA PHE C 29 47.15 13.54 40.15
C PHE C 29 46.01 13.09 39.24
N THR C 30 45.87 13.74 38.08
CA THR C 30 44.71 13.49 37.24
C THR C 30 44.82 12.20 36.45
N ASP C 31 46.00 11.57 36.40
CA ASP C 31 46.28 10.53 35.43
C ASP C 31 46.24 9.11 35.98
N TYR C 32 45.78 8.91 37.21
CA TYR C 32 45.60 7.59 37.78
C TYR C 32 44.29 7.53 38.57
N TYR C 33 43.58 6.42 38.45
CA TYR C 33 42.35 6.23 39.20
C TYR C 33 42.65 6.10 40.69
N ILE C 34 41.73 6.63 41.50
CA ILE C 34 41.80 6.55 42.95
C ILE C 34 40.69 5.60 43.41
N HIS C 35 41.09 4.46 43.98
CA HIS C 35 40.18 3.42 44.41
C HIS C 35 40.11 3.43 45.93
N TRP C 36 38.91 3.27 46.47
CA TRP C 36 38.69 3.24 47.92
C TRP C 36 38.43 1.81 48.37
N VAL C 37 39.21 1.36 49.34
CA VAL C 37 39.14 0.00 49.88
C VAL C 37 39.04 0.09 51.39
N ARG C 38 38.12 -0.70 51.96
CA ARG C 38 37.85 -0.72 53.39
C ARG C 38 38.09 -2.13 53.92
N GLN C 39 38.71 -2.22 55.10
CA GLN C 39 38.97 -3.50 55.77
C GLN C 39 38.46 -3.39 57.21
N ALA C 40 37.33 -4.04 57.49
CA ALA C 40 36.85 -4.14 58.85
C ALA C 40 37.79 -5.05 59.64
N PRO C 41 37.75 -5.00 60.99
CA PRO C 41 38.72 -5.75 61.79
C PRO C 41 38.82 -7.24 61.48
N GLY C 42 39.97 -7.66 60.94
CA GLY C 42 40.23 -9.04 60.63
C GLY C 42 39.53 -9.57 59.38
N GLN C 43 38.75 -8.74 58.70
CA GLN C 43 37.96 -9.17 57.56
C GLN C 43 38.72 -8.88 56.26
N GLY C 44 38.34 -9.59 55.20
CA GLY C 44 38.91 -9.34 53.89
C GLY C 44 38.55 -7.93 53.44
N PRO C 45 39.46 -7.21 52.77
CA PRO C 45 39.11 -5.85 52.33
C PRO C 45 37.94 -5.85 51.37
N GLU C 46 37.05 -4.87 51.56
CA GLU C 46 35.91 -4.65 50.68
C GLU C 46 36.09 -3.35 49.92
N TRP C 47 35.71 -3.36 48.65
CA TRP C 47 35.94 -2.23 47.75
C TRP C 47 34.71 -1.35 47.69
N MET C 48 34.91 -0.03 47.79
CA MET C 48 33.83 0.92 47.92
C MET C 48 33.53 1.68 46.63
N GLY C 49 34.55 2.00 45.84
CA GLY C 49 34.33 2.78 44.63
C GLY C 49 35.63 3.27 44.06
N TRP C 50 35.51 3.97 42.92
CA TRP C 50 36.65 4.58 42.25
C TRP C 50 36.31 6.01 41.85
N ILE C 51 37.36 6.82 41.70
CA ILE C 51 37.25 8.21 41.29
C ILE C 51 38.14 8.43 40.07
N ASN C 52 37.62 9.14 39.08
CA ASN C 52 38.43 9.62 37.97
C ASN C 52 38.87 11.04 38.31
N PRO C 53 40.09 11.26 38.83
CA PRO C 53 40.47 12.62 39.22
C PRO C 53 40.59 13.59 38.05
N SER C 54 40.59 13.12 36.81
CA SER C 54 40.65 13.98 35.64
C SER C 54 39.33 14.66 35.33
N THR C 55 38.20 13.98 35.56
CA THR C 55 36.89 14.49 35.16
C THR C 55 35.83 14.41 36.27
N GLY C 56 36.02 13.52 37.23
CA GLY C 56 35.12 13.41 38.37
C GLY C 56 34.05 12.36 38.29
N ARG C 57 34.13 11.42 37.34
CA ARG C 57 33.21 10.29 37.34
C ARG C 57 33.51 9.36 38.49
N THR C 58 32.46 8.74 39.04
CA THR C 58 32.58 7.82 40.16
C THR C 58 31.62 6.66 39.97
N ASN C 59 31.88 5.57 40.69
CA ASN C 59 31.02 4.39 40.66
C ASN C 59 31.20 3.62 41.96
N SER C 60 30.15 2.93 42.38
CA SER C 60 30.13 2.21 43.65
C SER C 60 29.35 0.92 43.46
N PRO C 61 29.57 -0.09 44.31
CA PRO C 61 28.83 -1.35 44.17
C PRO C 61 27.41 -1.21 44.70
N GLN C 62 26.71 -2.35 44.73
CA GLN C 62 25.28 -2.35 45.03
C GLN C 62 25.00 -1.85 46.44
N LYS C 63 25.70 -2.39 47.43
CA LYS C 63 25.40 -2.05 48.82
C LYS C 63 25.78 -0.62 49.17
N PHE C 64 26.82 -0.08 48.55
CA PHE C 64 27.26 1.28 48.82
C PHE C 64 26.58 2.34 47.94
N GLN C 65 25.81 1.92 46.93
CA GLN C 65 25.21 2.88 46.02
C GLN C 65 24.13 3.69 46.72
N GLY C 66 24.44 4.93 47.08
CA GLY C 66 23.50 5.84 47.70
C GLY C 66 23.81 6.24 49.13
N ARG C 67 24.96 5.82 49.69
CA ARG C 67 25.34 6.23 51.03
C ARG C 67 26.81 6.63 51.18
N VAL C 68 27.60 6.59 50.10
CA VAL C 68 28.95 7.15 50.09
C VAL C 68 29.04 8.13 48.92
N THR C 69 29.44 9.36 49.22
CA THR C 69 29.69 10.38 48.22
C THR C 69 31.19 10.58 48.10
N MET C 70 31.69 10.50 46.86
CA MET C 70 33.11 10.60 46.56
C MET C 70 33.35 11.75 45.60
N THR C 71 34.41 12.51 45.87
CA THR C 71 34.82 13.60 45.00
C THR C 71 36.29 13.89 45.25
N ARG C 72 36.77 14.97 44.64
CA ARG C 72 38.16 15.38 44.76
C ARG C 72 38.24 16.86 44.45
N ASP C 73 39.37 17.47 44.81
CA ASP C 73 39.70 18.84 44.45
C ASP C 73 40.98 18.80 43.63
N THR C 74 40.89 19.19 42.36
CA THR C 74 42.04 19.13 41.47
C THR C 74 43.12 20.13 41.87
N SER C 75 42.72 21.26 42.45
CA SER C 75 43.68 22.32 42.74
C SER C 75 44.69 21.94 43.81
N ILE C 76 44.38 20.95 44.65
CA ILE C 76 45.24 20.58 45.77
C ILE C 76 45.62 19.10 45.74
N SER C 77 45.17 18.37 44.72
CA SER C 77 45.57 16.97 44.51
C SER C 77 45.19 16.10 45.70
N THR C 78 43.99 16.34 46.26
CA THR C 78 43.50 15.61 47.42
C THR C 78 42.11 15.08 47.13
N ALA C 79 41.91 13.79 47.39
CA ALA C 79 40.65 13.11 47.13
C ALA C 79 39.87 12.92 48.43
N TYR C 80 38.54 13.00 48.32
CA TYR C 80 37.66 13.06 49.49
C TYR C 80 36.59 11.98 49.35
N MET C 81 36.38 11.20 50.41
CA MET C 81 35.29 10.23 50.50
C MET C 81 34.41 10.69 51.65
N ASP C 82 33.10 10.79 51.39
CA ASP C 82 32.12 11.23 52.37
C ASP C 82 31.13 10.09 52.61
N LEU C 83 31.50 9.20 53.52
CA LEU C 83 30.55 8.17 53.96
C LEU C 83 29.51 8.82 54.86
N ASN C 84 28.25 8.46 54.62
CA ASN C 84 27.11 9.11 55.26
C ASN C 84 26.20 8.06 55.87
N ARG C 85 25.44 8.47 56.88
CA ARG C 85 24.57 7.58 57.64
C ARG C 85 25.37 6.40 58.20
N LEU C 86 26.34 6.73 59.07
CA LEU C 86 27.28 5.73 59.55
C LEU C 86 26.58 4.71 60.44
N THR C 87 27.17 3.53 60.53
CA THR C 87 26.67 2.44 61.35
C THR C 87 27.84 1.77 62.06
N SER C 88 27.53 0.76 62.88
CA SER C 88 28.58 0.02 63.56
C SER C 88 29.42 -0.78 62.58
N ASP C 89 28.81 -1.25 61.49
CA ASP C 89 29.53 -2.04 60.50
C ASP C 89 30.59 -1.25 59.74
N ASP C 90 30.61 0.07 59.86
CA ASP C 90 31.60 0.91 59.21
C ASP C 90 32.90 1.00 60.01
N THR C 91 32.98 0.39 61.18
CA THR C 91 34.24 0.32 61.92
C THR C 91 35.27 -0.42 61.08
N ALA C 92 36.32 0.28 60.68
CA ALA C 92 37.30 -0.28 59.75
C ALA C 92 38.44 0.72 59.58
N MET C 93 39.50 0.25 58.93
CA MET C 93 40.54 1.12 58.39
C MET C 93 40.24 1.40 56.92
N TYR C 94 40.24 2.68 56.57
CA TYR C 94 39.89 3.13 55.23
C TYR C 94 41.18 3.43 54.48
N TYR C 95 41.35 2.79 53.32
CA TYR C 95 42.60 2.81 52.57
C TYR C 95 42.40 3.53 51.23
N CYS C 96 43.35 4.38 50.88
CA CYS C 96 43.39 5.06 49.60
C CYS C 96 44.48 4.46 48.74
N THR C 97 44.13 4.09 47.50
CA THR C 97 45.00 3.30 46.64
C THR C 97 45.03 3.91 45.25
N THR C 98 46.09 3.56 44.50
CA THR C 98 46.36 4.12 43.18
C THR C 98 46.10 3.06 42.12
N GLY C 99 45.18 3.35 41.21
CA GLY C 99 44.68 2.40 40.24
C GLY C 99 45.37 2.49 38.90
N GLY C 100 44.63 2.17 37.84
CA GLY C 100 45.23 2.06 36.52
C GLY C 100 45.43 3.41 35.86
N TRP C 101 46.25 3.39 34.82
CA TRP C 101 46.54 4.59 34.05
C TRP C 101 45.30 5.04 33.28
N ILE C 102 45.11 6.36 33.19
CA ILE C 102 43.94 6.94 32.54
C ILE C 102 44.32 7.32 31.11
N GLY C 103 43.53 6.83 30.15
CA GLY C 103 43.67 7.22 28.77
C GLY C 103 42.31 7.38 28.12
N LEU C 104 42.27 8.15 27.04
CA LEU C 104 41.00 8.48 26.41
C LEU C 104 40.36 7.27 25.75
N TYR C 105 41.16 6.34 25.24
CA TYR C 105 40.69 5.33 24.29
C TYR C 105 40.38 3.98 24.92
N SER C 106 40.36 3.86 26.25
CA SER C 106 40.02 2.60 26.88
C SER C 106 39.64 2.85 28.33
N ASP C 107 38.74 2.01 28.83
CA ASP C 107 38.22 2.11 30.20
C ASP C 107 39.03 1.16 31.08
N THR C 108 40.05 1.70 31.74
CA THR C 108 40.89 0.95 32.67
C THR C 108 40.43 1.13 34.12
N SER C 109 39.20 1.60 34.34
CA SER C 109 38.72 1.84 35.69
C SER C 109 38.62 0.55 36.49
N GLY C 110 38.14 -0.52 35.86
CA GLY C 110 37.91 -1.78 36.54
C GLY C 110 39.14 -2.61 36.80
N TYR C 111 40.30 -2.19 36.33
CA TYR C 111 41.52 -2.95 36.57
C TYR C 111 41.86 -2.91 38.06
N PRO C 112 41.98 -4.05 38.78
CA PRO C 112 42.36 -3.98 40.20
C PRO C 112 43.87 -3.91 40.40
N ASN C 113 44.50 -2.93 39.76
CA ASN C 113 45.95 -2.77 39.83
C ASN C 113 46.33 -1.73 40.87
N PHE C 114 46.17 -2.05 42.16
CA PHE C 114 46.51 -1.13 43.24
C PHE C 114 48.02 -1.11 43.41
N ASP C 115 48.66 -0.19 42.68
CA ASP C 115 50.11 -0.09 42.70
C ASP C 115 50.62 0.38 44.05
N TYR C 116 49.93 1.33 44.68
CA TYR C 116 50.39 1.92 45.93
C TYR C 116 49.19 2.06 46.88
N TRP C 117 49.48 2.10 48.17
CA TRP C 117 48.48 2.19 49.22
C TRP C 117 48.83 3.30 50.20
N GLY C 118 47.80 3.92 50.76
CA GLY C 118 47.99 4.86 51.84
C GLY C 118 48.18 4.15 53.18
N GLN C 119 48.54 4.94 54.19
CA GLN C 119 48.84 4.36 55.50
C GLN C 119 47.59 3.86 56.21
N GLY C 120 46.39 4.30 55.79
CA GLY C 120 45.17 3.83 56.39
C GLY C 120 44.80 4.58 57.66
N THR C 121 43.53 4.98 57.75
CA THR C 121 43.04 5.78 58.86
C THR C 121 41.78 5.17 59.41
N LEU C 122 41.57 5.35 60.72
CA LEU C 122 40.65 4.52 61.50
C LEU C 122 39.33 5.22 61.74
N VAL C 123 38.25 4.48 61.55
CA VAL C 123 36.89 4.89 61.94
C VAL C 123 36.36 3.84 62.91
N THR C 124 35.70 4.30 63.97
CA THR C 124 35.17 3.41 64.99
C THR C 124 33.81 3.94 65.45
N VAL C 125 32.75 3.25 65.06
CA VAL C 125 31.38 3.62 65.43
C VAL C 125 30.95 2.71 66.58
N SER C 126 30.72 3.29 67.75
CA SER C 126 30.34 2.53 68.93
C SER C 126 29.80 3.45 70.02
N GLN D 1 33.72 -16.79 54.12
CA GLN D 1 33.68 -16.57 52.64
C GLN D 1 33.19 -15.15 52.37
N SER D 2 34.10 -14.26 51.94
CA SER D 2 33.77 -12.84 51.91
C SER D 2 32.97 -12.48 50.65
N ALA D 3 33.61 -12.56 49.48
CA ALA D 3 32.92 -12.44 48.20
C ALA D 3 33.37 -13.56 47.26
N LEU D 4 34.66 -13.87 47.29
CA LEU D 4 35.23 -15.02 46.61
C LEU D 4 35.78 -15.99 47.64
N THR D 5 35.84 -17.26 47.25
CA THR D 5 36.16 -18.35 48.16
C THR D 5 37.57 -18.88 47.89
N GLN D 6 38.25 -19.26 48.96
CA GLN D 6 39.59 -19.83 48.86
C GLN D 6 39.86 -20.64 50.12
N PRO D 7 40.83 -21.57 50.08
CA PRO D 7 41.22 -22.27 51.31
C PRO D 7 41.75 -21.29 52.35
N ALA D 8 41.36 -21.50 53.60
CA ALA D 8 41.65 -20.53 54.65
C ALA D 8 43.09 -20.59 55.13
N SER D 9 43.76 -21.74 55.02
CA SER D 9 45.13 -21.84 55.49
C SER D 9 45.73 -23.17 55.03
N VAL D 10 47.03 -23.15 54.78
CA VAL D 10 47.81 -24.35 54.46
C VAL D 10 49.18 -24.17 55.10
N SER D 11 49.77 -25.29 55.54
CA SER D 11 51.10 -25.31 56.13
C SER D 11 51.94 -26.39 55.46
N GLY D 12 53.20 -26.07 55.18
CA GLY D 12 54.10 -26.96 54.48
C GLY D 12 55.54 -26.65 54.85
N SER D 13 56.49 -27.38 54.16
CA SER D 13 57.91 -27.30 54.44
C SER D 13 58.62 -26.41 53.42
N PRO D 14 59.80 -25.84 53.75
CA PRO D 14 60.50 -25.02 52.77
C PRO D 14 60.98 -25.84 51.58
N GLY D 15 61.18 -25.16 50.45
CA GLY D 15 61.53 -25.80 49.21
C GLY D 15 60.35 -26.25 48.38
N GLN D 16 59.26 -26.67 49.02
CA GLN D 16 58.02 -27.00 48.31
C GLN D 16 57.26 -25.72 48.00
N SER D 17 56.01 -25.85 47.57
CA SER D 17 55.15 -24.72 47.27
C SER D 17 53.79 -24.90 47.92
N ILE D 18 53.33 -23.84 48.59
CA ILE D 18 51.94 -23.70 49.01
C ILE D 18 51.24 -22.88 47.94
N THR D 19 50.27 -23.50 47.27
CA THR D 19 49.54 -22.88 46.17
C THR D 19 48.13 -22.57 46.63
N ILE D 20 47.74 -21.31 46.53
CA ILE D 20 46.47 -20.81 47.05
C ILE D 20 45.55 -20.61 45.84
N SER D 21 44.35 -21.19 45.91
CA SER D 21 43.38 -21.11 44.82
C SER D 21 42.34 -20.04 45.12
N CYS D 22 41.86 -19.39 44.07
CA CYS D 22 40.85 -18.34 44.13
C CYS D 22 39.63 -18.75 43.30
N THR D 23 38.49 -18.91 43.96
CA THR D 23 37.25 -19.31 43.31
C THR D 23 36.15 -18.32 43.69
N GLY D 24 35.19 -18.10 42.79
CA GLY D 24 35.05 -18.55 41.41
C GLY D 24 33.65 -18.43 40.87
N THR D 25 33.55 -17.92 39.64
CA THR D 25 32.29 -17.83 38.91
C THR D 25 32.60 -17.25 37.53
N ASN D 26 31.65 -17.43 36.61
CA ASN D 26 31.89 -17.03 35.23
C ASN D 26 32.07 -15.52 35.10
N TYR D 27 31.27 -14.75 35.83
CA TYR D 27 31.28 -13.30 35.67
C TYR D 27 32.47 -12.64 36.34
N ASP D 28 33.11 -13.28 37.31
CA ASP D 28 34.19 -12.66 38.07
C ASP D 28 35.57 -13.11 37.59
N VAL D 29 35.83 -14.41 37.65
CA VAL D 29 37.18 -14.93 37.40
C VAL D 29 37.30 -15.55 36.01
N GLY D 30 36.22 -16.11 35.49
CA GLY D 30 36.26 -16.77 34.20
C GLY D 30 36.26 -15.82 33.02
N SER D 31 35.62 -14.66 33.17
CA SER D 31 35.41 -13.76 32.04
C SER D 31 36.66 -13.00 31.64
N TYR D 32 37.48 -12.57 32.60
CA TYR D 32 38.51 -11.56 32.36
C TYR D 32 39.87 -12.04 32.83
N ASN D 33 40.91 -11.47 32.26
CA ASN D 33 42.30 -11.67 32.66
C ASN D 33 42.73 -10.73 33.79
N LEU D 34 41.77 -10.05 34.44
CA LEU D 34 42.07 -9.03 35.43
C LEU D 34 41.94 -9.63 36.83
N VAL D 35 43.00 -10.34 37.23
CA VAL D 35 43.08 -10.98 38.54
C VAL D 35 44.41 -10.60 39.18
N SER D 36 44.34 -10.13 40.42
CA SER D 36 45.51 -9.72 41.18
C SER D 36 45.52 -10.48 42.50
N TRP D 37 46.67 -10.44 43.17
CA TRP D 37 46.87 -11.08 44.46
C TRP D 37 47.56 -10.11 45.41
N TYR D 38 47.10 -10.10 46.66
CA TYR D 38 47.59 -9.18 47.67
C TYR D 38 47.92 -9.94 48.95
N GLN D 39 49.08 -9.63 49.53
CA GLN D 39 49.57 -10.25 50.74
C GLN D 39 49.43 -9.26 51.89
N GLN D 40 48.82 -9.71 52.99
CA GLN D 40 48.64 -8.89 54.19
C GLN D 40 49.20 -9.64 55.39
N HIS D 41 49.35 -8.91 56.49
CA HIS D 41 50.13 -9.35 57.63
C HIS D 41 49.62 -8.60 58.86
N PRO D 42 49.78 -9.16 60.09
CA PRO D 42 49.32 -8.41 61.28
C PRO D 42 49.86 -7.00 61.40
N GLY D 43 48.94 -6.02 61.42
CA GLY D 43 49.30 -4.63 61.56
C GLY D 43 49.94 -3.99 60.36
N LYS D 44 49.69 -4.49 59.16
CA LYS D 44 50.38 -4.08 57.95
C LYS D 44 49.39 -3.71 56.85
N VAL D 45 49.88 -2.92 55.91
CA VAL D 45 49.15 -2.57 54.69
C VAL D 45 49.22 -3.78 53.77
N PRO D 46 48.28 -3.99 52.84
CA PRO D 46 48.45 -5.08 51.87
C PRO D 46 49.66 -4.84 50.97
N LYS D 47 50.24 -5.95 50.50
CA LYS D 47 51.39 -5.93 49.60
C LYS D 47 50.95 -6.45 48.25
N TYR D 48 51.39 -5.79 47.19
CA TYR D 48 50.90 -6.01 45.83
C TYR D 48 51.80 -7.03 45.13
N ILE D 49 51.24 -8.20 44.79
CA ILE D 49 52.03 -9.39 44.45
C ILE D 49 51.95 -9.73 42.97
N ILE D 50 50.74 -9.85 42.42
CA ILE D 50 50.54 -10.24 41.01
C ILE D 50 49.47 -9.34 40.41
N TYR D 51 49.59 -9.09 39.10
CA TYR D 51 48.60 -8.31 38.35
C TYR D 51 48.50 -8.85 36.94
N GLU D 52 47.34 -8.63 36.33
CA GLU D 52 47.01 -9.18 35.01
C GLU D 52 47.30 -10.67 34.97
N VAL D 53 46.90 -11.36 36.04
CA VAL D 53 46.88 -12.80 36.28
C VAL D 53 48.26 -13.49 36.27
N ASN D 54 49.27 -12.94 35.57
CA ASN D 54 50.57 -13.59 35.47
C ASN D 54 51.79 -12.68 35.51
N LYS D 55 51.65 -11.41 35.90
CA LYS D 55 52.78 -10.48 35.93
C LYS D 55 53.02 -9.98 37.35
N ARG D 56 54.26 -9.60 37.66
CA ARG D 56 54.59 -9.13 39.03
C ARG D 56 55.15 -7.72 38.98
N PRO D 57 54.73 -6.80 39.86
CA PRO D 57 55.31 -5.45 39.91
C PRO D 57 56.70 -5.47 40.54
N SER D 58 57.47 -4.39 40.35
CA SER D 58 58.84 -4.31 40.93
C SER D 58 58.77 -4.36 42.46
N GLY D 59 59.74 -5.02 43.10
CA GLY D 59 59.78 -5.11 44.57
C GLY D 59 59.30 -6.47 45.07
N VAL D 60 58.63 -7.24 44.21
CA VAL D 60 58.15 -8.61 44.59
C VAL D 60 59.26 -9.62 44.27
N SER D 61 59.73 -10.37 45.27
CA SER D 61 60.72 -11.40 44.99
C SER D 61 60.21 -12.37 43.92
N ASN D 62 61.14 -12.89 43.13
CA ASN D 62 60.80 -13.68 41.94
C ASN D 62 60.47 -15.13 42.27
N ARG D 63 60.19 -15.48 43.53
CA ARG D 63 59.79 -16.83 43.86
C ARG D 63 58.33 -17.09 43.51
N PHE D 64 57.54 -16.03 43.30
CA PHE D 64 56.13 -16.18 43.00
C PHE D 64 55.90 -16.50 41.52
N SER D 65 54.70 -17.01 41.24
CA SER D 65 54.18 -17.05 39.88
C SER D 65 52.67 -17.26 39.96
N GLY D 66 51.99 -16.89 38.89
CA GLY D 66 50.53 -16.94 38.83
C GLY D 66 50.00 -17.95 37.83
N SER D 67 48.72 -18.31 37.97
CA SER D 67 48.10 -19.27 37.07
C SER D 67 46.59 -19.05 37.08
N LYS D 68 45.93 -19.54 36.03
CA LYS D 68 44.48 -19.47 35.95
C LYS D 68 44.01 -20.50 34.93
N SER D 69 42.81 -21.03 35.17
CA SER D 69 42.15 -21.91 34.22
C SER D 69 40.67 -21.99 34.59
N GLY D 70 39.82 -21.87 33.57
CA GLY D 70 38.38 -21.92 33.78
C GLY D 70 37.88 -20.81 34.67
N ASN D 71 37.18 -21.18 35.76
CA ASN D 71 36.57 -20.23 36.68
C ASN D 71 37.41 -20.02 37.94
N THR D 72 38.64 -20.56 37.99
CA THR D 72 39.47 -20.54 39.18
C THR D 72 40.87 -20.08 38.84
N ALA D 73 41.40 -19.16 39.65
CA ALA D 73 42.78 -18.71 39.58
C ALA D 73 43.55 -19.23 40.78
N SER D 74 44.88 -19.19 40.67
CA SER D 74 45.73 -19.68 41.76
C SER D 74 47.03 -18.90 41.79
N LEU D 75 47.66 -18.88 42.97
CA LEU D 75 48.94 -18.22 43.21
C LEU D 75 49.97 -19.27 43.58
N THR D 76 51.09 -19.28 42.85
CA THR D 76 52.20 -20.19 43.12
C THR D 76 53.32 -19.44 43.83
N ILE D 77 53.87 -20.07 44.85
CA ILE D 77 54.87 -19.48 45.75
C ILE D 77 56.07 -20.43 45.79
N SER D 78 56.36 -21.05 44.64
CA SER D 78 57.36 -22.12 44.55
C SER D 78 58.70 -21.70 45.14
N GLY D 79 59.30 -22.62 45.89
CA GLY D 79 60.53 -22.34 46.60
C GLY D 79 60.25 -21.62 47.91
N LEU D 80 59.49 -22.26 48.79
CA LEU D 80 59.06 -21.62 50.02
C LEU D 80 60.24 -21.29 50.93
N GLN D 81 60.18 -20.09 51.51
CA GLN D 81 61.05 -19.71 52.62
C GLN D 81 60.18 -18.99 53.64
N ALA D 82 60.66 -18.94 54.88
CA ALA D 82 59.87 -18.43 56.01
C ALA D 82 59.44 -16.96 55.87
N GLU D 83 59.88 -16.20 54.86
CA GLU D 83 59.33 -14.86 54.65
C GLU D 83 57.91 -14.90 54.12
N ASP D 84 57.54 -15.99 53.42
CA ASP D 84 56.24 -16.07 52.77
C ASP D 84 55.08 -16.28 53.73
N GLU D 85 55.34 -16.44 55.03
CA GLU D 85 54.26 -16.71 55.98
C GLU D 85 53.40 -15.48 56.18
N ALA D 86 52.30 -15.38 55.44
CA ALA D 86 51.44 -14.20 55.47
C ALA D 86 50.08 -14.57 54.92
N THR D 87 49.15 -13.61 55.00
CA THR D 87 47.76 -13.81 54.60
C THR D 87 47.59 -13.29 53.17
N TYR D 88 47.16 -14.18 52.28
CA TYR D 88 47.09 -13.90 50.84
C TYR D 88 45.65 -13.80 50.39
N TYR D 89 45.29 -12.67 49.77
CA TYR D 89 43.98 -12.46 49.18
C TYR D 89 44.07 -12.38 47.66
N CYS D 90 43.02 -12.88 47.01
CA CYS D 90 42.80 -12.68 45.59
C CYS D 90 41.70 -11.66 45.36
N CYS D 91 41.78 -10.96 44.25
CA CYS D 91 40.75 -10.00 43.87
C CYS D 91 40.81 -9.79 42.37
N SER D 92 39.64 -9.55 41.77
CA SER D 92 39.52 -9.55 40.32
C SER D 92 38.36 -8.66 39.89
N TYR D 93 38.28 -8.41 38.59
CA TYR D 93 37.17 -7.65 38.02
C TYR D 93 35.90 -8.49 38.02
N ALA D 94 34.75 -7.80 38.19
CA ALA D 94 33.47 -8.46 38.40
C ALA D 94 32.36 -7.91 37.52
N GLY D 95 32.69 -7.28 36.39
CA GLY D 95 31.67 -6.79 35.49
C GLY D 95 30.92 -5.58 36.03
N SER D 96 30.39 -4.77 35.12
CA SER D 96 29.63 -3.57 35.47
C SER D 96 30.42 -2.65 36.38
N SER D 97 31.73 -2.54 36.12
CA SER D 97 32.60 -1.64 36.87
C SER D 97 32.59 -1.96 38.37
N ILE D 98 32.67 -3.25 38.70
CA ILE D 98 32.75 -3.73 40.08
C ILE D 98 33.94 -4.66 40.18
N ILE D 99 34.57 -4.68 41.35
CA ILE D 99 35.67 -5.61 41.63
C ILE D 99 35.40 -6.27 42.98
N PHE D 100 35.76 -7.55 43.08
CA PHE D 100 35.54 -8.36 44.27
C PHE D 100 36.87 -8.78 44.87
N PHE D 101 36.91 -8.89 46.20
CA PHE D 101 38.04 -9.41 46.94
C PHE D 101 37.77 -10.82 47.45
N GLY D 102 38.83 -11.47 47.94
CA GLY D 102 38.74 -12.79 48.54
C GLY D 102 38.78 -12.74 50.07
N GLY D 103 38.73 -13.92 50.66
CA GLY D 103 38.69 -14.06 52.11
C GLY D 103 40.01 -14.16 52.82
N GLY D 104 41.09 -14.50 52.13
CA GLY D 104 42.41 -14.58 52.72
C GLY D 104 42.88 -16.01 52.91
N THR D 105 44.20 -16.19 52.98
CA THR D 105 44.83 -17.49 53.14
C THR D 105 46.18 -17.31 53.82
N LYS D 106 46.28 -17.73 55.08
CA LYS D 106 47.56 -17.68 55.78
C LYS D 106 48.47 -18.79 55.28
N LEU D 107 49.77 -18.54 55.40
CA LEU D 107 50.81 -19.45 54.93
C LEU D 107 51.76 -19.78 56.07
N THR D 108 52.43 -20.92 55.95
CA THR D 108 53.38 -21.36 56.95
C THR D 108 54.50 -22.14 56.26
N VAL D 109 55.71 -21.99 56.80
CA VAL D 109 56.89 -22.73 56.34
C VAL D 109 57.49 -23.36 57.59
N ILE D 110 57.20 -24.64 57.82
CA ILE D 110 57.62 -25.30 59.06
C ILE D 110 59.13 -25.49 59.08
N GLU E 2 -17.31 -31.14 -59.36
CA GLU E 2 -15.95 -31.70 -59.09
C GLU E 2 -15.67 -31.77 -57.59
N ASN E 3 -14.82 -32.70 -57.21
CA ASN E 3 -14.57 -32.95 -55.79
C ASN E 3 -13.90 -31.76 -55.14
N LEU E 4 -14.17 -31.58 -53.84
CA LEU E 4 -13.57 -30.54 -53.03
C LEU E 4 -13.14 -31.13 -51.70
N TRP E 5 -12.18 -30.47 -51.06
CA TRP E 5 -11.60 -30.92 -49.80
C TRP E 5 -11.54 -29.73 -48.84
N VAL E 6 -11.59 -30.05 -47.55
CA VAL E 6 -11.46 -28.99 -46.54
C VAL E 6 -10.00 -28.55 -46.49
N THR E 7 -9.77 -27.27 -46.73
CA THR E 7 -8.45 -26.66 -46.70
C THR E 7 -8.44 -25.54 -45.67
N VAL E 8 -7.39 -25.51 -44.85
CA VAL E 8 -7.31 -24.62 -43.70
C VAL E 8 -6.34 -23.49 -44.02
N TYR E 9 -6.75 -22.27 -43.71
CA TYR E 9 -5.99 -21.05 -44.01
C TYR E 9 -5.69 -20.31 -42.73
N TYR E 10 -4.49 -19.74 -42.66
CA TYR E 10 -4.04 -18.93 -41.53
C TYR E 10 -3.68 -17.54 -42.03
N GLY E 11 -3.87 -16.54 -41.17
CA GLY E 11 -3.75 -15.16 -41.58
C GLY E 11 -4.99 -14.62 -42.27
N VAL E 12 -6.15 -15.22 -42.01
CA VAL E 12 -7.39 -14.80 -42.67
C VAL E 12 -7.81 -13.43 -42.14
N PRO E 13 -8.36 -12.52 -42.97
CA PRO E 13 -8.94 -11.27 -42.41
C PRO E 13 -10.38 -11.44 -41.94
N VAL E 14 -10.54 -12.02 -40.75
CA VAL E 14 -11.82 -12.20 -40.09
C VAL E 14 -11.67 -11.74 -38.65
N TRP E 15 -12.72 -11.10 -38.12
CA TRP E 15 -12.73 -10.63 -36.75
C TRP E 15 -14.13 -10.75 -36.16
N LYS E 16 -14.19 -10.66 -34.83
CA LYS E 16 -15.44 -10.55 -34.09
C LYS E 16 -15.26 -9.52 -32.98
N GLU E 17 -16.36 -8.80 -32.67
CA GLU E 17 -16.32 -7.85 -31.57
C GLU E 17 -16.21 -8.57 -30.24
N ALA E 18 -15.45 -7.99 -29.31
CA ALA E 18 -15.24 -8.63 -28.01
C ALA E 18 -14.80 -7.59 -27.00
N LYS E 19 -14.87 -7.98 -25.73
CA LYS E 19 -14.41 -7.14 -24.62
C LYS E 19 -12.92 -7.37 -24.36
N THR E 20 -12.23 -6.30 -23.98
CA THR E 20 -10.82 -6.41 -23.63
C THR E 20 -10.38 -5.08 -23.00
N THR E 21 -9.21 -5.11 -22.38
CA THR E 21 -8.60 -3.88 -21.91
C THR E 21 -8.03 -3.09 -23.09
N LEU E 22 -7.54 -1.89 -22.79
CA LEU E 22 -6.86 -1.05 -23.77
C LEU E 22 -5.69 -0.35 -23.12
N PHE E 23 -4.68 -0.05 -23.93
CA PHE E 23 -3.59 0.80 -23.47
C PHE E 23 -4.04 2.25 -23.47
N CYS E 24 -3.23 3.09 -22.86
CA CYS E 24 -3.29 4.53 -23.05
C CYS E 24 -1.89 5.00 -23.47
N ALA E 25 -1.84 5.90 -24.44
CA ALA E 25 -0.58 6.39 -24.98
C ALA E 25 -0.65 7.91 -25.08
N SER E 26 0.41 8.56 -24.62
CA SER E 26 0.49 10.01 -24.63
C SER E 26 1.18 10.51 -25.90
N ASP E 27 1.10 11.81 -26.12
CA ASP E 27 1.92 12.44 -27.14
C ASP E 27 3.37 12.46 -26.67
N ALA E 28 4.28 12.80 -27.59
CA ALA E 28 5.71 12.62 -27.34
C ALA E 28 6.23 13.49 -26.20
N ARG E 29 5.60 14.62 -25.90
CA ARG E 29 6.14 15.60 -24.96
C ARG E 29 5.63 15.42 -23.54
N ALA E 30 5.20 14.20 -23.16
CA ALA E 30 4.60 13.97 -21.86
C ALA E 30 5.60 13.58 -20.77
N TYR E 31 6.89 13.41 -21.11
CA TYR E 31 7.87 12.84 -20.19
C TYR E 31 9.01 13.77 -19.81
N GLU E 32 8.94 15.05 -20.17
CA GLU E 32 9.87 16.04 -19.63
C GLU E 32 9.47 16.50 -18.22
N LYS E 33 8.31 16.08 -17.73
CA LYS E 33 7.75 16.58 -16.48
C LYS E 33 8.16 15.66 -15.31
N GLU E 34 7.53 15.88 -14.16
CA GLU E 34 7.83 15.12 -12.96
C GLU E 34 7.03 13.81 -12.95
N VAL E 35 7.20 13.05 -11.87
CA VAL E 35 6.38 11.86 -11.67
C VAL E 35 4.97 12.29 -11.29
N HIS E 36 3.97 11.57 -11.82
CA HIS E 36 2.55 11.78 -11.52
C HIS E 36 2.01 13.10 -12.06
N ASN E 37 2.82 13.87 -12.79
CA ASN E 37 2.45 15.19 -13.27
C ASN E 37 2.84 15.32 -14.75
N VAL E 38 1.87 15.31 -15.66
CA VAL E 38 0.43 15.04 -15.58
C VAL E 38 0.35 13.51 -15.51
N TRP E 39 -0.85 12.96 -15.21
CA TRP E 39 -1.02 11.51 -15.22
C TRP E 39 -0.57 10.86 -16.53
N ALA E 40 -0.65 11.60 -17.65
CA ALA E 40 -0.27 11.06 -18.94
C ALA E 40 1.17 10.57 -18.98
N THR E 41 2.05 11.11 -18.14
CA THR E 41 3.42 10.63 -18.07
C THR E 41 3.53 9.25 -17.41
N HIS E 42 2.58 8.89 -16.55
CA HIS E 42 2.69 7.72 -15.70
C HIS E 42 1.92 6.51 -16.23
N ALA E 43 0.61 6.65 -16.44
CA ALA E 43 -0.20 5.49 -16.81
C ALA E 43 0.00 5.08 -18.26
N CYS E 44 0.67 5.89 -19.07
CA CYS E 44 0.68 5.72 -20.51
C CYS E 44 2.11 5.60 -21.06
N VAL E 45 2.18 5.22 -22.33
CA VAL E 45 3.41 4.93 -23.06
C VAL E 45 3.58 6.02 -24.12
N PRO E 46 4.79 6.33 -24.60
CA PRO E 46 4.86 7.20 -25.79
C PRO E 46 4.18 6.56 -26.98
N THR E 47 3.36 7.34 -27.67
CA THR E 47 2.71 6.87 -28.89
C THR E 47 3.63 7.10 -30.09
N ASP E 48 3.41 6.29 -31.13
CA ASP E 48 4.05 6.46 -32.42
C ASP E 48 2.96 6.73 -33.44
N PRO E 49 2.87 7.93 -34.04
CA PRO E 49 1.80 8.17 -35.03
C PRO E 49 1.87 7.24 -36.23
N SER E 50 3.04 6.70 -36.56
CA SER E 50 3.16 5.73 -37.63
C SER E 50 2.88 4.33 -37.10
N PRO E 51 2.15 3.45 -37.83
CA PRO E 51 1.46 3.66 -39.12
C PRO E 51 0.18 4.46 -38.96
N GLN E 52 -0.24 5.16 -40.00
CA GLN E 52 -1.42 6.01 -39.95
C GLN E 52 -2.66 5.20 -40.34
N GLU E 53 -3.77 5.87 -40.58
CA GLU E 53 -5.04 5.18 -40.78
C GLU E 53 -5.05 4.39 -42.08
N LEU E 54 -5.87 3.35 -42.11
CA LEU E 54 -6.15 2.57 -43.31
C LEU E 54 -7.66 2.48 -43.48
N VAL E 55 -8.11 2.53 -44.73
CA VAL E 55 -9.52 2.46 -45.08
C VAL E 55 -9.79 1.11 -45.73
N LEU E 56 -10.81 0.42 -45.24
CA LEU E 56 -11.22 -0.88 -45.77
C LEU E 56 -12.32 -0.64 -46.79
N GLY E 57 -12.12 -1.16 -48.01
CA GLY E 57 -12.86 -0.68 -49.16
C GLY E 57 -14.24 -1.25 -49.39
N ASN E 58 -14.60 -2.37 -48.73
CA ASN E 58 -15.85 -3.05 -49.08
C ASN E 58 -16.61 -3.59 -47.87
N VAL E 59 -16.38 -3.05 -46.67
CA VAL E 59 -16.94 -3.60 -45.43
C VAL E 59 -17.88 -2.59 -44.79
N THR E 60 -18.93 -3.11 -44.17
CA THR E 60 -19.92 -2.33 -43.43
C THR E 60 -20.15 -3.01 -42.08
N GLU E 61 -20.31 -2.20 -41.04
CA GLU E 61 -20.40 -2.73 -39.69
C GLU E 61 -21.32 -1.87 -38.82
N ASN E 62 -21.93 -2.52 -37.84
CA ASN E 62 -22.77 -1.84 -36.87
C ASN E 62 -21.91 -1.17 -35.81
N PHE E 63 -22.13 0.12 -35.59
CA PHE E 63 -21.51 0.87 -34.51
C PHE E 63 -22.59 1.30 -33.52
N ASN E 64 -22.34 1.08 -32.24
CA ASN E 64 -23.30 1.39 -31.18
C ASN E 64 -22.60 2.25 -30.14
N MET E 65 -22.97 3.53 -30.08
CA MET E 65 -22.30 4.46 -29.17
C MET E 65 -22.58 4.10 -27.71
N TRP E 66 -23.85 3.86 -27.38
CA TRP E 66 -24.25 3.80 -25.98
C TRP E 66 -23.95 2.46 -25.33
N LYS E 67 -23.67 1.41 -26.11
CA LYS E 67 -23.25 0.12 -25.57
C LYS E 67 -21.74 -0.07 -25.60
N ASN E 68 -20.98 0.96 -25.96
CA ASN E 68 -19.54 0.86 -26.07
C ASN E 68 -18.94 0.71 -24.68
N ASP E 69 -18.21 -0.38 -24.45
CA ASP E 69 -17.51 -0.57 -23.18
C ASP E 69 -16.26 0.30 -23.07
N MET E 70 -15.84 0.94 -24.17
CA MET E 70 -14.64 1.76 -24.13
C MET E 70 -14.79 2.92 -23.15
N VAL E 71 -15.96 3.58 -23.16
CA VAL E 71 -16.19 4.64 -22.18
C VAL E 71 -16.28 4.05 -20.77
N ASP E 72 -16.85 2.85 -20.64
CA ASP E 72 -16.95 2.21 -19.34
C ASP E 72 -15.58 1.91 -18.75
N GLN E 73 -14.57 1.66 -19.59
CA GLN E 73 -13.21 1.44 -19.12
C GLN E 73 -12.46 2.77 -18.94
N MET E 74 -12.77 3.76 -19.78
CA MET E 74 -12.32 5.13 -19.54
C MET E 74 -12.67 5.58 -18.13
N HIS E 75 -13.90 5.29 -17.70
CA HIS E 75 -14.37 5.68 -16.39
C HIS E 75 -13.51 5.06 -15.28
N GLU E 76 -13.32 3.74 -15.35
CA GLU E 76 -12.53 3.07 -14.32
C GLU E 76 -11.09 3.55 -14.33
N ASP E 77 -10.51 3.73 -15.52
CA ASP E 77 -9.13 4.19 -15.63
C ASP E 77 -8.96 5.55 -14.99
N ILE E 78 -9.83 6.50 -15.34
CA ILE E 78 -9.67 7.86 -14.83
C ILE E 78 -9.94 7.91 -13.33
N ILE E 79 -10.94 7.14 -12.86
CA ILE E 79 -11.24 7.13 -11.44
C ILE E 79 -10.06 6.58 -10.64
N SER E 80 -9.54 5.42 -11.06
CA SER E 80 -8.41 4.83 -10.35
C SER E 80 -7.16 5.69 -10.48
N LEU E 81 -7.01 6.39 -11.59
CA LEU E 81 -5.81 7.17 -11.82
C LEU E 81 -5.83 8.48 -11.04
N TRP E 82 -7.01 9.06 -10.81
CA TRP E 82 -7.07 10.16 -9.85
C TRP E 82 -6.87 9.65 -8.43
N ASP E 83 -7.51 8.53 -8.08
CA ASP E 83 -7.48 8.03 -6.72
C ASP E 83 -6.06 7.74 -6.28
N GLN E 84 -5.21 7.30 -7.21
CA GLN E 84 -3.82 7.01 -6.90
C GLN E 84 -3.06 8.28 -6.52
N SER E 85 -3.30 9.38 -7.24
CA SER E 85 -2.46 10.57 -7.09
C SER E 85 -2.62 11.22 -5.71
N LEU E 86 -3.76 11.04 -5.07
CA LEU E 86 -4.03 11.67 -3.77
C LEU E 86 -3.58 10.81 -2.59
N LYS E 87 -2.74 9.79 -2.84
CA LYS E 87 -2.19 9.00 -1.74
C LYS E 87 -1.11 9.77 -0.97
N PRO E 88 -0.01 10.19 -1.59
CA PRO E 88 1.07 10.81 -0.80
C PRO E 88 0.72 12.17 -0.24
N CYS E 89 -0.21 12.90 -0.85
CA CYS E 89 -0.47 14.27 -0.43
C CYS E 89 -1.04 14.32 0.97
N VAL E 90 -0.82 15.45 1.64
CA VAL E 90 -1.13 15.60 3.06
C VAL E 90 -2.64 15.47 3.25
N LYS E 91 -3.05 14.56 4.15
CA LYS E 91 -4.48 14.27 4.34
C LYS E 91 -5.12 15.10 5.44
N LEU E 92 -4.85 16.41 5.48
CA LEU E 92 -5.37 17.38 6.44
C LEU E 92 -5.54 16.78 7.84
N THR E 93 -6.70 17.00 8.51
CA THR E 93 -7.25 16.35 9.71
C THR E 93 -7.07 17.20 10.97
N PRO E 94 -5.92 17.85 11.23
CA PRO E 94 -5.89 18.83 12.33
C PRO E 94 -6.77 20.06 12.10
N LEU E 95 -7.30 20.24 10.89
CA LEU E 95 -8.18 21.36 10.59
C LEU E 95 -9.63 21.09 10.96
N CYS E 96 -9.96 19.90 11.46
CA CYS E 96 -11.27 19.64 12.05
C CYS E 96 -11.32 20.23 13.46
N VAL E 97 -11.43 21.56 13.51
CA VAL E 97 -11.47 22.30 14.77
C VAL E 97 -12.48 23.43 14.67
N THR E 98 -12.77 24.03 15.81
CA THR E 98 -13.68 25.15 15.91
C THR E 98 -13.08 26.39 15.26
N LEU E 99 -13.72 26.89 14.21
CA LEU E 99 -13.21 28.03 13.45
C LEU E 99 -13.97 29.28 13.87
N ILE E 100 -13.26 30.24 14.47
CA ILE E 100 -13.85 31.49 14.92
C ILE E 100 -13.57 32.55 13.85
N CYS E 101 -14.64 33.19 13.36
CA CYS E 101 -14.59 33.96 12.13
C CYS E 101 -15.25 35.32 12.31
N SER E 102 -14.88 36.24 11.42
CA SER E 102 -15.46 37.58 11.33
C SER E 102 -15.86 37.85 9.89
N ASN E 103 -16.72 38.86 9.70
CA ASN E 103 -17.44 39.06 8.44
C ASN E 103 -16.94 40.24 7.61
N ALA E 104 -16.58 41.35 8.24
CA ALA E 104 -16.19 42.58 7.55
C ALA E 104 -17.37 43.17 6.78
N THR E 105 -17.11 44.22 6.00
CA THR E 105 -18.15 45.09 5.46
C THR E 105 -18.05 45.15 3.94
N VAL E 106 -19.14 44.77 3.25
CA VAL E 106 -19.27 44.96 1.81
C VAL E 106 -20.58 45.66 1.49
N LYS E 107 -21.70 45.16 2.05
CA LYS E 107 -23.00 45.82 2.02
C LYS E 107 -23.68 45.87 0.65
N ASN E 108 -23.02 45.39 -0.41
CA ASN E 108 -23.60 45.48 -1.75
C ASN E 108 -24.40 44.24 -2.12
N GLY E 109 -23.82 43.05 -1.93
CA GLY E 109 -24.42 41.82 -2.38
C GLY E 109 -24.08 41.43 -3.80
N THR E 110 -23.55 42.35 -4.60
CA THR E 110 -23.08 42.00 -5.93
C THR E 110 -21.76 41.24 -5.89
N VAL E 111 -20.96 41.41 -4.84
CA VAL E 111 -19.67 40.74 -4.67
C VAL E 111 -19.65 40.12 -3.27
N GLU E 112 -18.84 39.09 -3.11
CA GLU E 112 -19.07 38.09 -2.06
C GLU E 112 -18.27 38.28 -0.78
N GLU E 113 -17.09 38.95 -0.84
CA GLU E 113 -16.07 38.85 0.20
C GLU E 113 -15.56 37.42 0.35
N MET E 114 -14.57 37.23 1.21
CA MET E 114 -14.20 35.94 1.77
C MET E 114 -14.26 36.03 3.29
N LYS E 115 -14.75 34.97 3.92
CA LYS E 115 -14.84 34.98 5.38
C LYS E 115 -13.47 34.75 5.99
N ASN E 116 -13.13 35.60 6.96
CA ASN E 116 -11.85 35.55 7.67
C ASN E 116 -12.02 34.70 8.92
N CYS E 117 -11.38 33.53 8.93
CA CYS E 117 -11.49 32.57 10.02
C CYS E 117 -10.12 32.33 10.65
N SER E 118 -10.13 32.04 11.95
CA SER E 118 -8.91 31.87 12.75
C SER E 118 -9.01 30.58 13.54
N PHE E 119 -7.86 30.00 13.88
CA PHE E 119 -7.85 28.69 14.51
C PHE E 119 -6.53 28.42 15.21
N ASN E 120 -6.61 27.57 16.25
CA ASN E 120 -5.44 27.11 16.99
C ASN E 120 -4.86 25.90 16.28
N THR E 121 -3.57 25.96 15.97
CA THR E 121 -2.91 24.97 15.13
C THR E 121 -1.97 24.10 15.95
N THR E 122 -2.06 22.80 15.76
CA THR E 122 -1.06 21.87 16.29
C THR E 122 0.20 22.02 15.45
N THR E 123 1.15 22.80 15.94
CA THR E 123 2.31 23.14 15.13
C THR E 123 3.24 21.92 15.01
N GLU E 124 4.39 22.15 14.38
CA GLU E 124 5.25 21.03 13.98
C GLU E 124 5.93 20.37 15.17
N ILE E 125 5.82 20.94 16.37
CA ILE E 125 6.35 20.36 17.60
C ILE E 125 5.16 19.92 18.45
N ARG E 126 4.07 19.53 17.79
CA ARG E 126 2.85 19.02 18.42
C ARG E 126 2.30 19.93 19.51
N ASP E 127 2.63 19.66 20.78
CA ASP E 127 1.86 20.17 21.91
C ASP E 127 2.25 21.58 22.32
N LYS E 128 2.32 22.50 21.35
CA LYS E 128 2.57 23.91 21.65
C LYS E 128 1.85 24.71 20.55
N GLU E 129 0.60 25.08 20.84
CA GLU E 129 -0.26 25.61 19.79
C GLU E 129 0.03 27.09 19.54
N LYS E 130 -0.40 27.55 18.36
CA LYS E 130 -0.39 28.96 18.01
C LYS E 130 -1.60 29.25 17.13
N LYS E 131 -2.24 30.39 17.34
CA LYS E 131 -3.41 30.73 16.56
C LYS E 131 -3.00 31.19 15.17
N GLU E 132 -3.77 30.78 14.16
CA GLU E 132 -3.49 31.07 12.77
C GLU E 132 -4.81 31.35 12.05
N TYR E 133 -4.74 32.15 10.99
CA TYR E 133 -5.92 32.58 10.25
C TYR E 133 -5.73 32.38 8.76
N ALA E 134 -6.84 32.21 8.06
CA ALA E 134 -6.85 32.06 6.62
C ALA E 134 -8.21 32.46 6.08
N LEU E 135 -8.24 32.87 4.81
CA LEU E 135 -9.48 33.21 4.14
C LEU E 135 -10.08 31.96 3.50
N PHE E 136 -11.39 31.77 3.68
CA PHE E 136 -12.12 30.65 3.13
C PHE E 136 -13.31 31.13 2.32
N TYR E 137 -13.51 30.53 1.15
CA TYR E 137 -14.72 30.79 0.39
C TYR E 137 -15.93 30.29 1.17
N LYS E 138 -17.01 31.08 1.14
CA LYS E 138 -18.19 30.78 1.95
C LYS E 138 -18.81 29.41 1.67
N PRO E 139 -18.89 28.91 0.43
CA PRO E 139 -19.44 27.55 0.23
C PRO E 139 -18.69 26.46 0.98
N ASP E 140 -17.44 26.69 1.35
CA ASP E 140 -16.62 25.68 2.01
C ASP E 140 -16.68 25.75 3.53
N ILE E 141 -17.57 26.57 4.09
CA ILE E 141 -17.66 26.77 5.54
C ILE E 141 -19.13 26.73 5.95
N VAL E 142 -19.40 26.14 7.10
CA VAL E 142 -20.75 25.97 7.63
C VAL E 142 -20.72 26.37 9.10
N PRO E 143 -21.80 26.93 9.67
CA PRO E 143 -21.81 27.14 11.12
C PRO E 143 -21.78 25.82 11.87
N LEU E 144 -21.14 25.85 13.05
CA LEU E 144 -20.86 24.61 13.76
C LEU E 144 -22.12 24.01 14.39
N SER E 145 -23.01 24.84 14.91
CA SER E 145 -24.11 24.33 15.73
C SER E 145 -25.34 25.23 15.58
N GLU E 146 -26.48 24.67 15.99
CA GLU E 146 -27.74 25.41 15.97
C GLU E 146 -27.81 26.52 17.00
N THR E 147 -26.85 26.60 17.92
CA THR E 147 -26.87 27.62 18.96
C THR E 147 -26.78 29.02 18.35
N ASN E 148 -27.07 30.02 19.17
CA ASN E 148 -27.13 31.41 18.72
C ASN E 148 -25.77 31.99 18.38
N ASN E 149 -24.67 31.32 18.70
CA ASN E 149 -23.33 31.82 18.40
C ASN E 149 -23.15 31.89 16.89
N THR E 150 -23.11 33.11 16.35
CA THR E 150 -22.88 33.34 14.94
C THR E 150 -21.40 33.50 14.61
N SER E 151 -20.50 33.06 15.49
CA SER E 151 -19.07 33.25 15.34
C SER E 151 -18.26 31.98 15.53
N GLU E 152 -18.87 30.81 15.38
CA GLU E 152 -18.18 29.52 15.45
C GLU E 152 -18.57 28.71 14.22
N TYR E 153 -17.57 28.26 13.47
CA TYR E 153 -17.79 27.66 12.17
C TYR E 153 -16.99 26.36 12.03
N ARG E 154 -17.43 25.53 11.09
CA ARG E 154 -16.80 24.26 10.77
C ARG E 154 -16.71 24.12 9.26
N LEU E 155 -15.67 23.42 8.80
CA LEU E 155 -15.55 23.13 7.38
C LEU E 155 -16.69 22.22 6.93
N ILE E 156 -16.80 22.03 5.61
CA ILE E 156 -17.81 21.15 5.04
C ILE E 156 -17.25 19.73 4.96
N ASN E 157 -16.08 19.51 5.56
CA ASN E 157 -15.60 18.17 5.87
C ASN E 157 -16.05 17.86 7.30
N CYS E 158 -15.48 16.83 7.90
CA CYS E 158 -15.52 16.55 9.33
C CYS E 158 -16.87 15.95 9.74
N ASN E 159 -17.85 15.92 8.82
CA ASN E 159 -19.16 15.37 9.08
C ASN E 159 -19.41 14.15 8.19
N THR E 160 -18.87 14.19 6.98
CA THR E 160 -19.06 13.17 5.96
C THR E 160 -17.82 12.30 5.76
N SER E 161 -16.64 12.92 5.62
CA SER E 161 -15.43 12.18 5.32
C SER E 161 -14.22 13.02 5.67
N ALA E 162 -13.08 12.35 5.83
CA ALA E 162 -11.81 13.03 5.90
C ALA E 162 -11.38 13.44 4.49
N CYS E 163 -10.54 14.46 4.41
CA CYS E 163 -10.22 15.12 3.15
C CYS E 163 -8.72 15.34 3.04
N THR E 164 -8.26 15.49 1.80
CA THR E 164 -6.84 15.56 1.48
C THR E 164 -6.56 16.74 0.56
N GLN E 165 -5.40 17.36 0.76
CA GLN E 165 -4.97 18.44 -0.10
C GLN E 165 -4.41 17.88 -1.41
N ALA E 166 -4.64 18.60 -2.51
CA ALA E 166 -4.00 18.26 -3.77
C ALA E 166 -2.56 18.77 -3.76
N CYS E 167 -1.64 17.92 -4.18
CA CYS E 167 -0.22 18.29 -4.15
C CYS E 167 0.03 19.45 -5.13
N PRO E 168 0.89 20.41 -4.79
CA PRO E 168 1.08 21.54 -5.71
C PRO E 168 1.80 21.16 -6.99
N LYS E 169 2.56 20.08 -6.99
CA LYS E 169 3.41 19.74 -8.14
C LYS E 169 2.69 18.90 -9.19
N VAL E 170 1.45 18.49 -8.95
CA VAL E 170 0.64 17.78 -9.93
C VAL E 170 -0.46 18.71 -10.42
N THR E 171 -0.60 18.82 -11.74
CA THR E 171 -1.49 19.78 -12.37
C THR E 171 -2.75 19.09 -12.89
N PHE E 172 -3.79 19.91 -13.08
CA PHE E 172 -5.10 19.47 -13.53
C PHE E 172 -5.29 19.59 -15.04
N GLU E 173 -4.29 20.07 -15.77
CA GLU E 173 -4.47 20.35 -17.20
C GLU E 173 -4.63 19.02 -17.95
N PRO E 174 -5.67 18.85 -18.79
CA PRO E 174 -5.80 17.58 -19.52
C PRO E 174 -4.81 17.42 -20.66
N ILE E 175 -3.81 16.57 -20.47
CA ILE E 175 -2.93 16.16 -21.57
C ILE E 175 -3.70 15.19 -22.47
N PRO E 176 -3.63 15.29 -23.80
CA PRO E 176 -4.36 14.34 -24.64
C PRO E 176 -3.92 12.90 -24.42
N ILE E 177 -4.88 11.98 -24.48
CA ILE E 177 -4.67 10.56 -24.21
C ILE E 177 -5.12 9.77 -25.42
N HIS E 178 -4.27 8.86 -25.89
CA HIS E 178 -4.57 7.98 -27.01
C HIS E 178 -4.75 6.56 -26.47
N TYR E 179 -5.93 5.98 -26.68
CA TYR E 179 -6.21 4.61 -26.27
C TYR E 179 -5.82 3.63 -27.34
N CYS E 180 -4.86 2.75 -27.03
CA CYS E 180 -4.21 1.93 -28.04
C CYS E 180 -4.47 0.46 -27.77
N ALA E 181 -4.59 -0.28 -28.87
CA ALA E 181 -5.08 -1.64 -28.78
C ALA E 181 -3.94 -2.62 -28.52
N PRO E 182 -4.20 -3.74 -27.83
CA PRO E 182 -3.16 -4.77 -27.67
C PRO E 182 -3.06 -5.64 -28.91
N ALA E 183 -2.09 -6.56 -28.87
CA ALA E 183 -1.91 -7.48 -29.98
C ALA E 183 -3.11 -8.41 -30.10
N GLY E 184 -3.44 -8.75 -31.34
CA GLY E 184 -4.58 -9.60 -31.62
C GLY E 184 -5.91 -8.89 -31.69
N TYR E 185 -5.95 -7.58 -31.44
CA TYR E 185 -7.15 -6.78 -31.52
C TYR E 185 -6.92 -5.59 -32.43
N ALA E 186 -8.02 -5.02 -32.94
CA ALA E 186 -7.98 -3.85 -33.80
C ALA E 186 -9.09 -2.90 -33.41
N ILE E 187 -8.91 -1.63 -33.76
CA ILE E 187 -9.90 -0.57 -33.52
C ILE E 187 -10.46 -0.13 -34.86
N LEU E 188 -11.79 -0.15 -34.98
CA LEU E 188 -12.46 0.25 -36.21
C LEU E 188 -13.00 1.67 -36.06
N LYS E 189 -12.60 2.55 -36.98
CA LYS E 189 -13.00 3.95 -36.97
C LYS E 189 -14.08 4.13 -38.02
N CYS E 190 -15.28 4.50 -37.58
CA CYS E 190 -16.35 4.82 -38.51
C CYS E 190 -16.02 6.11 -39.24
N ASN E 191 -15.67 5.99 -40.53
CA ASN E 191 -15.20 7.12 -41.31
C ASN E 191 -16.33 7.94 -41.93
N ASP E 192 -17.58 7.57 -41.70
CA ASP E 192 -18.70 8.37 -42.17
C ASP E 192 -18.78 9.65 -41.36
N GLU E 193 -18.83 10.79 -42.04
CA GLU E 193 -18.75 12.09 -41.38
C GLU E 193 -20.09 12.63 -40.91
N THR E 194 -21.19 11.88 -41.11
CA THR E 194 -22.51 12.28 -40.65
C THR E 194 -23.19 11.19 -39.81
N PHE E 195 -22.41 10.30 -39.20
CA PHE E 195 -22.99 9.17 -38.48
C PHE E 195 -23.70 9.65 -37.22
N ASN E 196 -24.90 9.10 -36.97
CA ASN E 196 -25.73 9.60 -35.88
C ASN E 196 -25.39 8.96 -34.54
N GLY E 197 -24.94 7.70 -34.55
CA GLY E 197 -24.48 7.04 -33.34
C GLY E 197 -24.84 5.57 -33.19
N THR E 198 -25.92 5.13 -33.84
CA THR E 198 -26.37 3.74 -33.75
C THR E 198 -26.86 3.29 -35.11
N GLY E 199 -26.06 2.45 -35.78
CA GLY E 199 -26.45 1.90 -37.05
C GLY E 199 -25.26 1.40 -37.85
N PRO E 200 -25.52 0.88 -39.05
CA PRO E 200 -24.44 0.34 -39.88
C PRO E 200 -23.60 1.42 -40.55
N CYS E 201 -22.32 1.51 -40.19
CA CYS E 201 -21.41 2.45 -40.84
C CYS E 201 -21.00 1.88 -42.19
N SER E 202 -21.27 2.63 -43.26
CA SER E 202 -20.96 2.19 -44.61
C SER E 202 -19.53 2.53 -45.06
N ASN E 203 -18.72 3.13 -44.18
CA ASN E 203 -17.31 3.42 -44.47
C ASN E 203 -16.55 3.21 -43.17
N VAL E 204 -15.86 2.08 -43.07
CA VAL E 204 -15.17 1.66 -41.84
C VAL E 204 -13.68 1.66 -42.11
N SER E 205 -12.93 2.39 -41.30
CA SER E 205 -11.49 2.42 -41.32
C SER E 205 -10.93 1.65 -40.13
N THR E 206 -9.62 1.51 -40.10
CA THR E 206 -8.91 0.94 -38.97
C THR E 206 -7.65 1.74 -38.73
N VAL E 207 -7.33 1.94 -37.46
CA VAL E 207 -6.23 2.80 -37.04
C VAL E 207 -5.40 2.02 -36.04
N GLN E 208 -4.10 2.31 -35.99
CA GLN E 208 -3.29 1.74 -34.92
C GLN E 208 -3.86 2.10 -33.56
N CYS E 209 -4.13 3.38 -33.31
CA CYS E 209 -4.88 3.74 -32.13
C CYS E 209 -5.44 5.16 -32.19
N THR E 210 -6.40 5.40 -31.29
CA THR E 210 -7.32 6.51 -31.37
C THR E 210 -6.63 7.86 -31.24
N HIS E 211 -7.28 8.88 -31.78
CA HIS E 211 -6.80 10.24 -31.65
C HIS E 211 -6.94 10.72 -30.20
N GLY E 212 -6.15 11.74 -29.86
CA GLY E 212 -6.08 12.23 -28.49
C GLY E 212 -7.40 12.72 -27.94
N ILE E 213 -7.77 12.20 -26.78
CA ILE E 213 -8.97 12.63 -26.07
C ILE E 213 -8.59 13.63 -24.99
N ARG E 214 -9.35 14.71 -24.89
CA ARG E 214 -9.21 15.65 -23.79
C ARG E 214 -10.18 15.26 -22.68
N PRO E 215 -9.72 14.61 -21.59
CA PRO E 215 -10.65 14.32 -20.50
C PRO E 215 -10.93 15.54 -19.65
N VAL E 216 -11.61 16.52 -20.23
CA VAL E 216 -11.95 17.76 -19.54
C VAL E 216 -13.25 17.51 -18.77
N VAL E 217 -13.22 17.73 -17.46
CA VAL E 217 -14.38 17.51 -16.62
C VAL E 217 -15.26 18.76 -16.68
N SER E 218 -16.50 18.59 -17.11
CA SER E 218 -17.44 19.69 -17.23
C SER E 218 -18.86 19.14 -17.24
N THR E 219 -19.79 19.90 -16.67
CA THR E 219 -21.12 19.40 -16.40
C THR E 219 -22.11 19.73 -17.52
N GLN E 220 -22.34 21.02 -17.79
CA GLN E 220 -23.38 21.39 -18.73
C GLN E 220 -22.84 21.42 -20.16
N LEU E 221 -21.88 22.28 -20.42
CA LEU E 221 -21.27 22.42 -21.74
C LEU E 221 -20.08 21.49 -21.88
N LEU E 222 -19.72 21.19 -23.12
CA LEU E 222 -18.53 20.41 -23.45
C LEU E 222 -17.47 21.36 -23.99
N LEU E 223 -16.44 21.60 -23.19
CA LEU E 223 -15.34 22.48 -23.57
C LEU E 223 -14.38 21.69 -24.46
N ASN E 224 -13.15 22.21 -24.65
CA ASN E 224 -12.22 21.85 -25.73
C ASN E 224 -12.30 20.38 -26.14
N GLY E 225 -12.63 20.15 -27.41
CA GLY E 225 -12.87 18.80 -27.87
C GLY E 225 -13.12 18.78 -29.36
N SER E 226 -13.75 17.70 -29.81
CA SER E 226 -13.94 17.46 -31.23
C SER E 226 -15.09 18.30 -31.78
N LEU E 227 -14.92 18.80 -33.00
CA LEU E 227 -15.94 19.56 -33.72
C LEU E 227 -16.57 18.68 -34.79
N ALA E 228 -17.85 18.88 -35.03
CA ALA E 228 -18.54 18.12 -36.07
C ALA E 228 -17.95 18.45 -37.44
N GLU E 229 -17.97 17.45 -38.33
CA GLU E 229 -17.33 17.61 -39.63
C GLU E 229 -18.10 18.56 -40.55
N LYS E 230 -19.43 18.43 -40.62
CA LYS E 230 -20.22 19.13 -41.62
C LYS E 230 -21.37 19.93 -41.04
N GLU E 231 -22.03 19.41 -40.01
CA GLU E 231 -23.22 20.06 -39.47
C GLU E 231 -23.37 19.68 -38.00
N ILE E 232 -24.35 20.31 -37.36
CA ILE E 232 -24.69 19.98 -35.98
C ILE E 232 -25.47 18.67 -36.00
N VAL E 233 -24.94 17.65 -35.33
CA VAL E 233 -25.59 16.34 -35.21
C VAL E 233 -25.94 16.11 -33.76
N ILE E 234 -27.12 15.54 -33.53
CA ILE E 234 -27.66 15.31 -32.19
C ILE E 234 -27.83 13.82 -31.99
N ARG E 235 -27.62 13.36 -30.76
CA ARG E 235 -27.54 11.95 -30.43
C ARG E 235 -28.31 11.67 -29.14
N SER E 236 -29.19 10.69 -29.18
CA SER E 236 -29.92 10.27 -27.99
C SER E 236 -30.41 8.84 -28.20
N GLU E 237 -30.74 8.18 -27.09
CA GLU E 237 -31.23 6.80 -27.17
C GLU E 237 -32.71 6.75 -27.50
N ASN E 238 -33.52 7.51 -26.78
CA ASN E 238 -34.98 7.45 -26.93
C ASN E 238 -35.52 8.84 -26.60
N LEU E 239 -35.81 9.63 -27.63
CA LEU E 239 -36.32 10.98 -27.42
C LEU E 239 -37.78 10.99 -26.99
N THR E 240 -38.53 9.91 -27.21
CA THR E 240 -39.91 9.86 -26.73
C THR E 240 -39.98 9.88 -25.22
N ASN E 241 -39.10 9.10 -24.56
CA ASN E 241 -38.95 9.16 -23.10
C ASN E 241 -37.88 10.21 -22.82
N ASN E 242 -38.33 11.37 -22.32
CA ASN E 242 -37.47 12.55 -22.24
C ASN E 242 -36.32 12.39 -21.25
N ALA E 243 -36.40 11.41 -20.34
CA ALA E 243 -35.42 11.32 -19.27
C ALA E 243 -34.01 11.00 -19.77
N LYS E 244 -33.87 10.48 -20.99
CA LYS E 244 -32.56 10.13 -21.50
C LYS E 244 -31.82 11.39 -21.94
N ILE E 245 -30.51 11.43 -21.66
CA ILE E 245 -29.72 12.61 -22.00
C ILE E 245 -29.57 12.71 -23.52
N ILE E 246 -29.53 13.95 -24.01
CA ILE E 246 -29.30 14.26 -25.42
C ILE E 246 -27.93 14.90 -25.53
N ILE E 247 -27.12 14.40 -26.46
CA ILE E 247 -25.80 14.97 -26.76
C ILE E 247 -25.93 15.78 -28.04
N VAL E 248 -25.58 17.07 -27.96
CA VAL E 248 -25.52 17.95 -29.12
C VAL E 248 -24.06 18.17 -29.46
N HIS E 249 -23.73 18.12 -30.74
CA HIS E 249 -22.36 18.17 -31.23
C HIS E 249 -22.25 19.35 -32.20
N LEU E 250 -21.44 20.35 -31.85
CA LEU E 250 -21.37 21.59 -32.59
C LEU E 250 -20.36 21.51 -33.73
N HIS E 251 -20.68 22.18 -34.84
CA HIS E 251 -19.75 22.29 -35.96
C HIS E 251 -18.81 23.49 -35.75
N THR E 252 -19.38 24.68 -35.61
CA THR E 252 -18.61 25.90 -35.35
C THR E 252 -18.46 26.13 -33.86
N PRO E 253 -17.26 26.36 -33.31
CA PRO E 253 -17.15 26.54 -31.86
C PRO E 253 -17.72 27.88 -31.41
N VAL E 254 -18.14 27.91 -30.14
CA VAL E 254 -18.54 29.13 -29.46
C VAL E 254 -17.47 29.46 -28.44
N GLU E 255 -16.87 30.64 -28.56
CA GLU E 255 -15.74 31.02 -27.72
C GLU E 255 -16.23 31.52 -26.36
N ILE E 256 -15.54 31.07 -25.31
CA ILE E 256 -15.87 31.43 -23.93
C ILE E 256 -14.57 31.79 -23.22
N VAL E 257 -14.62 32.84 -22.40
CA VAL E 257 -13.48 33.28 -21.59
C VAL E 257 -13.99 33.60 -20.19
N CYS E 258 -13.30 33.07 -19.17
CA CYS E 258 -13.64 33.33 -17.78
C CYS E 258 -12.40 33.82 -17.04
N THR E 259 -12.64 34.64 -16.02
CA THR E 259 -11.56 35.24 -15.24
C THR E 259 -11.94 35.31 -13.78
N ARG E 260 -10.93 35.37 -12.92
CA ARG E 260 -11.08 35.73 -11.52
C ARG E 260 -10.28 37.00 -11.29
N PRO E 261 -10.89 38.20 -11.28
CA PRO E 261 -10.07 39.42 -11.15
C PRO E 261 -9.44 39.61 -9.78
N ASN E 262 -9.81 38.83 -8.78
CA ASN E 262 -9.23 38.98 -7.46
C ASN E 262 -7.77 38.55 -7.47
N ASN E 263 -6.89 39.39 -6.91
CA ASN E 263 -5.46 39.11 -6.84
C ASN E 263 -5.17 38.48 -5.48
N ASN E 264 -5.40 37.17 -5.41
CA ASN E 264 -5.17 36.43 -4.17
C ASN E 264 -3.68 36.26 -3.91
N THR E 265 -3.34 36.06 -2.63
CA THR E 265 -1.97 35.81 -2.20
C THR E 265 -1.97 34.66 -1.20
N ARG E 266 -0.96 33.81 -1.31
CA ARG E 266 -0.97 32.55 -0.58
C ARG E 266 -0.40 32.70 0.83
N LYS E 267 -0.67 31.69 1.66
CA LYS E 267 -0.23 31.63 3.03
C LYS E 267 0.08 30.18 3.36
N SER E 268 0.99 29.97 4.31
CA SER E 268 1.45 28.63 4.69
C SER E 268 1.16 28.38 6.17
N VAL E 269 0.74 27.17 6.48
CA VAL E 269 0.47 26.73 7.84
C VAL E 269 1.06 25.34 8.03
N ARG E 270 1.66 25.10 9.19
CA ARG E 270 2.22 23.79 9.51
C ARG E 270 1.14 22.88 10.07
N ILE E 271 1.12 21.64 9.57
CA ILE E 271 0.14 20.64 9.98
C ILE E 271 0.92 19.40 10.43
N GLY E 272 1.27 19.34 11.72
CA GLY E 272 2.11 18.29 12.21
C GLY E 272 3.54 18.45 11.73
N PRO E 273 4.36 17.41 11.87
CA PRO E 273 5.79 17.55 11.54
C PRO E 273 6.05 17.46 10.05
N GLY E 274 6.78 18.45 9.54
CA GLY E 274 7.39 18.36 8.23
C GLY E 274 6.47 18.44 7.03
N GLN E 275 5.26 18.99 7.19
CA GLN E 275 4.32 19.09 6.09
C GLN E 275 3.48 20.35 6.27
N THR E 276 3.06 20.92 5.14
CA THR E 276 2.47 22.26 5.08
C THR E 276 1.09 22.22 4.46
N PHE E 277 0.26 23.19 4.84
CA PHE E 277 -1.08 23.37 4.28
C PHE E 277 -1.19 24.79 3.73
N TYR E 278 -1.36 24.91 2.42
CA TYR E 278 -1.39 26.21 1.78
C TYR E 278 -2.80 26.80 1.84
N ALA E 279 -2.87 28.12 1.97
CA ALA E 279 -4.15 28.80 2.14
C ALA E 279 -4.05 30.22 1.62
N THR E 280 -5.21 30.83 1.39
CA THR E 280 -5.28 32.22 0.97
C THR E 280 -5.08 33.12 2.18
N GLY E 281 -4.18 34.11 2.05
CA GLY E 281 -3.81 34.97 3.16
C GLY E 281 -4.23 36.42 2.97
N ASP E 282 -4.31 36.89 1.72
CA ASP E 282 -4.60 38.28 1.44
C ASP E 282 -5.28 38.39 0.08
N ILE E 283 -5.96 39.53 -0.11
CA ILE E 283 -6.57 39.88 -1.39
C ILE E 283 -6.08 41.29 -1.70
N ILE E 284 -5.09 41.40 -2.58
CA ILE E 284 -4.51 42.69 -2.91
C ILE E 284 -5.42 43.41 -3.89
N GLY E 285 -5.79 44.65 -3.56
CA GLY E 285 -6.64 45.44 -4.42
C GLY E 285 -8.12 45.27 -4.09
N ASP E 286 -8.95 45.78 -5.01
CA ASP E 286 -10.39 45.76 -4.84
C ASP E 286 -10.97 44.41 -5.23
N ILE E 287 -11.92 43.93 -4.43
CA ILE E 287 -12.57 42.65 -4.67
C ILE E 287 -13.57 42.81 -5.80
N LYS E 288 -13.61 41.83 -6.70
CA LYS E 288 -14.44 41.90 -7.90
C LYS E 288 -15.02 40.52 -8.19
N GLN E 289 -15.98 40.50 -9.12
CA GLN E 289 -16.79 39.32 -9.37
C GLN E 289 -16.14 38.42 -10.42
N ALA E 290 -16.17 37.12 -10.17
CA ALA E 290 -15.72 36.14 -11.17
C ALA E 290 -16.85 35.88 -12.16
N HIS E 291 -16.49 35.67 -13.42
CA HIS E 291 -17.49 35.64 -14.48
C HIS E 291 -16.94 34.91 -15.69
N CYS E 292 -17.86 34.59 -16.61
CA CYS E 292 -17.54 34.08 -17.94
C CYS E 292 -18.24 34.93 -18.98
N ASN E 293 -17.54 35.21 -20.08
CA ASN E 293 -18.05 36.03 -21.17
C ASN E 293 -18.23 35.18 -22.42
N ILE E 294 -19.46 35.17 -22.95
CA ILE E 294 -19.79 34.53 -24.21
C ILE E 294 -20.35 35.60 -25.13
N SER E 295 -19.95 35.56 -26.40
CA SER E 295 -20.34 36.58 -27.37
C SER E 295 -21.77 36.26 -27.84
N GLU E 296 -22.66 37.25 -27.68
CA GLU E 296 -24.07 37.03 -27.99
C GLU E 296 -24.29 36.80 -29.48
N GLU E 297 -23.52 37.48 -30.34
CA GLU E 297 -23.66 37.32 -31.78
C GLU E 297 -23.44 35.89 -32.26
N LYS E 298 -22.64 35.10 -31.54
CA LYS E 298 -22.44 33.69 -31.88
C LYS E 298 -23.47 32.79 -31.24
N TRP E 299 -23.81 33.03 -29.98
CA TRP E 299 -24.76 32.17 -29.27
C TRP E 299 -26.15 32.26 -29.88
N ASN E 300 -26.60 33.46 -30.24
CA ASN E 300 -27.92 33.62 -30.82
C ASN E 300 -28.06 32.87 -32.13
N ASP E 301 -27.02 32.93 -32.97
CA ASP E 301 -26.99 32.14 -34.20
C ASP E 301 -26.97 30.65 -33.89
N THR E 302 -26.10 30.25 -32.95
CA THR E 302 -25.81 28.84 -32.74
C THR E 302 -27.04 28.10 -32.22
N LEU E 303 -27.81 28.72 -31.33
CA LEU E 303 -28.92 27.98 -30.73
C LEU E 303 -30.13 27.85 -31.64
N GLN E 304 -30.34 28.76 -32.60
CA GLN E 304 -31.33 28.49 -33.64
C GLN E 304 -30.81 27.51 -34.69
N LYS E 305 -29.50 27.51 -34.96
CA LYS E 305 -28.91 26.45 -35.76
C LYS E 305 -29.12 25.09 -35.10
N VAL E 306 -29.04 25.05 -33.77
CA VAL E 306 -29.34 23.83 -33.03
C VAL E 306 -30.84 23.56 -33.05
N GLY E 307 -31.65 24.62 -33.10
CA GLY E 307 -33.09 24.45 -33.15
C GLY E 307 -33.57 23.74 -34.40
N ILE E 308 -32.97 24.07 -35.55
CA ILE E 308 -33.40 23.38 -36.78
C ILE E 308 -33.13 21.89 -36.67
N GLU E 309 -32.00 21.51 -36.07
CA GLU E 309 -31.68 20.10 -35.91
C GLU E 309 -32.59 19.43 -34.89
N LEU E 310 -32.92 20.15 -33.81
CA LEU E 310 -33.81 19.59 -32.81
C LEU E 310 -35.23 19.45 -33.34
N GLN E 311 -35.59 20.23 -34.37
CA GLN E 311 -36.94 20.20 -34.91
C GLN E 311 -37.26 18.86 -35.56
N LYS E 312 -36.24 18.13 -36.02
CA LYS E 312 -36.48 17.00 -36.92
C LYS E 312 -37.19 15.85 -36.22
N HIS E 313 -36.76 15.51 -35.00
CA HIS E 313 -37.40 14.46 -34.22
C HIS E 313 -38.51 14.99 -33.32
N PHE E 314 -38.76 16.29 -33.31
CA PHE E 314 -39.98 16.88 -32.75
C PHE E 314 -40.59 17.82 -33.78
N PRO E 315 -40.96 17.31 -34.95
CA PRO E 315 -41.44 18.19 -36.02
C PRO E 315 -42.75 18.88 -35.70
N ASN E 316 -43.57 18.29 -34.82
CA ASN E 316 -44.87 18.86 -34.52
C ASN E 316 -44.76 20.20 -33.81
N LYS E 317 -43.69 20.41 -33.04
CA LYS E 317 -43.61 21.50 -32.07
C LYS E 317 -42.41 22.40 -32.31
N THR E 318 -42.59 23.68 -31.98
CA THR E 318 -41.49 24.63 -31.91
C THR E 318 -40.73 24.47 -30.61
N ILE E 319 -39.66 25.26 -30.45
CA ILE E 319 -38.65 25.04 -29.42
C ILE E 319 -38.46 26.31 -28.61
N LYS E 320 -38.25 26.13 -27.30
CA LYS E 320 -37.89 27.21 -26.38
C LYS E 320 -36.95 26.67 -25.31
N TYR E 321 -35.84 27.36 -25.08
CA TYR E 321 -34.85 26.93 -24.10
C TYR E 321 -35.17 27.51 -22.72
N ASN E 322 -34.76 26.79 -21.68
CA ASN E 322 -35.21 27.11 -20.33
C ASN E 322 -34.15 26.69 -19.32
N GLN E 323 -34.24 27.29 -18.13
CA GLN E 323 -33.36 27.04 -16.99
C GLN E 323 -33.28 25.55 -16.62
N SER E 324 -32.24 25.16 -15.90
CA SER E 324 -32.10 23.80 -15.42
C SER E 324 -33.24 23.42 -14.49
N ALA E 325 -33.29 22.14 -14.13
CA ALA E 325 -34.37 21.62 -13.30
C ALA E 325 -34.34 22.16 -11.88
N GLY E 326 -33.23 22.72 -11.42
CA GLY E 326 -33.13 23.25 -10.08
C GLY E 326 -32.59 22.25 -9.08
N GLY E 327 -31.77 22.71 -8.15
CA GLY E 327 -31.18 21.82 -7.16
C GLY E 327 -29.92 22.43 -6.58
N ASP E 328 -29.07 21.54 -6.08
CA ASP E 328 -27.83 21.94 -5.44
C ASP E 328 -26.90 22.60 -6.47
N MET E 329 -25.96 23.40 -5.96
CA MET E 329 -24.93 24.06 -6.79
C MET E 329 -24.32 23.15 -7.83
N GLU E 330 -23.64 22.09 -7.39
CA GLU E 330 -22.91 21.23 -8.30
C GLU E 330 -23.82 20.45 -9.24
N ILE E 331 -25.12 20.41 -8.96
CA ILE E 331 -26.07 19.77 -9.86
C ILE E 331 -26.54 20.74 -10.93
N THR E 332 -26.82 21.99 -10.55
CA THR E 332 -27.50 22.92 -11.44
C THR E 332 -26.52 23.74 -12.29
N THR E 333 -25.38 24.13 -11.74
CA THR E 333 -24.52 25.09 -12.41
C THR E 333 -23.54 24.39 -13.36
N HIS E 334 -23.18 25.11 -14.42
CA HIS E 334 -22.05 24.72 -15.24
C HIS E 334 -20.77 24.86 -14.43
N SER E 335 -19.92 23.83 -14.46
CA SER E 335 -18.71 23.80 -13.67
C SER E 335 -17.55 23.34 -14.52
N PHE E 336 -16.34 23.74 -14.12
CA PHE E 336 -15.14 23.41 -14.86
C PHE E 336 -13.93 23.77 -14.00
N ASN E 337 -12.76 23.31 -14.47
CA ASN E 337 -11.48 23.63 -13.84
C ASN E 337 -10.79 24.71 -14.69
N CYS E 338 -10.00 25.54 -14.03
CA CYS E 338 -9.25 26.58 -14.72
C CYS E 338 -8.01 26.93 -13.92
N GLY E 339 -6.85 26.45 -14.40
CA GLY E 339 -5.58 26.75 -13.75
C GLY E 339 -5.40 26.14 -12.38
N GLY E 340 -6.31 25.29 -11.94
CA GLY E 340 -6.34 24.76 -10.59
C GLY E 340 -7.55 25.19 -9.79
N GLU E 341 -8.19 26.30 -10.14
CA GLU E 341 -9.42 26.71 -9.48
C GLU E 341 -10.61 26.02 -10.11
N PHE E 342 -11.68 25.87 -9.32
CA PHE E 342 -12.92 25.25 -9.76
C PHE E 342 -14.02 26.30 -9.76
N PHE E 343 -14.68 26.47 -10.90
CA PHE E 343 -15.68 27.49 -11.11
C PHE E 343 -17.06 26.84 -11.18
N TYR E 344 -18.10 27.62 -10.85
CA TYR E 344 -19.48 27.15 -10.89
C TYR E 344 -20.34 28.32 -11.34
N CYS E 345 -20.83 28.27 -12.58
CA CYS E 345 -21.43 29.43 -13.24
C CYS E 345 -22.95 29.28 -13.31
N ASN E 346 -23.64 30.34 -12.90
CA ASN E 346 -25.09 30.43 -13.08
C ASN E 346 -25.39 30.74 -14.54
N THR E 347 -26.09 29.83 -15.21
CA THR E 347 -26.13 29.79 -16.67
C THR E 347 -27.49 30.23 -17.21
N SER E 348 -28.31 30.86 -16.37
CA SER E 348 -29.67 31.22 -16.78
C SER E 348 -29.69 32.20 -17.95
N ASN E 349 -28.65 33.04 -18.07
CA ASN E 349 -28.60 33.99 -19.17
C ASN E 349 -28.49 33.28 -20.53
N LEU E 350 -27.73 32.19 -20.58
CA LEU E 350 -27.48 31.52 -21.86
C LEU E 350 -28.75 30.87 -22.41
N PHE E 351 -29.35 29.96 -21.64
CA PHE E 351 -30.45 29.14 -22.15
C PHE E 351 -31.76 29.93 -22.05
N ASN E 352 -31.97 30.72 -23.10
CA ASN E 352 -33.11 31.64 -23.18
C ASN E 352 -33.38 31.92 -24.64
N GLY E 353 -34.66 32.12 -24.97
CA GLY E 353 -35.08 32.32 -26.34
C GLY E 353 -35.78 31.12 -26.92
N THR E 354 -36.14 31.24 -28.19
CA THR E 354 -36.98 30.25 -28.85
C THR E 354 -36.63 30.17 -30.33
N TYR E 355 -37.23 29.18 -31.00
CA TYR E 355 -37.08 29.00 -32.43
C TYR E 355 -38.39 28.49 -33.02
N ASN E 356 -38.71 28.96 -34.23
CA ASN E 356 -39.96 28.65 -34.92
C ASN E 356 -39.72 28.35 -36.39
N GLY E 357 -38.63 27.66 -36.73
CA GLY E 357 -38.28 27.48 -38.12
C GLY E 357 -37.98 28.78 -38.84
N THR E 358 -37.60 29.83 -38.09
CA THR E 358 -37.51 31.21 -38.58
C THR E 358 -36.13 31.76 -38.22
N TYR E 359 -35.18 31.61 -39.14
CA TYR E 359 -33.81 32.03 -38.90
C TYR E 359 -33.73 33.56 -38.87
N ILE E 360 -32.92 34.08 -37.93
CA ILE E 360 -32.68 35.51 -37.79
C ILE E 360 -31.22 35.79 -38.15
N SER E 361 -31.00 36.87 -38.88
CA SER E 361 -29.74 37.09 -39.57
C SER E 361 -28.60 37.42 -38.61
N THR E 362 -27.39 36.96 -38.98
CA THR E 362 -26.17 37.41 -38.32
C THR E 362 -25.57 38.64 -38.99
N ASN E 363 -25.85 38.85 -40.28
CA ASN E 363 -25.19 39.87 -41.08
C ASN E 363 -26.14 41.06 -41.26
N SER E 364 -25.68 42.28 -41.00
CA SER E 364 -24.39 42.74 -40.46
C SER E 364 -24.38 42.61 -38.93
N SER E 365 -23.24 42.23 -38.38
CA SER E 365 -23.07 42.17 -36.93
C SER E 365 -22.90 43.59 -36.42
N ALA E 366 -23.97 44.13 -35.82
CA ALA E 366 -23.96 45.53 -35.40
C ALA E 366 -22.96 45.77 -34.28
N ASN E 367 -22.78 44.80 -33.38
CA ASN E 367 -21.91 44.98 -32.21
C ASN E 367 -21.22 43.63 -31.93
N SER E 368 -19.98 43.51 -32.43
CA SER E 368 -19.17 42.34 -32.12
C SER E 368 -18.59 42.38 -30.71
N THR E 369 -18.57 43.56 -30.08
CA THR E 369 -18.12 43.69 -28.70
C THR E 369 -19.22 43.35 -27.69
N SER E 370 -20.44 43.07 -28.15
CA SER E 370 -21.51 42.68 -27.24
C SER E 370 -21.20 41.31 -26.63
N THR E 371 -21.61 41.14 -25.37
CA THR E 371 -21.39 39.92 -24.63
C THR E 371 -22.57 39.64 -23.71
N ILE E 372 -22.68 38.40 -23.26
CA ILE E 372 -23.56 38.01 -22.18
C ILE E 372 -22.69 37.37 -21.10
N THR E 373 -22.83 37.87 -19.86
CA THR E 373 -21.88 37.59 -18.80
C THR E 373 -22.51 36.63 -17.79
N LEU E 374 -21.94 35.44 -17.70
CA LEU E 374 -22.31 34.50 -16.64
C LEU E 374 -21.55 34.86 -15.37
N GLN E 375 -22.22 34.68 -14.23
CA GLN E 375 -21.63 34.97 -12.93
C GLN E 375 -21.34 33.66 -12.22
N CYS E 376 -20.09 33.51 -11.74
CA CYS E 376 -19.59 32.22 -11.26
C CYS E 376 -19.00 32.37 -9.86
N ARG E 377 -19.13 31.31 -9.07
CA ARG E 377 -18.60 31.23 -7.73
C ARG E 377 -17.48 30.19 -7.69
N ILE E 378 -16.62 30.30 -6.68
CA ILE E 378 -15.41 29.50 -6.56
C ILE E 378 -15.52 28.61 -5.34
N LYS E 379 -14.91 27.42 -5.42
CA LYS E 379 -14.84 26.48 -4.31
C LYS E 379 -13.42 25.92 -4.23
N GLN E 380 -13.07 25.44 -3.04
CA GLN E 380 -11.81 24.74 -2.80
C GLN E 380 -11.98 23.34 -2.25
N ILE E 381 -13.09 23.07 -1.57
CA ILE E 381 -13.44 21.72 -1.11
C ILE E 381 -14.29 21.09 -2.20
N ILE E 382 -13.80 20.01 -2.80
CA ILE E 382 -14.36 19.44 -4.01
C ILE E 382 -14.70 17.98 -3.78
N ASN E 383 -15.97 17.62 -4.02
CA ASN E 383 -16.40 16.24 -4.16
C ASN E 383 -16.51 15.92 -5.65
N MET E 384 -15.35 15.71 -6.28
CA MET E 384 -15.29 15.64 -7.74
C MET E 384 -16.04 14.42 -8.28
N TRP E 385 -15.75 13.24 -7.74
CA TRP E 385 -16.48 12.02 -8.10
C TRP E 385 -16.93 11.34 -6.83
N GLN E 386 -17.97 10.53 -6.96
CA GLN E 386 -18.49 9.79 -5.81
C GLN E 386 -17.80 8.43 -5.70
N GLY E 387 -17.22 8.17 -4.52
CA GLY E 387 -16.55 6.91 -4.26
C GLY E 387 -15.10 6.83 -4.69
N VAL E 388 -14.49 7.95 -5.12
CA VAL E 388 -13.10 7.94 -5.57
C VAL E 388 -12.12 8.25 -4.44
N GLY E 389 -12.56 8.23 -3.19
CA GLY E 389 -11.85 8.94 -2.16
C GLY E 389 -12.18 10.40 -2.33
N ARG E 390 -13.46 10.72 -2.12
CA ARG E 390 -14.10 11.81 -2.85
C ARG E 390 -13.47 13.17 -2.56
N CYS E 391 -13.32 13.53 -1.29
CA CYS E 391 -13.02 14.92 -0.97
C CYS E 391 -11.59 15.25 -1.35
N MET E 392 -11.39 16.41 -1.95
CA MET E 392 -10.09 16.95 -2.27
C MET E 392 -10.12 18.44 -1.97
N TYR E 393 -9.07 18.95 -1.34
CA TYR E 393 -8.89 20.38 -1.14
C TYR E 393 -7.91 20.89 -2.20
N ALA E 394 -8.41 21.72 -3.11
CA ALA E 394 -7.57 22.30 -4.14
C ALA E 394 -6.95 23.58 -3.61
N PRO E 395 -5.63 23.70 -3.49
CA PRO E 395 -5.08 24.90 -2.88
C PRO E 395 -5.27 26.10 -3.78
N PRO E 396 -5.26 27.31 -3.23
CA PRO E 396 -5.41 28.50 -4.08
C PRO E 396 -4.17 28.73 -4.91
N ILE E 397 -4.35 29.49 -5.99
CA ILE E 397 -3.28 29.85 -6.92
C ILE E 397 -3.14 31.36 -6.93
N ALA E 398 -1.90 31.84 -6.82
CA ALA E 398 -1.64 33.26 -6.66
C ALA E 398 -1.79 34.00 -7.99
N GLY E 399 -2.14 35.28 -7.88
CA GLY E 399 -2.29 36.14 -9.04
C GLY E 399 -3.71 36.17 -9.57
N ASN E 400 -3.86 36.47 -10.86
CA ASN E 400 -5.14 36.48 -11.54
C ASN E 400 -5.04 35.60 -12.77
N ILE E 401 -6.17 35.02 -13.16
CA ILE E 401 -6.20 33.89 -14.10
C ILE E 401 -7.26 34.10 -15.17
N THR E 402 -7.09 33.40 -16.29
CA THR E 402 -8.00 33.47 -17.43
C THR E 402 -8.21 32.06 -17.96
N CYS E 403 -9.35 31.85 -18.63
CA CYS E 403 -9.89 30.51 -18.85
C CYS E 403 -10.40 30.30 -20.27
N ARG E 404 -9.76 30.90 -21.27
CA ARG E 404 -10.30 30.87 -22.63
C ARG E 404 -10.33 29.46 -23.19
N SER E 405 -11.43 29.11 -23.86
CA SER E 405 -11.62 27.77 -24.40
C SER E 405 -12.74 27.82 -25.45
N ASN E 406 -12.95 26.68 -26.11
CA ASN E 406 -13.97 26.52 -27.14
C ASN E 406 -15.07 25.60 -26.66
N ILE E 407 -16.32 26.01 -26.87
CA ILE E 407 -17.47 25.14 -26.60
C ILE E 407 -17.78 24.34 -27.85
N THR E 408 -18.00 23.04 -27.66
CA THR E 408 -18.17 22.10 -28.77
C THR E 408 -19.38 21.18 -28.62
N GLY E 409 -20.24 21.38 -27.64
CA GLY E 409 -21.41 20.54 -27.50
C GLY E 409 -22.19 20.90 -26.26
N LEU E 410 -23.41 20.38 -26.20
CA LEU E 410 -24.33 20.60 -25.10
C LEU E 410 -24.87 19.26 -24.62
N LEU E 411 -25.16 19.18 -23.32
CA LEU E 411 -25.90 18.06 -22.73
C LEU E 411 -27.23 18.61 -22.23
N LEU E 412 -28.33 18.03 -22.72
CA LEU E 412 -29.67 18.57 -22.54
C LEU E 412 -30.62 17.49 -22.05
N THR E 413 -31.81 17.92 -21.65
CA THR E 413 -32.87 17.00 -21.22
C THR E 413 -34.20 17.75 -21.27
N ARG E 414 -35.14 17.24 -22.04
CA ARG E 414 -36.43 17.91 -22.21
C ARG E 414 -37.23 17.86 -20.91
N ASP E 415 -38.06 18.87 -20.72
CA ASP E 415 -39.05 18.87 -19.64
C ASP E 415 -40.32 18.16 -20.11
N GLY E 416 -41.14 17.75 -19.15
CA GLY E 416 -42.37 17.06 -19.49
C GLY E 416 -43.32 17.97 -20.25
N GLY E 417 -44.09 17.36 -21.15
CA GLY E 417 -45.02 18.13 -21.97
C GLY E 417 -46.29 18.48 -21.23
N THR E 418 -46.93 19.55 -21.68
CA THR E 418 -48.16 20.04 -21.05
C THR E 418 -48.99 20.78 -22.09
N ASN E 419 -50.30 20.55 -22.04
CA ASN E 419 -51.27 21.17 -22.92
C ASN E 419 -51.08 20.79 -24.39
N SER E 420 -50.26 19.77 -24.67
CA SER E 420 -49.87 19.45 -26.04
C SER E 420 -49.31 20.68 -26.74
N ASN E 421 -48.46 21.42 -26.01
CA ASN E 421 -48.11 22.77 -26.41
C ASN E 421 -47.25 22.77 -27.67
N GLU E 422 -47.46 23.80 -28.50
CA GLU E 422 -46.74 24.01 -29.76
C GLU E 422 -45.27 24.38 -29.55
N THR E 423 -44.86 24.71 -28.33
CA THR E 423 -43.54 25.28 -28.05
C THR E 423 -42.84 24.58 -26.89
N GLU E 424 -42.81 23.25 -26.85
CA GLU E 424 -42.24 22.57 -25.71
C GLU E 424 -40.71 22.77 -25.68
N THR E 425 -40.14 22.52 -24.51
CA THR E 425 -38.88 23.15 -24.11
C THR E 425 -37.80 22.13 -23.77
N PHE E 426 -36.56 22.62 -23.73
CA PHE E 426 -35.37 21.84 -23.39
C PHE E 426 -34.71 22.45 -22.17
N ARG E 427 -34.08 21.62 -21.34
CA ARG E 427 -33.28 22.05 -20.19
C ARG E 427 -31.86 21.52 -20.30
N PRO E 428 -30.87 22.18 -19.69
CA PRO E 428 -29.54 21.56 -19.58
C PRO E 428 -29.54 20.43 -18.58
N ALA E 429 -28.58 19.51 -18.73
CA ALA E 429 -28.49 18.37 -17.82
C ALA E 429 -27.04 17.87 -17.81
N GLY E 430 -26.31 18.24 -16.77
CA GLY E 430 -25.07 17.56 -16.47
C GLY E 430 -25.30 16.34 -15.59
N GLY E 431 -24.28 15.51 -15.47
CA GLY E 431 -24.42 14.30 -14.68
C GLY E 431 -23.21 13.38 -14.75
N ASP E 432 -23.47 12.10 -14.99
CA ASP E 432 -22.40 11.11 -15.07
C ASP E 432 -21.41 11.48 -16.16
N MET E 433 -20.12 11.39 -15.83
CA MET E 433 -19.08 11.78 -16.78
C MET E 433 -18.94 10.78 -17.92
N ARG E 434 -19.60 9.62 -17.84
CA ARG E 434 -19.70 8.75 -19.00
C ARG E 434 -20.31 9.50 -20.18
N ASP E 435 -21.31 10.33 -19.92
CA ASP E 435 -21.95 11.09 -20.99
C ASP E 435 -20.97 12.07 -21.64
N ASN E 436 -19.97 12.55 -20.90
CA ASN E 436 -19.02 13.51 -21.44
C ASN E 436 -18.05 12.85 -22.40
N TRP E 437 -17.42 11.75 -21.95
CA TRP E 437 -16.43 11.07 -22.78
C TRP E 437 -17.08 10.30 -23.91
N ARG E 438 -18.32 9.84 -23.71
CA ARG E 438 -19.04 9.15 -24.78
C ARG E 438 -19.29 10.08 -25.96
N SER E 439 -19.34 11.40 -25.72
CA SER E 439 -19.50 12.34 -26.81
C SER E 439 -18.30 12.34 -27.76
N GLU E 440 -17.14 11.86 -27.31
CA GLU E 440 -15.91 11.90 -28.08
C GLU E 440 -15.40 10.54 -28.52
N LEU E 441 -15.78 9.46 -27.85
CA LEU E 441 -15.35 8.11 -28.23
C LEU E 441 -16.33 7.41 -29.17
N TYR E 442 -17.29 8.15 -29.74
CA TYR E 442 -18.32 7.52 -30.57
C TYR E 442 -17.77 6.91 -31.85
N LYS E 443 -16.55 7.25 -32.25
CA LYS E 443 -16.04 6.83 -33.56
C LYS E 443 -15.51 5.40 -33.58
N TYR E 444 -15.27 4.79 -32.41
CA TYR E 444 -14.39 3.64 -32.31
C TYR E 444 -15.12 2.41 -31.78
N LYS E 445 -14.63 1.24 -32.17
CA LYS E 445 -15.06 -0.05 -31.64
C LYS E 445 -13.89 -1.01 -31.69
N VAL E 446 -13.76 -1.84 -30.65
CA VAL E 446 -12.66 -2.78 -30.51
C VAL E 446 -13.12 -4.15 -30.97
N VAL E 447 -12.27 -4.85 -31.72
CA VAL E 447 -12.59 -6.14 -32.32
C VAL E 447 -11.43 -7.09 -32.11
N LYS E 448 -11.70 -8.38 -32.32
CA LYS E 448 -10.74 -9.46 -32.06
C LYS E 448 -10.53 -10.28 -33.32
N ILE E 449 -9.28 -10.42 -33.75
CA ILE E 449 -8.96 -11.12 -34.99
C ILE E 449 -8.99 -12.63 -34.74
N GLU E 450 -9.70 -13.36 -35.61
CA GLU E 450 -9.62 -14.82 -35.69
C GLU E 450 -8.96 -15.19 -37.01
N PRO E 451 -7.65 -15.46 -37.05
CA PRO E 451 -6.97 -15.72 -38.33
C PRO E 451 -7.11 -17.13 -38.86
N LEU E 452 -7.86 -18.01 -38.19
CA LEU E 452 -7.97 -19.43 -38.55
C LEU E 452 -9.31 -19.67 -39.22
N GLY E 453 -9.27 -20.27 -40.41
CA GLY E 453 -10.49 -20.55 -41.15
C GLY E 453 -10.32 -21.76 -42.04
N VAL E 454 -11.46 -22.34 -42.43
CA VAL E 454 -11.51 -23.54 -43.26
C VAL E 454 -12.46 -23.28 -44.42
N ALA E 455 -12.20 -23.91 -45.56
CA ALA E 455 -12.98 -23.67 -46.76
C ALA E 455 -12.87 -24.89 -47.67
N PRO E 456 -13.80 -25.06 -48.61
CA PRO E 456 -13.66 -26.14 -49.59
C PRO E 456 -12.72 -25.74 -50.72
N THR E 457 -11.91 -26.69 -51.18
CA THR E 457 -10.99 -26.43 -52.28
C THR E 457 -10.61 -27.76 -52.92
N ARG E 458 -10.13 -27.68 -54.16
CA ARG E 458 -9.82 -28.85 -54.98
C ARG E 458 -8.46 -29.50 -54.66
N CYS E 459 -7.81 -29.14 -53.56
CA CYS E 459 -6.49 -29.67 -53.21
C CYS E 459 -6.59 -30.58 -52.00
N LYS E 460 -5.83 -31.67 -52.02
CA LYS E 460 -5.86 -32.71 -51.00
C LYS E 460 -4.47 -32.88 -50.41
N ARG E 461 -4.33 -33.85 -49.51
CA ARG E 461 -3.04 -34.10 -48.87
C ARG E 461 -2.13 -34.90 -49.78
N ARG E 462 -0.83 -34.64 -49.66
CA ARG E 462 0.20 -35.41 -50.35
C ARG E 462 0.75 -36.48 -49.41
N VAL E 463 0.74 -37.73 -49.86
CA VAL E 463 1.23 -38.85 -49.06
C VAL E 463 2.67 -39.14 -49.43
N ALA F 1 -5.74 -4.51 -57.28
CA ALA F 1 -5.51 -5.92 -57.74
C ALA F 1 -4.44 -6.59 -56.87
N VAL F 2 -4.39 -7.91 -56.95
CA VAL F 2 -3.40 -8.65 -56.17
C VAL F 2 -1.98 -8.46 -56.71
N GLY F 3 -1.83 -7.99 -57.94
CA GLY F 3 -0.52 -7.68 -58.47
C GLY F 3 0.02 -6.41 -57.86
N ILE F 4 0.36 -6.48 -56.56
CA ILE F 4 0.69 -5.27 -55.82
C ILE F 4 2.13 -4.84 -56.06
N GLY F 5 3.03 -5.80 -56.24
CA GLY F 5 4.46 -5.54 -56.16
C GLY F 5 4.91 -5.73 -54.73
N ALA F 6 5.63 -4.76 -54.18
CA ALA F 6 5.90 -4.77 -52.74
C ALA F 6 4.60 -4.51 -52.00
N VAL F 7 4.29 -5.37 -51.03
CA VAL F 7 2.98 -5.34 -50.39
C VAL F 7 2.82 -4.06 -49.58
N PHE F 8 1.67 -3.39 -49.76
CA PHE F 8 1.31 -2.24 -48.95
C PHE F 8 -0.17 -2.25 -48.59
N LEU F 9 -0.79 -3.44 -48.49
CA LEU F 9 -2.22 -3.52 -48.20
C LEU F 9 -2.55 -3.12 -46.77
N GLY F 10 -1.59 -3.19 -45.85
CA GLY F 10 -1.84 -2.85 -44.46
C GLY F 10 -2.25 -4.07 -43.64
N PHE F 11 -2.83 -3.77 -42.47
CA PHE F 11 -3.17 -4.83 -41.52
C PHE F 11 -4.32 -5.68 -42.05
N LEU F 12 -5.50 -5.06 -42.22
CA LEU F 12 -6.70 -5.74 -42.66
C LEU F 12 -7.17 -5.26 -44.03
N GLY F 13 -6.24 -5.07 -44.97
CA GLY F 13 -6.57 -4.44 -46.23
C GLY F 13 -7.56 -5.23 -47.05
N ALA F 14 -7.42 -6.55 -47.07
CA ALA F 14 -8.27 -7.41 -47.89
C ALA F 14 -9.65 -7.66 -47.28
N ALA F 15 -9.94 -7.09 -46.11
CA ALA F 15 -11.28 -7.22 -45.55
C ALA F 15 -12.30 -6.59 -46.49
N GLY F 16 -13.34 -7.35 -46.81
CA GLY F 16 -14.29 -6.96 -47.84
C GLY F 16 -13.89 -7.33 -49.25
N SER F 17 -12.62 -7.66 -49.48
CA SER F 17 -12.16 -8.08 -50.80
C SER F 17 -12.32 -9.59 -50.95
N THR F 18 -12.10 -10.07 -52.16
CA THR F 18 -12.42 -11.45 -52.51
C THR F 18 -11.61 -12.44 -51.69
N MET F 19 -12.10 -13.67 -51.63
CA MET F 19 -11.38 -14.75 -50.95
C MET F 19 -10.01 -14.97 -51.58
N GLY F 20 -9.95 -14.90 -52.90
CA GLY F 20 -8.67 -15.08 -53.58
C GLY F 20 -7.67 -14.00 -53.26
N ALA F 21 -8.12 -12.75 -53.21
CA ALA F 21 -7.22 -11.64 -52.89
C ALA F 21 -6.68 -11.76 -51.47
N ALA F 22 -7.54 -12.13 -50.52
CA ALA F 22 -7.10 -12.31 -49.14
C ALA F 22 -6.24 -13.56 -48.96
N SER F 23 -6.42 -14.57 -49.82
CA SER F 23 -5.61 -15.78 -49.74
C SER F 23 -4.16 -15.53 -50.11
N MET F 24 -3.89 -14.62 -51.04
CA MET F 24 -2.55 -14.08 -51.21
C MET F 24 -2.32 -12.99 -50.17
N THR F 25 -1.04 -12.79 -49.82
CA THR F 25 -0.63 -11.81 -48.81
C THR F 25 -1.35 -12.08 -47.48
N LEU F 26 -1.26 -13.32 -47.00
CA LEU F 26 -1.76 -13.66 -45.68
C LEU F 26 -0.81 -13.23 -44.57
N THR F 27 0.48 -13.09 -44.88
CA THR F 27 1.48 -12.84 -43.84
C THR F 27 1.27 -11.50 -43.16
N VAL F 28 0.73 -10.51 -43.89
CA VAL F 28 0.52 -9.20 -43.30
C VAL F 28 -0.48 -9.26 -42.14
N GLN F 29 -1.41 -10.21 -42.18
CA GLN F 29 -2.30 -10.42 -41.04
C GLN F 29 -1.61 -11.22 -39.93
N ALA F 30 -0.88 -12.27 -40.32
CA ALA F 30 -0.29 -13.16 -39.33
C ALA F 30 0.83 -12.47 -38.56
N ARG F 31 1.65 -11.68 -39.26
CA ARG F 31 2.84 -11.10 -38.65
C ARG F 31 2.52 -10.11 -37.54
N ASN F 32 1.31 -9.53 -37.54
CA ASN F 32 0.92 -8.55 -36.53
C ASN F 32 0.31 -9.18 -35.30
N LEU F 33 1.12 -9.87 -34.49
CA LEU F 33 0.72 -10.41 -33.20
C LEU F 33 1.78 -10.12 -32.14
N LEU F 34 2.30 -8.90 -32.13
CA LEU F 34 3.31 -8.47 -31.17
C LEU F 34 3.11 -6.99 -30.87
N SER F 35 3.00 -6.64 -29.58
CA SER F 35 2.81 -5.25 -29.19
C SER F 35 2.91 -5.13 -27.68
N GLY F 36 3.35 -3.97 -27.23
CA GLY F 36 3.01 -3.46 -25.92
C GLY F 36 4.17 -3.31 -24.95
N THR F 37 3.97 -2.41 -23.99
CA THR F 37 4.77 -2.30 -22.78
C THR F 37 3.81 -2.09 -21.61
N VAL F 38 4.36 -1.94 -20.41
CA VAL F 38 3.65 -2.27 -19.18
C VAL F 38 3.44 -1.04 -18.29
N TRP F 39 2.23 -0.95 -17.74
CA TRP F 39 1.93 -0.15 -16.55
C TRP F 39 1.16 -1.04 -15.58
N GLY F 40 1.61 -1.08 -14.33
CA GLY F 40 0.89 -1.85 -13.33
C GLY F 40 0.87 -3.34 -13.65
N ILE F 41 -0.25 -3.97 -13.31
CA ILE F 41 -0.43 -5.41 -13.50
C ILE F 41 -1.25 -5.70 -14.76
N LYS F 42 -2.13 -4.79 -15.16
CA LYS F 42 -3.14 -5.11 -16.17
C LYS F 42 -2.53 -5.17 -17.58
N GLN F 43 -1.54 -4.32 -17.86
CA GLN F 43 -0.95 -4.34 -19.20
C GLN F 43 -0.05 -5.55 -19.39
N LEU F 44 0.64 -6.00 -18.34
CA LEU F 44 1.37 -7.25 -18.39
C LEU F 44 0.42 -8.42 -18.66
N GLN F 45 -0.76 -8.36 -18.04
CA GLN F 45 -1.79 -9.37 -18.30
C GLN F 45 -2.25 -9.34 -19.75
N ALA F 46 -2.46 -8.14 -20.29
CA ALA F 46 -2.79 -8.00 -21.70
C ALA F 46 -1.68 -8.55 -22.60
N ARG F 47 -0.42 -8.40 -22.19
CA ARG F 47 0.68 -8.96 -22.97
C ARG F 47 0.61 -10.48 -23.00
N VAL F 48 0.49 -11.10 -21.82
CA VAL F 48 0.54 -12.57 -21.79
C VAL F 48 -0.70 -13.18 -22.43
N LEU F 49 -1.83 -12.45 -22.44
CA LEU F 49 -3.02 -12.97 -23.10
C LEU F 49 -2.79 -13.18 -24.59
N ALA F 50 -2.05 -12.27 -25.22
CA ALA F 50 -1.74 -12.42 -26.64
C ALA F 50 -0.90 -13.67 -26.91
N VAL F 51 0.07 -13.96 -26.03
CA VAL F 51 0.87 -15.17 -26.19
C VAL F 51 -0.01 -16.40 -26.02
N GLU F 52 -0.95 -16.35 -25.07
CA GLU F 52 -1.90 -17.46 -24.91
C GLU F 52 -2.67 -17.70 -26.20
N ARG F 53 -3.21 -16.64 -26.79
CA ARG F 53 -3.93 -16.77 -28.06
C ARG F 53 -3.04 -17.34 -29.15
N TYR F 54 -1.84 -16.81 -29.29
CA TYR F 54 -0.95 -17.22 -30.38
C TYR F 54 -0.58 -18.69 -30.26
N LEU F 55 -0.26 -19.13 -29.05
CA LEU F 55 0.11 -20.53 -28.87
C LEU F 55 -1.08 -21.46 -28.99
N ARG F 56 -2.28 -21.01 -28.59
CA ARG F 56 -3.48 -21.80 -28.88
C ARG F 56 -3.63 -22.03 -30.37
N ASP F 57 -3.53 -20.96 -31.17
CA ASP F 57 -3.70 -21.07 -32.61
C ASP F 57 -2.62 -21.98 -33.20
N GLN F 58 -1.37 -21.78 -32.79
CA GLN F 58 -0.28 -22.57 -33.35
C GLN F 58 -0.39 -24.04 -32.99
N GLN F 59 -0.74 -24.36 -31.74
CA GLN F 59 -0.91 -25.75 -31.34
C GLN F 59 -2.05 -26.40 -32.11
N LEU F 60 -3.18 -25.70 -32.23
CA LEU F 60 -4.33 -26.27 -32.94
C LEU F 60 -3.99 -26.51 -34.40
N LEU F 61 -3.24 -25.59 -35.02
CA LEU F 61 -2.83 -25.79 -36.41
C LEU F 61 -1.86 -26.94 -36.53
N GLY F 62 -0.92 -27.07 -35.58
CA GLY F 62 0.07 -28.14 -35.68
C GLY F 62 -0.51 -29.52 -35.49
N ILE F 63 -1.45 -29.67 -34.55
CA ILE F 63 -2.04 -30.98 -34.28
C ILE F 63 -2.79 -31.49 -35.51
N TRP F 64 -3.28 -30.59 -36.35
CA TRP F 64 -3.89 -30.98 -37.62
C TRP F 64 -2.88 -31.44 -38.66
N GLY F 65 -1.58 -31.36 -38.37
CA GLY F 65 -0.55 -31.73 -39.32
C GLY F 65 -0.04 -30.60 -40.17
N CYS F 66 -0.51 -29.38 -39.96
CA CYS F 66 -0.13 -28.21 -40.74
C CYS F 66 0.76 -27.30 -39.92
N SER F 67 1.93 -26.97 -40.48
CA SER F 67 2.92 -26.11 -39.81
C SER F 67 3.10 -24.78 -40.50
N GLY F 68 2.89 -24.70 -41.82
CA GLY F 68 3.01 -23.42 -42.52
C GLY F 68 1.91 -22.47 -42.09
N LYS F 69 2.25 -21.20 -41.95
CA LYS F 69 1.34 -20.20 -41.41
C LYS F 69 0.47 -19.55 -42.49
N LEU F 70 0.35 -20.17 -43.68
CA LEU F 70 -0.48 -19.58 -44.73
C LEU F 70 -1.60 -20.48 -45.27
N ILE F 71 -1.28 -21.65 -45.84
CA ILE F 71 -2.28 -22.54 -46.46
C ILE F 71 -1.79 -23.97 -46.28
N CYS F 72 -2.74 -24.91 -46.19
CA CYS F 72 -2.43 -26.31 -45.96
C CYS F 72 -3.59 -27.19 -46.41
N CYS F 73 -3.37 -27.98 -47.46
CA CYS F 73 -4.34 -29.00 -47.84
C CYS F 73 -4.33 -30.14 -46.83
N THR F 74 -5.48 -30.81 -46.69
CA THR F 74 -5.68 -31.82 -45.66
C THR F 74 -6.34 -33.05 -46.27
N ASN F 75 -6.13 -34.19 -45.61
CA ASN F 75 -6.62 -35.47 -46.13
C ASN F 75 -8.12 -35.59 -46.02
N VAL F 76 -8.74 -34.86 -45.10
CA VAL F 76 -10.17 -35.01 -44.79
C VAL F 76 -10.99 -34.66 -46.03
N PRO F 77 -11.85 -35.54 -46.54
CA PRO F 77 -12.70 -35.13 -47.66
C PRO F 77 -13.81 -34.20 -47.22
N TRP F 78 -14.25 -33.36 -48.16
CA TRP F 78 -15.31 -32.40 -47.88
C TRP F 78 -16.63 -33.11 -47.64
N ASN F 79 -17.32 -32.73 -46.57
CA ASN F 79 -18.70 -33.12 -46.35
C ASN F 79 -19.58 -32.05 -46.99
N SER F 80 -20.32 -32.42 -48.04
CA SER F 80 -21.03 -31.43 -48.84
C SER F 80 -22.31 -30.95 -48.18
N SER F 81 -22.79 -31.63 -47.13
CA SER F 81 -24.02 -31.22 -46.45
C SER F 81 -23.90 -29.83 -45.83
N TRP F 82 -22.68 -29.39 -45.52
CA TRP F 82 -22.47 -28.13 -44.81
C TRP F 82 -22.95 -26.92 -45.60
N SER F 83 -22.75 -26.89 -46.93
CA SER F 83 -23.30 -25.81 -47.75
C SER F 83 -24.07 -26.32 -48.97
N ASN F 84 -23.57 -27.37 -49.61
CA ASN F 84 -24.02 -27.78 -50.94
C ASN F 84 -24.01 -26.60 -51.91
N ARG F 85 -22.96 -25.79 -51.85
CA ARG F 85 -22.82 -24.58 -52.65
C ARG F 85 -21.65 -24.73 -53.61
N ASN F 86 -21.76 -24.05 -54.75
CA ASN F 86 -20.80 -24.21 -55.83
C ASN F 86 -19.47 -23.56 -55.46
N LEU F 87 -18.50 -23.67 -56.36
CA LEU F 87 -17.19 -23.06 -56.14
C LEU F 87 -17.25 -21.54 -56.32
N SER F 88 -17.97 -21.07 -57.34
CA SER F 88 -18.09 -19.64 -57.57
C SER F 88 -18.98 -18.98 -56.52
N GLU F 89 -19.92 -19.73 -55.95
CA GLU F 89 -20.76 -19.20 -54.86
C GLU F 89 -19.92 -18.84 -53.63
N ILE F 90 -18.77 -19.48 -53.46
CA ILE F 90 -18.00 -19.38 -52.23
C ILE F 90 -16.71 -18.59 -52.45
N TRP F 91 -16.18 -18.62 -53.66
CA TRP F 91 -14.79 -18.24 -53.92
C TRP F 91 -14.62 -16.92 -54.67
N ASP F 92 -15.52 -16.59 -55.59
CA ASP F 92 -15.25 -15.54 -56.58
C ASP F 92 -15.75 -14.17 -56.17
N ASN F 93 -16.76 -14.07 -55.30
CA ASN F 93 -17.28 -12.79 -54.84
C ASN F 93 -17.46 -12.69 -53.34
N MET F 94 -17.44 -13.78 -52.59
CA MET F 94 -17.49 -13.69 -51.14
C MET F 94 -16.16 -13.15 -50.61
N THR F 95 -16.19 -12.69 -49.37
CA THR F 95 -14.99 -12.41 -48.60
C THR F 95 -14.96 -13.29 -47.37
N TRP F 96 -13.77 -13.45 -46.78
CA TRP F 96 -13.62 -14.28 -45.59
C TRP F 96 -14.49 -13.76 -44.45
N LEU F 97 -14.63 -12.44 -44.35
CA LEU F 97 -15.35 -11.82 -43.25
C LEU F 97 -16.83 -12.18 -43.24
N GLN F 98 -17.41 -12.50 -44.40
CA GLN F 98 -18.77 -13.01 -44.47
C GLN F 98 -18.85 -14.49 -44.81
N TRP F 99 -17.73 -15.13 -45.14
CA TRP F 99 -17.71 -16.58 -45.19
C TRP F 99 -17.71 -17.18 -43.79
N ASP F 100 -17.12 -16.46 -42.83
CA ASP F 100 -17.07 -16.97 -41.46
C ASP F 100 -18.44 -17.10 -40.82
N LYS F 101 -19.46 -16.40 -41.33
CA LYS F 101 -20.78 -16.48 -40.74
C LYS F 101 -21.45 -17.83 -41.02
N GLU F 102 -21.01 -18.54 -42.05
CA GLU F 102 -21.71 -19.72 -42.53
C GLU F 102 -21.23 -21.00 -41.86
N ILE F 103 -19.93 -21.32 -42.01
CA ILE F 103 -19.39 -22.60 -41.55
C ILE F 103 -18.82 -22.53 -40.14
N SER F 104 -18.89 -21.36 -39.48
CA SER F 104 -18.51 -21.28 -38.08
C SER F 104 -19.35 -22.20 -37.21
N ASN F 105 -20.56 -22.53 -37.66
CA ASN F 105 -21.38 -23.52 -36.95
C ASN F 105 -20.69 -24.89 -36.92
N TYR F 106 -20.02 -25.25 -38.03
CA TYR F 106 -19.46 -26.58 -38.20
C TYR F 106 -17.97 -26.67 -37.92
N THR F 107 -17.35 -25.61 -37.39
CA THR F 107 -15.92 -25.66 -37.11
C THR F 107 -15.60 -26.67 -36.02
N GLN F 108 -16.46 -26.76 -35.01
CA GLN F 108 -16.19 -27.65 -33.88
C GLN F 108 -16.36 -29.13 -34.22
N ILE F 109 -16.77 -29.46 -35.45
CA ILE F 109 -16.82 -30.83 -35.94
C ILE F 109 -15.57 -31.06 -36.77
N ILE F 110 -15.26 -30.10 -37.65
CA ILE F 110 -14.11 -30.21 -38.53
C ILE F 110 -12.83 -30.29 -37.72
N TYR F 111 -12.78 -29.60 -36.57
CA TYR F 111 -11.58 -29.64 -35.75
C TYR F 111 -11.29 -31.05 -35.25
N GLY F 112 -12.31 -31.74 -34.74
CA GLY F 112 -12.11 -33.12 -34.32
C GLY F 112 -11.78 -34.04 -35.49
N LEU F 113 -12.42 -33.80 -36.65
CA LEU F 113 -12.10 -34.59 -37.84
C LEU F 113 -10.63 -34.46 -38.20
N LEU F 114 -10.10 -33.23 -38.21
CA LEU F 114 -8.70 -33.02 -38.52
C LEU F 114 -7.80 -33.65 -37.47
N GLU F 115 -8.19 -33.51 -36.19
CA GLU F 115 -7.38 -34.02 -35.10
C GLU F 115 -7.21 -35.53 -35.19
N GLU F 116 -8.29 -36.26 -35.48
CA GLU F 116 -8.17 -37.70 -35.62
C GLU F 116 -7.50 -38.07 -36.94
N SER F 117 -7.81 -37.36 -38.02
CA SER F 117 -7.29 -37.67 -39.34
C SER F 117 -5.78 -37.51 -39.42
N GLN F 118 -5.17 -36.66 -38.60
CA GLN F 118 -3.71 -36.64 -38.55
C GLN F 118 -3.16 -37.91 -37.90
N ASN F 119 -3.83 -38.43 -36.87
CA ASN F 119 -3.43 -39.67 -36.25
C ASN F 119 -3.59 -40.87 -37.17
N GLN F 120 -4.61 -40.87 -38.03
CA GLN F 120 -4.67 -41.90 -39.06
C GLN F 120 -3.45 -41.83 -39.98
N GLN F 121 -2.94 -40.63 -40.23
CA GLN F 121 -1.79 -40.49 -41.13
C GLN F 121 -0.50 -40.96 -40.48
N GLU F 122 -0.13 -40.35 -39.36
CA GLU F 122 1.25 -40.48 -38.89
C GLU F 122 1.54 -41.83 -38.23
N LYS F 123 0.51 -42.57 -37.83
CA LYS F 123 0.75 -43.94 -37.35
C LYS F 123 1.22 -44.82 -38.49
N ASN F 124 0.72 -44.59 -39.70
CA ASN F 124 1.09 -45.43 -40.85
C ASN F 124 2.55 -45.23 -41.22
N GLU F 125 3.03 -43.98 -41.19
CA GLU F 125 4.45 -43.74 -41.46
C GLU F 125 5.32 -44.42 -40.41
N GLN F 126 4.80 -44.56 -39.19
CA GLN F 126 5.48 -45.33 -38.16
C GLN F 126 5.61 -46.81 -38.50
N ASP F 127 4.77 -47.31 -39.42
CA ASP F 127 4.85 -48.69 -39.89
C ASP F 127 5.64 -48.80 -41.18
N LEU F 128 5.38 -47.92 -42.14
CA LEU F 128 6.04 -48.02 -43.44
C LEU F 128 7.54 -47.81 -43.33
N LEU F 129 7.96 -46.83 -42.53
CA LEU F 129 9.38 -46.56 -42.36
C LEU F 129 10.09 -47.66 -41.57
N ALA F 130 9.35 -48.52 -40.87
CA ALA F 130 9.90 -49.74 -40.33
C ALA F 130 9.94 -50.86 -41.36
N LEU F 131 8.95 -50.90 -42.26
CA LEU F 131 8.98 -51.88 -43.34
C LEU F 131 10.09 -51.58 -44.34
N ASP F 132 10.37 -50.30 -44.57
CA ASP F 132 11.39 -49.89 -45.53
C ASP F 132 12.77 -50.42 -45.11
N GLN G 1 -22.06 69.56 -14.99
CA GLN G 1 -20.66 70.03 -14.80
C GLN G 1 -20.08 69.43 -13.51
N VAL G 2 -19.03 68.62 -13.66
CA VAL G 2 -18.42 67.95 -12.52
C VAL G 2 -17.51 68.93 -11.79
N GLN G 3 -17.63 68.97 -10.46
CA GLN G 3 -16.76 69.80 -9.64
C GLN G 3 -16.68 69.21 -8.24
N LEU G 4 -15.57 69.49 -7.56
CA LEU G 4 -15.33 69.04 -6.19
C LEU G 4 -14.87 70.22 -5.35
N VAL G 5 -15.28 70.23 -4.09
CA VAL G 5 -14.91 71.29 -3.13
C VAL G 5 -14.57 70.63 -1.81
N GLN G 6 -13.52 71.13 -1.16
CA GLN G 6 -12.97 70.58 0.07
C GLN G 6 -13.19 71.55 1.23
N SER G 7 -12.71 71.14 2.41
CA SER G 7 -12.76 71.99 3.59
C SER G 7 -11.72 73.11 3.47
N GLY G 8 -11.69 73.97 4.49
CA GLY G 8 -10.83 75.14 4.45
C GLY G 8 -9.46 74.90 5.05
N ALA G 9 -8.55 75.84 4.77
CA ALA G 9 -7.21 75.78 5.31
C ALA G 9 -7.22 76.07 6.80
N GLU G 10 -6.16 75.60 7.49
CA GLU G 10 -6.14 75.70 8.95
C GLU G 10 -4.71 75.58 9.46
N MET G 11 -4.53 75.99 10.71
CA MET G 11 -3.31 75.76 11.48
C MET G 11 -3.58 74.68 12.52
N LYS G 12 -2.64 73.76 12.67
CA LYS G 12 -2.77 72.68 13.64
C LYS G 12 -1.39 72.35 14.20
N LYS G 13 -1.30 72.26 15.52
CA LYS G 13 -0.02 72.05 16.16
C LYS G 13 0.41 70.58 16.04
N PRO G 14 1.71 70.29 16.21
CA PRO G 14 2.19 68.92 15.92
C PRO G 14 1.58 67.88 16.83
N GLY G 15 1.46 66.66 16.29
CA GLY G 15 1.02 65.51 17.06
C GLY G 15 -0.47 65.25 17.05
N ALA G 16 -1.28 66.22 16.66
CA ALA G 16 -2.73 66.06 16.66
C ALA G 16 -3.17 65.29 15.42
N SER G 17 -4.48 65.28 15.16
CA SER G 17 -5.05 64.70 13.94
C SER G 17 -5.88 65.76 13.24
N VAL G 18 -6.16 65.51 11.96
CA VAL G 18 -6.93 66.43 11.13
C VAL G 18 -7.95 65.63 10.33
N ARG G 19 -9.18 66.16 10.25
CA ARG G 19 -10.25 65.57 9.44
C ARG G 19 -10.44 66.49 8.24
N VAL G 20 -9.85 66.09 7.10
CA VAL G 20 -10.03 66.80 5.85
C VAL G 20 -11.18 66.13 5.09
N SER G 21 -11.99 66.94 4.40
CA SER G 21 -13.21 66.48 3.77
C SER G 21 -13.25 66.93 2.31
N CYS G 22 -13.94 66.13 1.50
CA CYS G 22 -14.12 66.38 0.08
C CYS G 22 -15.55 66.05 -0.31
N LYS G 23 -16.16 66.92 -1.12
CA LYS G 23 -17.51 66.70 -1.64
C LYS G 23 -17.51 67.00 -3.13
N ALA G 24 -18.21 66.15 -3.89
CA ALA G 24 -18.26 66.24 -5.35
C ALA G 24 -19.71 66.31 -5.81
N SER G 25 -19.96 67.15 -6.82
CA SER G 25 -21.27 67.29 -7.44
C SER G 25 -21.13 67.18 -8.95
N GLY G 26 -22.14 66.56 -9.58
CA GLY G 26 -22.17 66.37 -11.01
C GLY G 26 -22.17 64.93 -11.48
N TYR G 27 -21.99 63.96 -10.57
CA TYR G 27 -22.05 62.56 -10.93
C TYR G 27 -22.54 61.76 -9.72
N THR G 28 -23.00 60.54 -9.99
CA THR G 28 -23.35 59.63 -8.91
C THR G 28 -22.10 59.31 -8.11
N PHE G 29 -22.15 59.57 -6.80
CA PHE G 29 -20.93 59.58 -6.00
C PHE G 29 -20.28 58.21 -5.91
N THR G 30 -21.09 57.14 -6.01
CA THR G 30 -20.56 55.80 -5.74
C THR G 30 -19.78 55.23 -6.91
N ASP G 31 -19.78 55.87 -8.07
CA ASP G 31 -19.37 55.24 -9.32
C ASP G 31 -17.99 55.66 -9.82
N TYR G 32 -17.26 56.50 -9.08
CA TYR G 32 -15.87 56.80 -9.39
C TYR G 32 -15.01 56.70 -8.14
N TYR G 33 -13.78 56.24 -8.32
CA TYR G 33 -12.85 56.17 -7.21
C TYR G 33 -12.43 57.57 -6.77
N ILE G 34 -12.18 57.71 -5.47
CA ILE G 34 -11.70 58.95 -4.87
C ILE G 34 -10.27 58.72 -4.42
N HIS G 35 -9.33 59.41 -5.07
CA HIS G 35 -7.91 59.28 -4.79
C HIS G 35 -7.43 60.50 -4.02
N TRP G 36 -6.58 60.27 -3.03
CA TRP G 36 -6.02 61.33 -2.19
C TRP G 36 -4.58 61.59 -2.61
N VAL G 37 -4.26 62.84 -2.90
CA VAL G 37 -2.94 63.25 -3.38
C VAL G 37 -2.49 64.45 -2.55
N ARG G 38 -1.26 64.37 -2.03
CA ARG G 38 -0.68 65.40 -1.18
C ARG G 38 0.57 65.95 -1.86
N GLN G 39 0.73 67.27 -1.81
CA GLN G 39 1.89 67.96 -2.36
C GLN G 39 2.48 68.89 -1.30
N ALA G 40 3.66 68.52 -0.79
CA ALA G 40 4.38 69.40 0.10
C ALA G 40 4.89 70.62 -0.69
N PRO G 41 5.26 71.72 0.01
CA PRO G 41 5.64 72.94 -0.72
C PRO G 41 6.76 72.75 -1.74
N GLY G 42 6.43 72.96 -3.01
CA GLY G 42 7.39 72.86 -4.09
C GLY G 42 7.79 71.45 -4.47
N GLN G 43 7.25 70.43 -3.80
CA GLN G 43 7.63 69.04 -4.02
C GLN G 43 6.67 68.40 -5.03
N GLY G 44 7.09 67.30 -5.63
CA GLY G 44 6.20 66.51 -6.44
C GLY G 44 5.11 65.90 -5.58
N PRO G 45 3.87 65.78 -6.08
CA PRO G 45 2.82 65.18 -5.25
C PRO G 45 3.13 63.74 -4.89
N GLU G 46 2.72 63.34 -3.68
CA GLU G 46 2.78 61.96 -3.24
C GLU G 46 1.37 61.45 -3.04
N TRP G 47 1.13 60.20 -3.46
CA TRP G 47 -0.19 59.62 -3.46
C TRP G 47 -0.41 58.85 -2.15
N MET G 48 -1.55 59.12 -1.50
CA MET G 48 -1.82 58.59 -0.17
C MET G 48 -2.72 57.36 -0.16
N GLY G 49 -3.69 57.29 -1.06
CA GLY G 49 -4.60 56.17 -1.08
C GLY G 49 -5.80 56.43 -1.95
N TRP G 50 -6.67 55.41 -2.04
CA TRP G 50 -7.92 55.50 -2.79
C TRP G 50 -9.06 54.97 -1.93
N ILE G 51 -10.27 55.40 -2.26
CA ILE G 51 -11.51 54.97 -1.61
C ILE G 51 -12.46 54.46 -2.69
N ASN G 52 -13.13 53.35 -2.41
CA ASN G 52 -14.24 52.89 -3.23
C ASN G 52 -15.53 53.40 -2.60
N PRO G 53 -16.12 54.50 -3.07
CA PRO G 53 -17.31 55.03 -2.38
C PRO G 53 -18.55 54.15 -2.48
N SER G 54 -18.52 53.09 -3.28
CA SER G 54 -19.65 52.19 -3.41
C SER G 54 -19.69 51.12 -2.33
N THR G 55 -18.54 50.72 -1.78
CA THR G 55 -18.47 49.64 -0.78
C THR G 55 -17.62 50.02 0.42
N GLY G 56 -16.70 50.97 0.26
CA GLY G 56 -15.89 51.45 1.37
C GLY G 56 -14.53 50.80 1.50
N ARG G 57 -14.04 50.11 0.47
CA ARG G 57 -12.69 49.57 0.52
C ARG G 57 -11.67 50.68 0.30
N THR G 58 -10.50 50.53 0.93
CA THR G 58 -9.42 51.51 0.85
C THR G 58 -8.08 50.80 0.77
N ASN G 59 -7.07 51.55 0.34
CA ASN G 59 -5.70 51.05 0.27
C ASN G 59 -4.75 52.23 0.31
N SER G 60 -3.55 51.99 0.85
CA SER G 60 -2.55 53.03 1.05
C SER G 60 -1.17 52.42 0.81
N PRO G 61 -0.17 53.24 0.49
CA PRO G 61 1.17 52.69 0.25
C PRO G 61 1.88 52.35 1.56
N GLN G 62 3.13 51.93 1.42
CA GLN G 62 3.87 51.36 2.56
C GLN G 62 4.05 52.37 3.69
N LYS G 63 4.46 53.60 3.37
CA LYS G 63 4.76 54.56 4.43
C LYS G 63 3.51 55.03 5.15
N PHE G 64 2.36 55.07 4.47
CA PHE G 64 1.09 55.46 5.07
C PHE G 64 0.31 54.30 5.67
N GLN G 65 0.81 53.07 5.55
CA GLN G 65 0.04 51.90 5.96
C GLN G 65 0.00 51.78 7.48
N GLY G 66 -0.84 52.60 8.12
CA GLY G 66 -1.05 52.52 9.55
C GLY G 66 -1.29 53.85 10.26
N ARG G 67 -1.15 54.97 9.56
CA ARG G 67 -1.28 56.29 10.18
C ARG G 67 -2.31 57.20 9.52
N VAL G 68 -3.08 56.71 8.55
CA VAL G 68 -4.15 57.47 7.93
C VAL G 68 -5.37 56.57 7.79
N THR G 69 -6.53 57.08 8.19
CA THR G 69 -7.81 56.40 8.04
C THR G 69 -8.63 57.17 7.02
N MET G 70 -9.19 56.45 6.05
CA MET G 70 -9.97 57.02 4.96
C MET G 70 -11.36 56.43 4.99
N THR G 71 -12.37 57.27 4.75
CA THR G 71 -13.75 56.78 4.71
C THR G 71 -14.60 57.80 3.98
N ARG G 72 -15.91 57.54 3.97
CA ARG G 72 -16.88 58.41 3.30
C ARG G 72 -18.24 58.14 3.94
N ASP G 73 -19.18 59.04 3.66
CA ASP G 73 -20.59 58.85 4.01
C ASP G 73 -21.40 58.90 2.72
N THR G 74 -22.03 57.76 2.39
CA THR G 74 -22.76 57.68 1.13
C THR G 74 -23.98 58.59 1.13
N SER G 75 -24.59 58.81 2.29
CA SER G 75 -25.83 59.57 2.35
C SER G 75 -25.67 61.04 1.96
N ILE G 76 -24.46 61.58 2.02
CA ILE G 76 -24.23 63.00 1.78
C ILE G 76 -23.16 63.23 0.71
N SER G 77 -22.64 62.16 0.12
CA SER G 77 -21.71 62.27 -1.02
C SER G 77 -20.46 63.06 -0.66
N THR G 78 -19.99 62.90 0.58
CA THR G 78 -18.81 63.60 1.08
C THR G 78 -17.79 62.58 1.58
N ALA G 79 -16.55 62.70 1.12
CA ALA G 79 -15.48 61.78 1.45
C ALA G 79 -14.54 62.43 2.46
N TYR G 80 -13.91 61.59 3.28
CA TYR G 80 -13.13 62.04 4.42
C TYR G 80 -11.76 61.36 4.43
N MET G 81 -10.82 61.96 5.14
CA MET G 81 -9.50 61.39 5.34
C MET G 81 -8.99 61.86 6.69
N ASP G 82 -8.78 60.94 7.61
CA ASP G 82 -8.35 61.23 8.97
C ASP G 82 -6.86 60.91 9.09
N LEU G 83 -6.02 61.88 8.69
CA LEU G 83 -4.59 61.75 8.94
C LEU G 83 -4.36 61.91 10.45
N ASN G 84 -3.59 60.99 11.02
CA ASN G 84 -3.45 60.86 12.46
C ASN G 84 -1.97 60.85 12.83
N ARG G 85 -1.69 61.29 14.05
CA ARG G 85 -0.32 61.44 14.55
C ARG G 85 0.49 62.35 13.63
N LEU G 86 0.05 63.60 13.52
CA LEU G 86 0.63 64.52 12.56
C LEU G 86 2.09 64.84 12.90
N THR G 87 2.84 65.22 11.89
CA THR G 87 4.24 65.58 12.02
C THR G 87 4.51 66.82 11.19
N SER G 88 5.76 67.28 11.22
CA SER G 88 6.13 68.47 10.45
C SER G 88 6.05 68.20 8.95
N ASP G 89 6.38 66.96 8.53
CA ASP G 89 6.41 66.63 7.11
C ASP G 89 5.02 66.62 6.47
N ASP G 90 3.95 66.68 7.26
CA ASP G 90 2.60 66.73 6.72
C ASP G 90 2.20 68.12 6.22
N THR G 91 3.05 69.13 6.41
CA THR G 91 2.79 70.45 5.85
C THR G 91 2.67 70.36 4.33
N ALA G 92 1.47 70.61 3.80
CA ALA G 92 1.20 70.37 2.39
C ALA G 92 -0.20 70.84 2.07
N MET G 93 -0.50 70.94 0.78
CA MET G 93 -1.87 71.06 0.30
C MET G 93 -2.41 69.68 -0.04
N TYR G 94 -3.61 69.39 0.45
CA TYR G 94 -4.24 68.08 0.30
C TYR G 94 -5.32 68.17 -0.77
N TYR G 95 -5.26 67.28 -1.75
CA TYR G 95 -6.08 67.37 -2.95
C TYR G 95 -6.98 66.15 -3.07
N CYS G 96 -8.24 66.38 -3.41
CA CYS G 96 -9.22 65.34 -3.67
C CYS G 96 -9.46 65.25 -5.17
N THR G 97 -9.40 64.04 -5.71
CA THR G 97 -9.39 63.81 -7.16
C THR G 97 -10.34 62.67 -7.50
N THR G 98 -10.75 62.63 -8.76
CA THR G 98 -11.75 61.69 -9.27
C THR G 98 -11.07 60.66 -10.15
N GLY G 99 -11.21 59.38 -9.80
CA GLY G 99 -10.48 58.31 -10.46
C GLY G 99 -11.25 57.56 -11.53
N GLY G 100 -11.01 56.26 -11.62
CA GLY G 100 -11.56 55.48 -12.70
C GLY G 100 -12.99 55.06 -12.45
N TRP G 101 -13.59 54.51 -13.51
CA TRP G 101 -14.97 54.04 -13.46
C TRP G 101 -15.05 52.74 -12.67
N ILE G 102 -16.05 52.64 -11.80
CA ILE G 102 -16.22 51.46 -10.94
C ILE G 102 -17.15 50.50 -11.66
N GLY G 103 -16.62 49.34 -12.03
CA GLY G 103 -17.40 48.24 -12.57
C GLY G 103 -17.14 46.97 -11.78
N LEU G 104 -18.09 46.05 -11.88
CA LEU G 104 -18.00 44.81 -11.11
C LEU G 104 -16.93 43.87 -11.63
N TYR G 105 -16.63 43.92 -12.93
CA TYR G 105 -15.87 42.88 -13.60
C TYR G 105 -14.40 43.23 -13.84
N SER G 106 -13.89 44.30 -13.23
CA SER G 106 -12.49 44.64 -13.38
C SER G 106 -12.08 45.63 -12.30
N ASP G 107 -10.82 45.56 -11.90
CA ASP G 107 -10.26 46.43 -10.85
C ASP G 107 -9.56 47.60 -11.54
N THR G 108 -10.26 48.73 -11.65
CA THR G 108 -9.74 49.96 -12.20
C THR G 108 -9.22 50.91 -11.12
N SER G 109 -8.97 50.40 -9.90
CA SER G 109 -8.54 51.27 -8.80
C SER G 109 -7.18 51.88 -9.08
N GLY G 110 -6.25 51.08 -9.63
CA GLY G 110 -4.89 51.53 -9.82
C GLY G 110 -4.67 52.47 -10.98
N TYR G 111 -5.69 52.74 -11.79
CA TYR G 111 -5.54 53.64 -12.93
C TYR G 111 -5.28 55.05 -12.43
N PRO G 112 -4.15 55.72 -12.79
CA PRO G 112 -3.95 57.10 -12.34
C PRO G 112 -4.64 58.12 -13.24
N ASN G 113 -5.95 57.93 -13.44
CA ASN G 113 -6.75 58.77 -14.33
C ASN G 113 -7.51 59.82 -13.53
N PHE G 114 -6.79 60.81 -13.01
CA PHE G 114 -7.39 61.87 -12.22
C PHE G 114 -8.07 62.86 -13.16
N ASP G 115 -9.34 62.59 -13.45
CA ASP G 115 -10.08 63.42 -14.38
C ASP G 115 -10.29 64.83 -13.86
N TYR G 116 -10.59 64.97 -12.57
CA TYR G 116 -10.91 66.26 -11.97
C TYR G 116 -10.19 66.38 -10.63
N TRP G 117 -9.97 67.63 -10.21
CA TRP G 117 -9.25 67.94 -8.99
C TRP G 117 -10.03 68.93 -8.15
N GLY G 118 -9.93 68.78 -6.83
CA GLY G 118 -10.48 69.78 -5.93
C GLY G 118 -9.57 70.98 -5.80
N GLN G 119 -10.08 72.01 -5.13
CA GLN G 119 -9.34 73.27 -5.04
C GLN G 119 -8.13 73.15 -4.12
N GLY G 120 -8.06 72.13 -3.28
CA GLY G 120 -6.91 71.94 -2.42
C GLY G 120 -6.98 72.74 -1.13
N THR G 121 -6.69 72.09 -0.01
CA THR G 121 -6.79 72.71 1.31
C THR G 121 -5.49 72.47 2.06
N LEU G 122 -5.12 73.42 2.91
CA LEU G 122 -3.76 73.55 3.42
C LEU G 122 -3.68 73.11 4.88
N VAL G 123 -2.65 72.29 5.17
CA VAL G 123 -2.29 71.90 6.52
C VAL G 123 -0.87 72.35 6.77
N THR G 124 -0.61 72.86 7.98
CA THR G 124 0.73 73.30 8.36
C THR G 124 0.98 72.88 9.80
N VAL G 125 2.00 72.05 10.01
CA VAL G 125 2.42 71.62 11.34
C VAL G 125 3.70 72.36 11.68
N SER G 126 3.65 73.21 12.69
CA SER G 126 4.80 74.01 13.08
C SER G 126 4.59 74.65 14.45
N GLN H 1 14.56 64.35 -7.11
CA GLN H 1 13.97 63.00 -7.35
C GLN H 1 12.91 62.72 -6.27
N SER H 2 11.73 62.25 -6.68
CA SER H 2 10.65 61.99 -5.73
C SER H 2 10.34 60.50 -5.61
N ALA H 3 9.84 59.88 -6.69
CA ALA H 3 9.73 58.43 -6.79
C ALA H 3 10.23 57.94 -8.14
N LEU H 4 9.91 58.69 -9.19
CA LEU H 4 10.39 58.45 -10.54
C LEU H 4 11.28 59.61 -10.96
N THR H 5 12.21 59.32 -11.88
CA THR H 5 13.24 60.26 -12.28
C THR H 5 12.95 60.81 -13.66
N GLN H 6 13.28 62.09 -13.85
CA GLN H 6 13.13 62.74 -15.14
C GLN H 6 14.06 63.96 -15.17
N PRO H 7 14.37 64.48 -16.36
CA PRO H 7 15.15 65.73 -16.43
C PRO H 7 14.41 66.87 -15.76
N ALA H 8 15.17 67.72 -15.06
CA ALA H 8 14.56 68.75 -14.22
C ALA H 8 14.08 69.96 -15.01
N SER H 9 14.68 70.24 -16.17
CA SER H 9 14.25 71.39 -16.95
C SER H 9 14.96 71.37 -18.31
N VAL H 10 14.27 71.93 -19.31
CA VAL H 10 14.83 72.12 -20.64
C VAL H 10 14.23 73.40 -21.20
N SER H 11 15.03 74.13 -22.00
CA SER H 11 14.60 75.36 -22.63
C SER H 11 14.91 75.29 -24.13
N GLY H 12 14.01 75.84 -24.94
CA GLY H 12 14.12 75.72 -26.39
C GLY H 12 13.30 76.80 -27.07
N SER H 13 13.31 76.75 -28.45
CA SER H 13 12.69 77.79 -29.26
C SER H 13 11.31 77.33 -29.76
N PRO H 14 10.42 78.28 -30.11
CA PRO H 14 9.12 77.86 -30.64
C PRO H 14 9.26 77.18 -31.99
N GLY H 15 8.26 76.34 -32.32
CA GLY H 15 8.29 75.52 -33.50
C GLY H 15 8.97 74.19 -33.34
N GLN H 16 10.00 74.11 -32.49
CA GLN H 16 10.65 72.84 -32.17
C GLN H 16 9.81 72.11 -31.12
N SER H 17 10.37 71.05 -30.55
CA SER H 17 9.73 70.30 -29.48
C SER H 17 10.72 70.06 -28.36
N ILE H 18 10.22 70.10 -27.12
CA ILE H 18 10.93 69.61 -25.95
C ILE H 18 10.17 68.38 -25.45
N THR H 19 10.86 67.24 -25.43
CA THR H 19 10.27 65.96 -25.07
C THR H 19 10.81 65.55 -23.71
N ILE H 20 9.89 65.26 -22.79
CA ILE H 20 10.21 65.05 -21.37
C ILE H 20 10.04 63.56 -21.08
N SER H 21 11.14 62.93 -20.65
CA SER H 21 11.15 61.49 -20.38
C SER H 21 10.82 61.22 -18.92
N CYS H 22 10.19 60.06 -18.68
CA CYS H 22 9.86 59.58 -17.33
C CYS H 22 10.49 58.21 -17.13
N THR H 23 11.37 58.10 -16.13
CA THR H 23 12.07 56.86 -15.82
C THR H 23 11.88 56.54 -14.34
N GLY H 24 11.95 55.25 -13.98
CA GLY H 24 11.94 54.04 -14.77
C GLY H 24 12.29 52.82 -13.95
N THR H 25 11.50 51.75 -14.11
CA THR H 25 11.76 50.44 -13.53
C THR H 25 10.69 49.48 -14.03
N ASN H 26 11.02 48.18 -14.01
CA ASN H 26 10.17 47.19 -14.65
C ASN H 26 8.79 47.13 -14.01
N TYR H 27 8.73 47.30 -12.69
CA TYR H 27 7.46 47.16 -11.99
C TYR H 27 6.55 48.37 -12.14
N ASP H 28 7.09 49.54 -12.49
CA ASP H 28 6.30 50.76 -12.57
C ASP H 28 5.91 51.13 -13.99
N VAL H 29 6.90 51.37 -14.86
CA VAL H 29 6.63 51.92 -16.19
C VAL H 29 6.69 50.85 -17.27
N GLY H 30 7.49 49.80 -17.07
CA GLY H 30 7.61 48.77 -18.09
C GLY H 30 6.45 47.79 -18.08
N SER H 31 5.83 47.59 -16.92
CA SER H 31 4.84 46.53 -16.77
C SER H 31 3.50 46.86 -17.42
N TYR H 32 3.05 48.11 -17.35
CA TYR H 32 1.67 48.48 -17.60
C TYR H 32 1.58 49.63 -18.59
N ASN H 33 0.43 49.72 -19.27
CA ASN H 33 0.08 50.83 -20.15
C ASN H 33 -0.55 52.00 -19.39
N LEU H 34 -0.51 51.98 -18.07
CA LEU H 34 -1.21 52.97 -17.24
C LEU H 34 -0.26 54.08 -16.82
N VAL H 35 0.08 54.93 -17.79
CA VAL H 35 0.98 56.07 -17.58
C VAL H 35 0.24 57.34 -17.94
N SER H 36 0.25 58.31 -17.03
CA SER H 36 -0.39 59.60 -17.22
C SER H 36 0.62 60.72 -17.01
N TRP H 37 0.25 61.89 -17.50
CA TRP H 37 1.07 63.10 -17.46
C TRP H 37 0.24 64.26 -16.96
N TYR H 38 0.81 65.04 -16.04
CA TYR H 38 0.14 66.17 -15.42
C TYR H 38 1.02 67.41 -15.47
N GLN H 39 0.41 68.55 -15.75
CA GLN H 39 1.09 69.83 -15.86
C GLN H 39 0.71 70.70 -14.66
N GLN H 40 1.71 71.32 -14.03
CA GLN H 40 1.50 72.19 -12.90
C GLN H 40 2.20 73.52 -13.13
N HIS H 41 1.74 74.53 -12.41
CA HIS H 41 2.07 75.92 -12.64
C HIS H 41 2.10 76.60 -11.29
N PRO H 42 2.89 77.68 -11.11
CA PRO H 42 2.91 78.31 -9.78
C PRO H 42 1.56 78.74 -9.23
N GLY H 43 1.17 78.15 -8.09
CA GLY H 43 -0.08 78.46 -7.41
C GLY H 43 -1.30 77.77 -7.96
N LYS H 44 -1.13 76.82 -8.89
CA LYS H 44 -2.24 76.21 -9.61
C LYS H 44 -2.44 74.77 -9.21
N VAL H 45 -3.62 74.25 -9.57
CA VAL H 45 -3.96 72.84 -9.46
C VAL H 45 -3.26 72.12 -10.62
N PRO H 46 -2.93 70.83 -10.52
CA PRO H 46 -2.40 70.13 -11.70
C PRO H 46 -3.43 70.06 -12.82
N LYS H 47 -2.91 69.99 -14.06
CA LYS H 47 -3.74 69.89 -15.26
C LYS H 47 -3.53 68.52 -15.87
N TYR H 48 -4.61 67.90 -16.30
CA TYR H 48 -4.62 66.50 -16.73
C TYR H 48 -4.44 66.41 -18.23
N ILE H 49 -3.33 65.82 -18.68
CA ILE H 49 -2.81 65.99 -20.03
C ILE H 49 -2.98 64.71 -20.86
N ILE H 50 -2.46 63.58 -20.36
CA ILE H 50 -2.47 62.31 -21.09
C ILE H 50 -2.89 61.19 -20.16
N TYR H 51 -3.57 60.18 -20.71
CA TYR H 51 -3.96 59.00 -19.97
C TYR H 51 -3.85 57.77 -20.87
N GLU H 52 -3.65 56.62 -20.22
CA GLU H 52 -3.41 55.35 -20.92
C GLU H 52 -2.32 55.52 -21.98
N VAL H 53 -1.27 56.24 -21.58
CA VAL H 53 0.00 56.50 -22.29
C VAL H 53 -0.12 57.26 -23.61
N ASN H 54 -1.29 57.25 -24.29
CA ASN H 54 -1.41 57.87 -25.60
C ASN H 54 -2.73 58.58 -25.91
N LYS H 55 -3.55 58.94 -24.91
CA LYS H 55 -4.84 59.57 -25.14
C LYS H 55 -4.96 60.85 -24.31
N ARG H 56 -5.73 61.81 -24.81
CA ARG H 56 -5.88 63.11 -24.09
C ARG H 56 -7.37 63.36 -23.80
N PRO H 57 -7.72 64.02 -22.69
CA PRO H 57 -9.12 64.35 -22.39
C PRO H 57 -9.59 65.60 -23.14
N SER H 58 -10.86 65.95 -22.98
CA SER H 58 -11.40 67.18 -23.63
C SER H 58 -10.75 68.42 -23.02
N GLY H 59 -10.51 69.45 -23.83
CA GLY H 59 -9.91 70.67 -23.34
C GLY H 59 -8.40 70.78 -23.52
N VAL H 60 -7.68 69.67 -23.50
CA VAL H 60 -6.25 69.69 -23.79
C VAL H 60 -6.04 69.90 -25.28
N SER H 61 -5.24 70.91 -25.62
CA SER H 61 -4.95 71.22 -27.01
C SER H 61 -4.16 70.08 -27.65
N ASN H 62 -4.36 69.91 -28.96
CA ASN H 62 -3.84 68.74 -29.67
C ASN H 62 -2.37 68.87 -30.05
N ARG H 63 -1.64 69.83 -29.50
CA ARG H 63 -0.20 69.92 -29.78
C ARG H 63 0.57 68.81 -29.07
N PHE H 64 0.00 68.22 -28.03
CA PHE H 64 0.69 67.18 -27.28
C PHE H 64 0.60 65.83 -27.99
N SER H 65 1.48 64.92 -27.58
CA SER H 65 1.32 63.50 -27.88
C SER H 65 2.20 62.71 -26.91
N GLY H 66 1.88 61.43 -26.76
CA GLY H 66 2.55 60.56 -25.81
C GLY H 66 3.32 59.46 -26.50
N SER H 67 4.29 58.90 -25.77
CA SER H 67 5.12 57.84 -26.29
C SER H 67 5.66 57.01 -25.14
N LYS H 68 6.03 55.76 -25.45
CA LYS H 68 6.63 54.88 -24.45
C LYS H 68 7.35 53.76 -25.19
N SER H 69 8.42 53.27 -24.58
CA SER H 69 9.12 52.10 -25.08
C SER H 69 10.01 51.55 -23.98
N GLY H 70 9.97 50.24 -23.81
CA GLY H 70 10.78 49.62 -22.77
C GLY H 70 10.36 50.07 -21.39
N ASN H 71 11.32 50.62 -20.65
CA ASN H 71 11.15 50.99 -19.26
C ASN H 71 10.94 52.49 -19.05
N THR H 72 10.81 53.26 -20.14
CA THR H 72 10.78 54.72 -20.08
C THR H 72 9.65 55.25 -20.96
N ALA H 73 8.89 56.20 -20.42
CA ALA H 73 7.86 56.92 -21.14
C ALA H 73 8.30 58.35 -21.39
N SER H 74 7.65 59.01 -22.35
CA SER H 74 7.99 60.38 -22.70
C SER H 74 6.75 61.14 -23.14
N LEU H 75 6.80 62.46 -22.97
CA LEU H 75 5.72 63.37 -23.36
C LEU H 75 6.22 64.27 -24.47
N THR H 76 5.47 64.33 -25.56
CA THR H 76 5.77 65.20 -26.69
C THR H 76 4.86 66.42 -26.65
N ILE H 77 5.47 67.59 -26.88
CA ILE H 77 4.79 68.88 -26.80
C ILE H 77 5.05 69.60 -28.10
N SER H 78 5.09 68.84 -29.21
CA SER H 78 5.60 69.33 -30.48
C SER H 78 4.88 70.58 -30.96
N GLY H 79 5.65 71.49 -31.55
CA GLY H 79 5.14 72.78 -31.97
C GLY H 79 5.03 73.73 -30.80
N LEU H 80 6.17 74.04 -30.17
CA LEU H 80 6.17 74.81 -28.94
C LEU H 80 5.64 76.23 -29.17
N GLN H 81 4.74 76.64 -28.29
CA GLN H 81 4.33 78.03 -28.14
C GLN H 81 4.38 78.38 -26.66
N ALA H 82 4.36 79.68 -26.36
CA ALA H 82 4.69 80.17 -25.03
C ALA H 82 3.65 79.76 -23.97
N GLU H 83 2.52 79.19 -24.38
CA GLU H 83 1.57 78.65 -23.42
C GLU H 83 2.12 77.41 -22.71
N ASP H 84 2.96 76.62 -23.39
CA ASP H 84 3.42 75.34 -22.86
C ASP H 84 4.30 75.49 -21.61
N GLU H 85 4.82 76.68 -21.33
CA GLU H 85 5.82 76.85 -20.28
C GLU H 85 5.23 76.54 -18.90
N ALA H 86 5.49 75.34 -18.40
CA ALA H 86 4.91 74.89 -17.15
C ALA H 86 5.69 73.66 -16.66
N THR H 87 5.34 73.21 -15.46
CA THR H 87 6.03 72.11 -14.79
C THR H 87 5.25 70.82 -15.03
N TYR H 88 5.89 69.85 -15.67
CA TYR H 88 5.25 68.63 -16.15
C TYR H 88 5.67 67.45 -15.30
N TYR H 89 4.69 66.68 -14.83
CA TYR H 89 4.90 65.50 -14.00
C TYR H 89 4.40 64.25 -14.70
N CYS H 90 5.05 63.13 -14.40
CA CYS H 90 4.63 61.80 -14.83
C CYS H 90 4.20 60.96 -13.63
N CYS H 91 3.18 60.14 -13.84
CA CYS H 91 2.74 59.19 -12.84
C CYS H 91 2.20 57.95 -13.55
N SER H 92 2.30 56.82 -12.88
CA SER H 92 1.95 55.54 -13.46
C SER H 92 1.62 54.52 -12.38
N TYR H 93 1.05 53.41 -12.81
CA TYR H 93 0.76 52.31 -11.89
C TYR H 93 2.05 51.62 -11.46
N ALA H 94 2.05 51.14 -10.21
CA ALA H 94 3.26 50.64 -9.58
C ALA H 94 3.08 49.26 -8.96
N GLY H 95 2.05 48.51 -9.36
CA GLY H 95 1.82 47.18 -8.81
C GLY H 95 1.37 47.21 -7.37
N SER H 96 0.70 46.14 -6.95
CA SER H 96 0.19 46.01 -5.58
C SER H 96 -0.69 47.18 -5.20
N SER H 97 -1.49 47.68 -6.15
CA SER H 97 -2.41 48.78 -5.92
C SER H 97 -1.69 50.02 -5.39
N ILE H 98 -0.56 50.35 -6.01
CA ILE H 98 0.21 51.54 -5.69
C ILE H 98 0.44 52.31 -6.98
N ILE H 99 0.50 53.63 -6.87
CA ILE H 99 0.84 54.50 -8.01
C ILE H 99 1.88 55.51 -7.56
N PHE H 100 2.85 55.76 -8.43
CA PHE H 100 3.98 56.65 -8.17
C PHE H 100 3.86 57.90 -9.01
N PHE H 101 4.34 59.02 -8.47
CA PHE H 101 4.51 60.27 -9.21
C PHE H 101 5.99 60.50 -9.54
N GLY H 102 6.24 61.52 -10.36
CA GLY H 102 7.57 61.91 -10.74
C GLY H 102 8.03 63.20 -10.08
N GLY H 103 9.25 63.61 -10.43
CA GLY H 103 9.83 64.82 -9.87
C GLY H 103 9.34 66.12 -10.48
N GLY H 104 9.41 66.24 -11.80
CA GLY H 104 8.92 67.41 -12.50
C GLY H 104 9.87 67.86 -13.61
N THR H 105 9.36 68.76 -14.45
CA THR H 105 10.16 69.33 -15.54
C THR H 105 9.53 70.65 -15.97
N LYS H 106 10.21 71.76 -15.68
CA LYS H 106 9.76 73.04 -16.19
C LYS H 106 10.11 73.16 -17.67
N LEU H 107 9.34 73.98 -18.38
CA LEU H 107 9.48 74.16 -19.82
C LEU H 107 9.59 75.64 -20.15
N THR H 108 10.24 75.92 -21.28
CA THR H 108 10.46 77.29 -21.73
C THR H 108 10.39 77.33 -23.25
N VAL H 109 9.92 78.46 -23.77
CA VAL H 109 9.87 78.72 -25.21
C VAL H 109 10.52 80.09 -25.41
N ILE H 110 11.81 80.09 -25.75
CA ILE H 110 12.58 81.33 -25.79
C ILE H 110 12.10 82.24 -26.91
N GLU I 2 15.84 -58.84 -33.18
CA GLU I 2 15.71 -57.85 -34.28
C GLU I 2 16.07 -56.45 -33.80
N ASN I 3 16.49 -55.60 -34.74
CA ASN I 3 16.98 -54.27 -34.39
C ASN I 3 15.88 -53.41 -33.81
N LEU I 4 16.27 -52.48 -32.94
CA LEU I 4 15.38 -51.46 -32.40
C LEU I 4 16.08 -50.11 -32.48
N TRP I 5 15.29 -49.05 -32.41
CA TRP I 5 15.78 -47.68 -32.57
C TRP I 5 15.10 -46.80 -31.53
N VAL I 6 15.81 -45.76 -31.09
CA VAL I 6 15.24 -44.85 -30.11
C VAL I 6 14.18 -43.99 -30.80
N THR I 7 12.96 -44.03 -30.27
CA THR I 7 11.81 -43.35 -30.84
C THR I 7 11.19 -42.50 -29.73
N VAL I 8 10.99 -41.21 -30.02
CA VAL I 8 10.57 -40.23 -29.04
C VAL I 8 9.11 -39.89 -29.27
N TYR I 9 8.34 -39.86 -28.18
CA TYR I 9 6.89 -39.65 -28.20
C TYR I 9 6.54 -38.39 -27.43
N TYR I 10 5.49 -37.70 -27.89
CA TYR I 10 4.99 -36.49 -27.25
C TYR I 10 3.50 -36.66 -26.98
N GLY I 11 3.06 -36.17 -25.83
CA GLY I 11 1.74 -36.46 -25.32
C GLY I 11 1.67 -37.71 -24.46
N VAL I 12 2.80 -38.17 -23.93
CA VAL I 12 2.83 -39.41 -23.15
C VAL I 12 2.06 -39.21 -21.86
N PRO I 13 1.29 -40.23 -21.36
CA PRO I 13 0.69 -40.09 -20.01
C PRO I 13 1.61 -40.51 -18.87
N VAL I 14 2.53 -39.60 -18.53
CA VAL I 14 3.49 -39.78 -17.44
C VAL I 14 3.46 -38.51 -16.60
N TRP I 15 3.59 -38.68 -15.28
CA TRP I 15 3.59 -37.53 -14.37
C TRP I 15 4.51 -37.81 -13.19
N LYS I 16 4.82 -36.73 -12.46
CA LYS I 16 5.57 -36.79 -11.21
C LYS I 16 4.96 -35.80 -10.23
N GLU I 17 4.88 -36.19 -8.96
CA GLU I 17 4.40 -35.28 -7.93
C GLU I 17 5.40 -34.13 -7.77
N ALA I 18 4.86 -32.92 -7.59
CA ALA I 18 5.71 -31.74 -7.47
C ALA I 18 4.92 -30.63 -6.79
N LYS I 19 5.65 -29.60 -6.37
CA LYS I 19 5.05 -28.45 -5.71
C LYS I 19 4.66 -27.38 -6.73
N THR I 20 3.55 -26.70 -6.45
CA THR I 20 3.09 -25.60 -7.30
C THR I 20 1.97 -24.87 -6.57
N THR I 21 1.71 -23.64 -7.04
CA THR I 21 0.55 -22.92 -6.55
C THR I 21 -0.72 -23.55 -7.11
N LEU I 22 -1.86 -23.05 -6.64
CA LEU I 22 -3.16 -23.50 -7.13
C LEU I 22 -4.09 -22.31 -7.28
N PHE I 23 -5.05 -22.48 -8.18
CA PHE I 23 -6.16 -21.54 -8.31
C PHE I 23 -7.14 -21.74 -7.17
N CYS I 24 -8.04 -20.77 -7.00
CA CYS I 24 -9.25 -20.94 -6.21
C CYS I 24 -10.42 -20.55 -7.08
N ALA I 25 -11.49 -21.35 -7.01
CA ALA I 25 -12.68 -21.15 -7.84
C ALA I 25 -13.92 -21.25 -6.97
N SER I 26 -14.82 -20.29 -7.12
CA SER I 26 -16.07 -20.25 -6.37
C SER I 26 -17.18 -20.92 -7.16
N ASP I 27 -18.29 -21.17 -6.48
CA ASP I 27 -19.50 -21.57 -7.17
C ASP I 27 -20.06 -20.37 -7.92
N ALA I 28 -21.02 -20.64 -8.81
CA ALA I 28 -21.44 -19.64 -9.78
C ALA I 28 -22.08 -18.40 -9.15
N ARG I 29 -22.65 -18.53 -7.95
CA ARG I 29 -23.46 -17.45 -7.37
C ARG I 29 -22.66 -16.51 -6.48
N ALA I 30 -21.33 -16.43 -6.65
CA ALA I 30 -20.50 -15.62 -5.76
C ALA I 30 -20.35 -14.18 -6.20
N TYR I 31 -20.86 -13.80 -7.37
CA TYR I 31 -20.56 -12.51 -7.98
C TYR I 31 -21.75 -11.55 -8.04
N GLU I 32 -22.89 -11.90 -7.45
CA GLU I 32 -23.97 -10.93 -7.26
C GLU I 32 -23.75 -10.04 -6.03
N LYS I 33 -22.71 -10.30 -5.24
CA LYS I 33 -22.48 -9.62 -3.97
C LYS I 33 -21.59 -8.39 -4.18
N GLU I 34 -21.13 -7.83 -3.06
CA GLU I 34 -20.30 -6.64 -3.09
C GLU I 34 -18.84 -7.02 -3.30
N VAL I 35 -17.97 -6.00 -3.32
CA VAL I 35 -16.53 -6.26 -3.34
C VAL I 35 -16.09 -6.73 -1.96
N HIS I 36 -15.15 -7.68 -1.95
CA HIS I 36 -14.54 -8.24 -0.73
C HIS I 36 -15.51 -9.07 0.10
N ASN I 37 -16.76 -9.24 -0.34
CA ASN I 37 -17.80 -9.89 0.44
C ASN I 37 -18.54 -10.91 -0.43
N VAL I 38 -18.34 -12.21 -0.18
CA VAL I 38 -17.39 -12.92 0.68
C VAL I 38 -16.07 -12.91 -0.10
N TRP I 39 -14.95 -13.25 0.55
CA TRP I 39 -13.66 -13.37 -0.13
C TRP I 39 -13.72 -14.23 -1.39
N ALA I 40 -14.66 -15.17 -1.47
CA ALA I 40 -14.80 -16.00 -2.66
C ALA I 40 -15.07 -15.19 -3.92
N THR I 41 -15.72 -14.04 -3.81
CA THR I 41 -15.96 -13.22 -5.00
C THR I 41 -14.69 -12.54 -5.49
N HIS I 42 -13.68 -12.38 -4.63
CA HIS I 42 -12.54 -11.53 -4.91
C HIS I 42 -11.34 -12.32 -5.42
N ALA I 43 -10.92 -13.34 -4.69
CA ALA I 43 -9.70 -14.07 -5.03
C ALA I 43 -9.91 -15.13 -6.11
N CYS I 44 -11.15 -15.46 -6.45
CA CYS I 44 -11.46 -16.67 -7.19
C CYS I 44 -12.19 -16.38 -8.49
N VAL I 45 -12.42 -17.46 -9.22
CA VAL I 45 -12.77 -17.47 -10.63
C VAL I 45 -14.02 -18.34 -10.70
N PRO I 46 -14.95 -18.16 -11.63
CA PRO I 46 -16.14 -19.02 -11.60
C PRO I 46 -15.88 -20.43 -12.10
N THR I 47 -16.04 -21.40 -11.20
CA THR I 47 -15.82 -22.80 -11.53
C THR I 47 -16.83 -23.27 -12.57
N ASP I 48 -16.34 -24.05 -13.53
CA ASP I 48 -17.18 -24.73 -14.51
C ASP I 48 -17.23 -26.20 -14.12
N PRO I 49 -18.37 -26.75 -13.66
CA PRO I 49 -18.36 -28.17 -13.26
C PRO I 49 -17.99 -29.13 -14.38
N SER I 50 -18.20 -28.75 -15.64
CA SER I 50 -17.76 -29.55 -16.77
C SER I 50 -16.30 -29.23 -17.11
N PRO I 51 -15.44 -30.22 -17.44
CA PRO I 51 -15.67 -31.67 -17.47
C PRO I 51 -15.67 -32.27 -16.07
N GLN I 52 -16.36 -33.38 -15.87
CA GLN I 52 -16.51 -34.00 -14.56
C GLN I 52 -15.36 -35.00 -14.34
N GLU I 53 -15.47 -35.82 -13.30
CA GLU I 53 -14.37 -36.68 -12.89
C GLU I 53 -14.10 -37.76 -13.94
N LEU I 54 -12.85 -38.22 -13.97
CA LEU I 54 -12.43 -39.37 -14.76
C LEU I 54 -11.69 -40.33 -13.85
N VAL I 55 -11.88 -41.63 -14.09
CA VAL I 55 -11.27 -42.69 -13.30
C VAL I 55 -10.19 -43.35 -14.15
N LEU I 56 -9.00 -43.47 -13.57
CA LEU I 56 -7.88 -44.15 -14.23
C LEU I 56 -7.88 -45.61 -13.81
N GLY I 57 -7.82 -46.51 -14.80
CA GLY I 57 -8.22 -47.88 -14.57
C GLY I 57 -7.20 -48.78 -13.91
N ASN I 58 -5.89 -48.52 -14.11
CA ASN I 58 -4.88 -49.52 -13.79
C ASN I 58 -3.68 -48.90 -13.08
N VAL I 59 -3.91 -48.03 -12.10
CA VAL I 59 -2.86 -47.37 -11.34
C VAL I 59 -3.18 -47.46 -9.86
N THR I 60 -2.16 -47.78 -9.06
CA THR I 60 -2.26 -47.88 -7.60
C THR I 60 -1.15 -47.01 -7.03
N GLU I 61 -1.50 -45.83 -6.53
CA GLU I 61 -0.55 -44.77 -6.24
C GLU I 61 -0.58 -44.37 -4.77
N ASN I 62 0.59 -43.95 -4.28
CA ASN I 62 0.72 -43.49 -2.91
C ASN I 62 0.00 -42.16 -2.70
N PHE I 63 -0.64 -42.04 -1.54
CA PHE I 63 -1.20 -40.78 -1.05
C PHE I 63 -0.70 -40.56 0.37
N ASN I 64 -0.45 -39.30 0.72
CA ASN I 64 0.06 -38.94 2.05
C ASN I 64 -0.65 -37.68 2.50
N MET I 65 -1.54 -37.81 3.48
CA MET I 65 -2.35 -36.67 3.92
C MET I 65 -1.48 -35.63 4.62
N TRP I 66 -0.66 -36.06 5.57
CA TRP I 66 0.02 -35.12 6.46
C TRP I 66 1.17 -34.38 5.80
N LYS I 67 1.78 -34.94 4.77
CA LYS I 67 2.83 -34.25 4.03
C LYS I 67 2.30 -33.42 2.86
N ASN I 68 0.98 -33.34 2.70
CA ASN I 68 0.36 -32.60 1.60
C ASN I 68 0.63 -31.11 1.82
N ASP I 69 1.29 -30.48 0.84
CA ASP I 69 1.53 -29.04 0.90
C ASP I 69 0.27 -28.24 0.55
N MET I 70 -0.79 -28.90 0.09
CA MET I 70 -2.00 -28.18 -0.29
C MET I 70 -2.61 -27.46 0.92
N VAL I 71 -2.64 -28.12 2.08
CA VAL I 71 -3.12 -27.45 3.28
C VAL I 71 -2.16 -26.34 3.70
N ASP I 72 -0.86 -26.55 3.51
CA ASP I 72 0.11 -25.52 3.84
C ASP I 72 -0.09 -24.27 2.99
N GLN I 73 -0.60 -24.42 1.77
CA GLN I 73 -0.92 -23.26 0.95
C GLN I 73 -2.31 -22.71 1.27
N MET I 74 -3.23 -23.58 1.65
CA MET I 74 -4.52 -23.14 2.19
C MET I 74 -4.33 -22.18 3.35
N HIS I 75 -3.41 -22.51 4.25
CA HIS I 75 -3.14 -21.68 5.41
C HIS I 75 -2.68 -20.29 5.01
N GLU I 76 -1.69 -20.23 4.12
CA GLU I 76 -1.18 -18.92 3.67
C GLU I 76 -2.27 -18.14 2.93
N ASP I 77 -3.06 -18.82 2.10
CA ASP I 77 -4.12 -18.15 1.36
C ASP I 77 -5.14 -17.52 2.31
N ILE I 78 -5.64 -18.29 3.27
CA ILE I 78 -6.67 -17.76 4.17
C ILE I 78 -6.08 -16.66 5.04
N ILE I 79 -4.83 -16.81 5.47
CA ILE I 79 -4.19 -15.78 6.28
C ILE I 79 -4.09 -14.46 5.50
N SER I 80 -3.58 -14.53 4.27
CA SER I 80 -3.41 -13.32 3.48
C SER I 80 -4.74 -12.71 3.08
N LEU I 81 -5.74 -13.53 2.74
CA LEU I 81 -7.05 -13.02 2.39
C LEU I 81 -7.77 -12.37 3.57
N TRP I 82 -7.59 -12.88 4.79
CA TRP I 82 -8.15 -12.18 5.94
C TRP I 82 -7.39 -10.89 6.21
N ASP I 83 -6.06 -10.93 6.10
CA ASP I 83 -5.26 -9.73 6.33
C ASP I 83 -5.63 -8.62 5.34
N GLN I 84 -5.98 -9.00 4.11
CA GLN I 84 -6.33 -8.02 3.09
C GLN I 84 -7.59 -7.25 3.47
N SER I 85 -8.59 -7.94 4.00
CA SER I 85 -9.90 -7.34 4.19
C SER I 85 -9.90 -6.27 5.29
N LEU I 86 -9.02 -6.40 6.27
CA LEU I 86 -9.00 -5.50 7.42
C LEU I 86 -8.14 -4.26 7.20
N LYS I 87 -7.74 -3.98 5.95
CA LYS I 87 -7.01 -2.75 5.67
C LYS I 87 -7.92 -1.52 5.71
N PRO I 88 -8.97 -1.42 4.89
CA PRO I 88 -9.73 -0.16 4.86
C PRO I 88 -10.55 0.09 6.11
N CYS I 89 -10.92 -0.94 6.85
CA CYS I 89 -11.82 -0.77 7.99
C CYS I 89 -11.16 0.07 9.08
N VAL I 90 -11.98 0.74 9.87
CA VAL I 90 -11.52 1.74 10.84
C VAL I 90 -10.66 1.04 11.89
N LYS I 91 -9.44 1.56 12.09
CA LYS I 91 -8.48 0.92 13.00
C LYS I 91 -8.53 1.49 14.42
N LEU I 92 -9.74 1.66 14.98
CA LEU I 92 -10.03 2.17 16.31
C LEU I 92 -9.02 3.24 16.75
N THR I 93 -8.47 3.14 18.00
CA THR I 93 -7.31 3.83 18.58
C THR I 93 -7.72 4.96 19.51
N PRO I 94 -8.74 5.80 19.20
CA PRO I 94 -9.24 6.71 20.25
C PRO I 94 -9.91 6.02 21.43
N LEU I 95 -10.15 4.70 21.33
CA LEU I 95 -10.74 3.95 22.42
C LEU I 95 -9.72 3.46 23.44
N CYS I 96 -8.43 3.70 23.22
CA CYS I 96 -7.42 3.48 24.26
C CYS I 96 -7.47 4.61 25.30
N VAL I 97 -8.55 4.63 26.08
CA VAL I 97 -8.75 5.65 27.10
C VAL I 97 -9.28 4.99 28.36
N THR I 98 -9.25 5.76 29.45
CA THR I 98 -9.75 5.31 30.74
C THR I 98 -11.26 5.13 30.68
N LEU I 99 -11.72 3.92 31.01
CA LEU I 99 -13.14 3.57 30.99
C LEU I 99 -13.66 3.48 32.41
N ILE I 100 -14.63 4.33 32.74
CA ILE I 100 -15.28 4.35 34.05
C ILE I 100 -16.58 3.60 33.89
N CYS I 101 -16.80 2.60 34.75
CA CYS I 101 -17.84 1.61 34.56
C CYS I 101 -18.64 1.38 35.83
N SER I 102 -19.84 0.82 35.66
CA SER I 102 -20.71 0.41 36.75
C SER I 102 -21.19 -1.01 36.48
N ASN I 103 -21.68 -1.66 37.55
CA ASN I 103 -21.89 -3.10 37.55
C ASN I 103 -23.36 -3.55 37.49
N ALA I 104 -24.26 -2.85 38.17
CA ALA I 104 -25.68 -3.22 38.24
C ALA I 104 -25.86 -4.53 39.00
N THR I 105 -27.10 -5.04 39.03
CA THR I 105 -27.53 -6.07 39.97
C THR I 105 -28.09 -7.27 39.21
N VAL I 106 -27.49 -8.45 39.44
CA VAL I 106 -28.06 -9.71 38.96
C VAL I 106 -28.13 -10.73 40.09
N LYS I 107 -27.02 -10.88 40.84
CA LYS I 107 -26.96 -11.65 42.08
C LYS I 107 -27.11 -13.16 41.92
N ASN I 108 -27.33 -13.66 40.69
CA ASN I 108 -27.55 -15.09 40.51
C ASN I 108 -26.24 -15.83 40.20
N GLY I 109 -25.47 -15.32 39.23
CA GLY I 109 -24.30 -16.02 38.75
C GLY I 109 -24.54 -17.00 37.62
N THR I 110 -25.80 -17.38 37.39
CA THR I 110 -26.13 -18.21 36.24
C THR I 110 -26.13 -17.43 34.93
N VAL I 111 -26.25 -16.09 35.00
CA VAL I 111 -26.24 -15.23 33.83
C VAL I 111 -25.35 -14.03 34.15
N GLU I 112 -24.80 -13.41 33.10
CA GLU I 112 -23.55 -12.66 33.22
C GLU I 112 -23.72 -11.16 33.41
N GLU I 113 -24.82 -10.56 32.95
CA GLU I 113 -24.91 -9.11 32.69
C GLU I 113 -23.90 -8.68 31.62
N MET I 114 -23.94 -7.40 31.25
CA MET I 114 -22.88 -6.73 30.52
C MET I 114 -22.44 -5.51 31.32
N LYS I 115 -21.13 -5.28 31.36
CA LYS I 115 -20.64 -4.13 32.10
C LYS I 115 -20.90 -2.85 31.31
N ASN I 116 -21.43 -1.84 32.00
CA ASN I 116 -21.76 -0.55 31.41
C ASN I 116 -20.61 0.41 31.65
N CYS I 117 -19.91 0.79 30.57
CA CYS I 117 -18.72 1.61 30.63
C CYS I 117 -18.94 2.90 29.83
N SER I 118 -18.23 3.95 30.24
CA SER I 118 -18.38 5.28 29.65
C SER I 118 -17.01 5.90 29.41
N PHE I 119 -16.95 6.80 28.43
CA PHE I 119 -15.68 7.37 27.99
C PHE I 119 -15.90 8.72 27.33
N ASN I 120 -14.85 9.54 27.38
CA ASN I 120 -14.80 10.79 26.63
C ASN I 120 -14.35 10.49 25.20
N THR I 121 -15.06 11.06 24.23
CA THR I 121 -14.86 10.75 22.81
C THR I 121 -14.26 11.94 22.09
N THR I 122 -13.19 11.69 21.34
CA THR I 122 -12.69 12.67 20.39
C THR I 122 -13.66 12.73 19.22
N THR I 123 -14.63 13.62 19.27
CA THR I 123 -15.71 13.61 18.30
C THR I 123 -15.18 14.05 16.93
N GLU I 124 -16.11 14.14 15.97
CA GLU I 124 -15.72 14.31 14.57
C GLU I 124 -15.12 15.70 14.30
N ILE I 125 -15.25 16.62 15.25
CA ILE I 125 -14.62 17.95 15.16
C ILE I 125 -13.44 17.96 16.15
N ARG I 126 -12.85 16.79 16.40
CA ARG I 126 -11.67 16.64 17.25
C ARG I 126 -11.84 17.23 18.65
N ASP I 127 -11.37 18.46 18.86
CA ASP I 127 -11.11 18.96 20.21
C ASP I 127 -12.35 19.53 20.90
N LYS I 128 -13.43 18.76 20.93
CA LYS I 128 -14.64 19.14 21.66
C LYS I 128 -15.32 17.84 22.09
N GLU I 129 -14.96 17.36 23.28
CA GLU I 129 -15.32 16.02 23.68
C GLU I 129 -16.76 15.95 24.17
N LYS I 130 -17.33 14.74 24.09
CA LYS I 130 -18.57 14.40 24.75
C LYS I 130 -18.43 13.03 25.38
N LYS I 131 -19.04 12.87 26.56
CA LYS I 131 -19.04 11.58 27.22
C LYS I 131 -20.04 10.65 26.54
N GLU I 132 -19.67 9.38 26.40
CA GLU I 132 -20.47 8.42 25.66
C GLU I 132 -20.28 7.06 26.31
N TYR I 133 -21.33 6.23 26.28
CA TYR I 133 -21.35 4.96 26.97
C TYR I 133 -21.67 3.82 26.00
N ALA I 134 -21.23 2.62 26.36
CA ALA I 134 -21.51 1.42 25.58
C ALA I 134 -21.38 0.19 26.48
N LEU I 135 -22.11 -0.85 26.12
CA LEU I 135 -22.03 -2.12 26.83
C LEU I 135 -20.90 -2.97 26.24
N PHE I 136 -20.14 -3.62 27.11
CA PHE I 136 -19.03 -4.48 26.72
C PHE I 136 -19.15 -5.83 27.41
N TYR I 137 -18.90 -6.89 26.65
CA TYR I 137 -18.79 -8.21 27.25
C TYR I 137 -17.59 -8.23 28.18
N LYS I 138 -17.76 -8.84 29.36
CA LYS I 138 -16.72 -8.81 30.39
C LYS I 138 -15.37 -9.37 29.94
N PRO I 139 -15.27 -10.44 29.15
CA PRO I 139 -13.93 -10.90 28.72
C PRO I 139 -13.13 -9.87 27.95
N ASP I 140 -13.77 -8.86 27.36
CA ASP I 140 -13.09 -7.85 26.55
C ASP I 140 -12.66 -6.62 27.36
N ILE I 141 -12.80 -6.64 28.68
CA ILE I 141 -12.47 -5.52 29.56
C ILE I 141 -11.63 -6.01 30.73
N VAL I 142 -10.65 -5.20 31.12
CA VAL I 142 -9.71 -5.52 32.20
C VAL I 142 -9.63 -4.29 33.10
N PRO I 143 -9.40 -4.43 34.41
CA PRO I 143 -9.14 -3.24 35.22
C PRO I 143 -7.84 -2.55 34.81
N LEU I 144 -7.83 -1.22 34.93
CA LEU I 144 -6.72 -0.45 34.40
C LEU I 144 -5.44 -0.61 35.20
N SER I 145 -5.54 -0.73 36.54
CA SER I 145 -4.37 -0.66 37.39
C SER I 145 -4.60 -1.51 38.64
N GLU I 146 -3.49 -1.82 39.31
CA GLU I 146 -3.52 -2.56 40.57
C GLU I 146 -4.08 -1.72 41.72
N THR I 147 -4.28 -0.42 41.54
CA THR I 147 -4.77 0.45 42.60
C THR I 147 -6.16 0.00 43.06
N ASN I 148 -6.59 0.56 44.19
CA ASN I 148 -7.84 0.15 44.82
C ASN I 148 -9.08 0.59 44.05
N ASN I 149 -8.94 1.47 43.06
CA ASN I 149 -10.08 1.98 42.31
C ASN I 149 -10.67 0.83 41.47
N THR I 150 -11.83 0.33 41.90
CA THR I 150 -12.53 -0.73 41.19
C THR I 150 -13.44 -0.21 40.08
N SER I 151 -13.36 1.09 39.76
CA SER I 151 -14.22 1.71 38.76
C SER I 151 -13.45 2.29 37.59
N GLU I 152 -12.25 1.78 37.29
CA GLU I 152 -11.39 2.28 36.24
C GLU I 152 -10.90 1.09 35.41
N TYR I 153 -11.29 1.05 34.14
CA TYR I 153 -11.10 -0.13 33.30
C TYR I 153 -10.43 0.23 31.98
N ARG I 154 -9.87 -0.80 31.35
CA ARG I 154 -9.19 -0.70 30.06
C ARG I 154 -9.61 -1.88 29.20
N LEU I 155 -9.61 -1.68 27.88
CA LEU I 155 -9.83 -2.77 26.95
C LEU I 155 -8.69 -3.78 27.04
N ILE I 156 -8.86 -4.92 26.36
CA ILE I 156 -7.83 -5.95 26.28
C ILE I 156 -6.95 -5.68 25.05
N ASN I 157 -7.06 -4.48 24.50
CA ASN I 157 -6.09 -3.98 23.54
C ASN I 157 -5.18 -3.04 24.33
N CYS I 158 -4.37 -2.27 23.62
CA CYS I 158 -3.70 -1.07 24.13
C CYS I 158 -2.46 -1.45 24.94
N ASN I 159 -2.27 -2.74 25.21
CA ASN I 159 -1.12 -3.25 25.94
C ASN I 159 -0.26 -4.08 25.00
N THR I 160 -0.92 -4.83 24.11
CA THR I 160 -0.27 -5.76 23.19
C THR I 160 -0.22 -5.25 21.76
N SER I 161 -1.32 -4.72 21.23
CA SER I 161 -1.37 -4.33 19.83
C SER I 161 -2.53 -3.37 19.61
N ALA I 162 -2.47 -2.66 18.49
CA ALA I 162 -3.60 -1.87 18.03
C ALA I 162 -4.60 -2.78 17.32
N CYS I 163 -5.87 -2.38 17.37
CA CYS I 163 -6.97 -3.22 16.91
C CYS I 163 -7.86 -2.44 15.95
N THR I 164 -8.62 -3.18 15.15
CA THR I 164 -9.45 -2.62 14.08
C THR I 164 -10.82 -3.27 14.06
N GLN I 165 -11.83 -2.47 13.75
CA GLN I 165 -13.19 -2.98 13.62
C GLN I 165 -13.35 -3.74 12.31
N ALA I 166 -14.13 -4.82 12.35
CA ALA I 166 -14.52 -5.49 11.11
C ALA I 166 -15.63 -4.70 10.43
N CYS I 167 -15.51 -4.51 9.13
CA CYS I 167 -16.47 -3.70 8.41
C CYS I 167 -17.84 -4.38 8.42
N PRO I 168 -18.93 -3.60 8.31
CA PRO I 168 -20.26 -4.22 8.30
C PRO I 168 -20.66 -4.76 6.94
N LYS I 169 -19.98 -4.36 5.86
CA LYS I 169 -20.31 -4.80 4.52
C LYS I 169 -19.49 -6.01 4.08
N VAL I 170 -18.87 -6.73 5.01
CA VAL I 170 -18.20 -7.99 4.74
C VAL I 170 -18.67 -9.01 5.76
N THR I 171 -18.95 -10.22 5.29
CA THR I 171 -19.55 -11.28 6.10
C THR I 171 -18.56 -12.41 6.33
N PHE I 172 -18.80 -13.15 7.42
CA PHE I 172 -17.95 -14.25 7.84
C PHE I 172 -18.42 -15.61 7.34
N GLU I 173 -19.52 -15.66 6.58
CA GLU I 173 -20.11 -16.93 6.19
C GLU I 173 -19.20 -17.64 5.20
N PRO I 174 -18.78 -18.90 5.44
CA PRO I 174 -17.93 -19.58 4.46
C PRO I 174 -18.63 -19.93 3.16
N ILE I 175 -18.33 -19.19 2.10
CA ILE I 175 -18.72 -19.61 0.75
C ILE I 175 -17.82 -20.75 0.30
N PRO I 176 -18.34 -21.81 -0.34
CA PRO I 176 -17.46 -22.93 -0.71
C PRO I 176 -16.37 -22.50 -1.70
N ILE I 177 -15.18 -23.09 -1.52
CA ILE I 177 -13.99 -22.76 -2.30
C ILE I 177 -13.54 -24.03 -3.02
N HIS I 178 -13.29 -23.90 -4.33
CA HIS I 178 -12.78 -25.00 -5.14
C HIS I 178 -11.35 -24.66 -5.56
N TYR I 179 -10.41 -25.54 -5.22
CA TYR I 179 -9.03 -25.37 -5.65
C TYR I 179 -8.80 -26.06 -6.99
N CYS I 180 -8.38 -25.27 -7.98
CA CYS I 180 -8.18 -25.74 -9.35
C CYS I 180 -6.70 -25.76 -9.66
N ALA I 181 -6.29 -26.66 -10.56
CA ALA I 181 -4.89 -26.80 -10.92
C ALA I 181 -4.52 -25.86 -12.07
N PRO I 182 -3.27 -25.40 -12.17
CA PRO I 182 -2.88 -24.65 -13.37
C PRO I 182 -2.57 -25.60 -14.52
N ALA I 183 -2.29 -24.99 -15.67
CA ALA I 183 -1.99 -25.78 -16.86
C ALA I 183 -0.70 -26.57 -16.67
N GLY I 184 -0.68 -27.78 -17.22
CA GLY I 184 0.45 -28.67 -17.07
C GLY I 184 0.46 -29.49 -15.80
N TYR I 185 -0.52 -29.29 -14.92
CA TYR I 185 -0.65 -30.05 -13.68
C TYR I 185 -2.04 -30.68 -13.62
N ALA I 186 -2.16 -31.71 -12.77
CA ALA I 186 -3.41 -32.42 -12.57
C ALA I 186 -3.59 -32.72 -11.08
N ILE I 187 -4.84 -32.90 -10.68
CA ILE I 187 -5.21 -33.27 -9.31
C ILE I 187 -5.71 -34.70 -9.33
N LEU I 188 -5.14 -35.55 -8.48
CA LEU I 188 -5.52 -36.95 -8.38
C LEU I 188 -6.38 -37.14 -7.13
N LYS I 189 -7.54 -37.75 -7.32
CA LYS I 189 -8.52 -37.98 -6.26
C LYS I 189 -8.48 -39.47 -5.89
N CYS I 190 -8.10 -39.77 -4.65
CA CYS I 190 -8.16 -41.14 -4.16
C CYS I 190 -9.61 -41.57 -4.04
N ASN I 191 -10.07 -42.39 -4.97
CA ASN I 191 -11.48 -42.77 -5.04
C ASN I 191 -11.85 -43.90 -4.09
N ASP I 192 -10.88 -44.48 -3.38
CA ASP I 192 -11.19 -45.50 -2.38
C ASP I 192 -11.98 -44.87 -1.24
N GLU I 193 -13.05 -45.53 -0.82
CA GLU I 193 -13.98 -44.96 0.15
C GLU I 193 -13.65 -45.34 1.59
N THR I 194 -12.54 -46.03 1.84
CA THR I 194 -12.11 -46.40 3.19
C THR I 194 -10.65 -46.07 3.44
N PHE I 195 -10.08 -45.11 2.71
CA PHE I 195 -8.66 -44.83 2.82
C PHE I 195 -8.34 -44.19 4.16
N ASN I 196 -7.26 -44.66 4.80
CA ASN I 196 -6.96 -44.24 6.16
C ASN I 196 -6.16 -42.93 6.20
N GLY I 197 -5.33 -42.67 5.19
CA GLY I 197 -4.62 -41.41 5.09
C GLY I 197 -3.20 -41.47 4.55
N THR I 198 -2.53 -42.62 4.69
CA THR I 198 -1.15 -42.77 4.22
C THR I 198 -0.98 -44.17 3.67
N GLY I 199 -0.84 -44.29 2.35
CA GLY I 199 -0.59 -45.56 1.71
C GLY I 199 -1.00 -45.57 0.25
N PRO I 200 -0.84 -46.72 -0.40
CA PRO I 200 -1.20 -46.81 -1.82
C PRO I 200 -2.69 -46.89 -2.07
N CYS I 201 -3.25 -45.88 -2.73
CA CYS I 201 -4.65 -45.86 -3.12
C CYS I 201 -4.82 -46.72 -4.37
N SER I 202 -5.56 -47.82 -4.25
CA SER I 202 -5.74 -48.75 -5.36
C SER I 202 -6.81 -48.30 -6.35
N ASN I 203 -7.43 -47.14 -6.16
CA ASN I 203 -8.41 -46.59 -7.10
C ASN I 203 -8.21 -45.09 -7.13
N VAL I 204 -7.59 -44.59 -8.21
CA VAL I 204 -7.20 -43.20 -8.34
C VAL I 204 -7.98 -42.57 -9.49
N SER I 205 -8.66 -41.47 -9.20
CA SER I 205 -9.34 -40.66 -10.20
C SER I 205 -8.58 -39.35 -10.42
N THR I 206 -9.02 -38.61 -11.43
CA THR I 206 -8.49 -37.28 -11.72
C THR I 206 -9.63 -36.34 -12.02
N VAL I 207 -9.53 -35.11 -11.53
CA VAL I 207 -10.62 -34.15 -11.58
C VAL I 207 -10.06 -32.79 -12.00
N GLN I 208 -10.89 -32.01 -12.67
CA GLN I 208 -10.49 -30.66 -13.07
C GLN I 208 -10.21 -29.78 -11.85
N CYS I 209 -11.11 -29.79 -10.87
CA CYS I 209 -10.93 -29.05 -9.64
C CYS I 209 -11.51 -29.84 -8.47
N THR I 210 -11.01 -29.53 -7.28
CA THR I 210 -11.51 -30.15 -6.06
C THR I 210 -12.92 -29.68 -5.76
N HIS I 211 -13.64 -30.49 -4.98
CA HIS I 211 -14.97 -30.11 -4.54
C HIS I 211 -14.90 -28.99 -3.51
N GLY I 212 -16.03 -28.32 -3.32
CA GLY I 212 -16.10 -27.13 -2.49
C GLY I 212 -15.64 -27.31 -1.05
N ILE I 213 -14.79 -26.40 -0.58
CA ILE I 213 -14.33 -26.40 0.79
C ILE I 213 -15.05 -25.28 1.54
N ARG I 214 -15.66 -25.62 2.68
CA ARG I 214 -16.26 -24.61 3.54
C ARG I 214 -15.24 -24.24 4.61
N PRO I 215 -14.52 -23.10 4.49
CA PRO I 215 -13.49 -22.78 5.50
C PRO I 215 -14.09 -22.30 6.82
N VAL I 216 -14.72 -23.24 7.53
CA VAL I 216 -15.36 -22.93 8.80
C VAL I 216 -14.30 -23.02 9.90
N VAL I 217 -14.19 -21.97 10.71
CA VAL I 217 -13.22 -21.95 11.81
C VAL I 217 -13.87 -22.59 13.03
N SER I 218 -13.22 -23.62 13.57
CA SER I 218 -13.70 -24.30 14.76
C SER I 218 -12.54 -25.02 15.42
N THR I 219 -12.57 -25.08 16.75
CA THR I 219 -11.43 -25.57 17.52
C THR I 219 -11.55 -27.06 17.86
N GLN I 220 -12.60 -27.44 18.60
CA GLN I 220 -12.70 -28.81 19.07
C GLN I 220 -13.42 -29.70 18.05
N LEU I 221 -14.66 -29.37 17.74
CA LEU I 221 -15.45 -30.14 16.79
C LEU I 221 -15.27 -29.58 15.38
N LEU I 222 -15.60 -30.42 14.40
CA LEU I 222 -15.59 -30.04 12.98
C LEU I 222 -17.02 -29.87 12.52
N LEU I 223 -17.42 -28.63 12.29
CA LEU I 223 -18.78 -28.29 11.87
C LEU I 223 -18.87 -28.50 10.36
N ASN I 224 -19.97 -28.04 9.74
CA ASN I 224 -20.41 -28.36 8.36
C ASN I 224 -19.27 -28.73 7.42
N GLY I 225 -19.32 -29.96 6.90
CA GLY I 225 -18.23 -30.46 6.08
C GLY I 225 -18.56 -31.84 5.56
N SER I 226 -17.50 -32.50 5.08
CA SER I 226 -17.67 -33.80 4.45
C SER I 226 -17.94 -34.90 5.48
N LEU I 227 -18.74 -35.89 5.07
CA LEU I 227 -19.07 -37.04 5.89
C LEU I 227 -18.39 -38.28 5.33
N ALA I 228 -18.03 -39.20 6.23
CA ALA I 228 -17.42 -40.46 5.80
C ALA I 228 -18.40 -41.24 4.93
N GLU I 229 -17.87 -41.92 3.92
CA GLU I 229 -18.72 -42.61 2.96
C GLU I 229 -19.49 -43.77 3.59
N LYS I 230 -18.81 -44.59 4.41
CA LYS I 230 -19.40 -45.84 4.89
C LYS I 230 -19.36 -45.98 6.41
N GLU I 231 -18.28 -45.53 7.06
CA GLU I 231 -18.10 -45.77 8.48
C GLU I 231 -17.15 -44.74 9.07
N ILE I 232 -17.11 -44.71 10.39
CA ILE I 232 -16.21 -43.80 11.10
C ILE I 232 -14.78 -44.27 10.90
N VAL I 233 -13.92 -43.35 10.44
CA VAL I 233 -12.51 -43.62 10.18
C VAL I 233 -11.69 -42.61 10.95
N ILE I 234 -10.59 -43.08 11.54
CA ILE I 234 -9.71 -42.27 12.38
C ILE I 234 -8.33 -42.21 11.74
N ARG I 235 -7.64 -41.09 11.96
CA ARG I 235 -6.39 -40.79 11.27
C ARG I 235 -5.41 -40.15 12.25
N SER I 236 -4.18 -40.63 12.28
CA SER I 236 -3.14 -40.03 13.10
C SER I 236 -1.77 -40.51 12.63
N GLU I 237 -0.75 -39.67 12.86
CA GLU I 237 0.60 -40.04 12.48
C GLU I 237 1.11 -41.23 13.29
N ASN I 238 1.07 -41.11 14.61
CA ASN I 238 1.75 -42.05 15.49
C ASN I 238 0.94 -42.09 16.80
N LEU I 239 0.06 -43.08 16.94
CA LEU I 239 -0.75 -43.19 18.13
C LEU I 239 0.05 -43.61 19.35
N THR I 240 1.23 -44.22 19.15
CA THR I 240 2.06 -44.62 20.27
C THR I 240 2.55 -43.42 21.06
N ASN I 241 3.01 -42.38 20.37
CA ASN I 241 3.34 -41.09 20.99
C ASN I 241 2.06 -40.26 20.98
N ASN I 242 1.47 -40.10 22.16
CA ASN I 242 0.12 -39.54 22.26
C ASN I 242 0.04 -38.07 21.85
N ALA I 243 1.18 -37.38 21.78
CA ALA I 243 1.14 -35.93 21.53
C ALA I 243 0.58 -35.56 20.17
N LYS I 244 0.59 -36.49 19.21
CA LYS I 244 0.10 -36.18 17.88
C LYS I 244 -1.42 -36.13 17.88
N ILE I 245 -1.98 -35.15 17.15
CA ILE I 245 -3.43 -35.00 17.10
C ILE I 245 -4.04 -36.17 16.34
N ILE I 246 -5.26 -36.54 16.74
CA ILE I 246 -6.05 -37.57 16.07
C ILE I 246 -7.24 -36.89 15.41
N ILE I 247 -7.51 -37.24 14.16
CA ILE I 247 -8.66 -36.75 13.42
C ILE I 247 -9.67 -37.87 13.32
N VAL I 248 -10.85 -37.65 13.89
CA VAL I 248 -11.98 -38.58 13.78
C VAL I 248 -12.94 -38.03 12.74
N HIS I 249 -13.36 -38.89 11.82
CA HIS I 249 -14.21 -38.51 10.69
C HIS I 249 -15.52 -39.27 10.81
N LEU I 250 -16.63 -38.55 10.90
CA LEU I 250 -17.93 -39.14 11.22
C LEU I 250 -18.70 -39.48 9.95
N HIS I 251 -19.44 -40.58 10.01
CA HIS I 251 -20.32 -40.97 8.91
C HIS I 251 -21.73 -40.42 9.11
N THR I 252 -22.30 -40.63 10.31
CA THR I 252 -23.61 -40.09 10.66
C THR I 252 -23.42 -38.76 11.38
N PRO I 253 -23.95 -37.64 10.89
CA PRO I 253 -23.72 -36.37 11.58
C PRO I 253 -24.49 -36.28 12.88
N VAL I 254 -23.97 -35.44 13.78
CA VAL I 254 -24.65 -35.08 15.03
C VAL I 254 -25.10 -33.63 14.89
N GLU I 255 -26.39 -33.39 15.11
CA GLU I 255 -26.95 -32.06 14.93
C GLU I 255 -26.74 -31.21 16.18
N ILE I 256 -26.39 -29.94 15.96
CA ILE I 256 -26.13 -28.99 17.03
C ILE I 256 -26.80 -27.68 16.67
N VAL I 257 -27.40 -27.03 17.67
CA VAL I 257 -28.04 -25.73 17.52
C VAL I 257 -27.65 -24.85 18.69
N CYS I 258 -27.22 -23.63 18.41
CA CYS I 258 -26.84 -22.65 19.43
C CYS I 258 -27.59 -21.35 19.20
N THR I 259 -27.91 -20.67 20.30
CA THR I 259 -28.67 -19.41 20.26
C THR I 259 -28.10 -18.44 21.27
N ARG I 260 -28.33 -17.15 21.00
CA ARG I 260 -28.13 -16.08 21.98
C ARG I 260 -29.49 -15.45 22.25
N PRO I 261 -30.21 -15.78 23.32
CA PRO I 261 -31.57 -15.23 23.48
C PRO I 261 -31.60 -13.73 23.77
N ASN I 262 -30.47 -13.10 24.09
CA ASN I 262 -30.49 -11.68 24.40
C ASN I 262 -30.78 -10.87 23.14
N ASN I 263 -31.70 -9.91 23.28
CA ASN I 263 -32.12 -9.04 22.17
C ASN I 263 -31.30 -7.76 22.23
N ASN I 264 -30.08 -7.84 21.74
CA ASN I 264 -29.18 -6.69 21.74
C ASN I 264 -29.64 -5.65 20.73
N THR I 265 -29.27 -4.39 21.00
CA THR I 265 -29.58 -3.27 20.13
C THR I 265 -28.32 -2.45 19.92
N ARG I 266 -28.12 -1.95 18.70
CA ARG I 266 -26.87 -1.33 18.33
C ARG I 266 -26.83 0.14 18.71
N LYS I 267 -25.61 0.68 18.72
CA LYS I 267 -25.34 2.07 19.03
C LYS I 267 -24.15 2.52 18.17
N SER I 268 -24.10 3.81 17.87
CA SER I 268 -23.08 4.39 17.01
C SER I 268 -22.33 5.48 17.75
N VAL I 269 -21.02 5.52 17.53
CA VAL I 269 -20.12 6.50 18.14
C VAL I 269 -19.20 7.04 17.06
N ARG I 270 -18.94 8.35 17.09
CA ARG I 270 -18.03 8.95 16.12
C ARG I 270 -16.60 8.83 16.61
N ILE I 271 -15.72 8.35 15.73
CA ILE I 271 -14.31 8.17 16.05
C ILE I 271 -13.49 8.98 15.06
N GLY I 272 -13.22 10.24 15.38
CA GLY I 272 -12.56 11.12 14.45
C GLY I 272 -13.49 11.51 13.32
N PRO I 273 -12.94 12.12 12.26
CA PRO I 273 -13.80 12.62 11.18
C PRO I 273 -14.27 11.52 10.24
N GLY I 274 -15.59 11.49 10.01
CA GLY I 274 -16.16 10.75 8.91
C GLY I 274 -16.22 9.24 9.06
N GLN I 275 -16.07 8.71 10.27
CA GLN I 275 -16.07 7.27 10.48
C GLN I 275 -16.70 6.95 11.83
N THR I 276 -17.28 5.75 11.92
CA THR I 276 -18.15 5.36 13.02
C THR I 276 -17.66 4.07 13.66
N PHE I 277 -17.95 3.92 14.94
CA PHE I 277 -17.67 2.71 15.70
C PHE I 277 -18.96 2.18 16.29
N TYR I 278 -19.42 1.04 15.80
CA TYR I 278 -20.67 0.45 16.27
C TYR I 278 -20.46 -0.25 17.60
N ALA I 279 -21.48 -0.19 18.45
CA ALA I 279 -21.42 -0.78 19.79
C ALA I 279 -22.82 -1.19 20.22
N THR I 280 -22.87 -1.93 21.33
CA THR I 280 -24.14 -2.36 21.92
C THR I 280 -24.61 -1.28 22.88
N GLY I 281 -25.86 -0.86 22.74
CA GLY I 281 -26.42 0.23 23.50
C GLY I 281 -27.51 -0.15 24.47
N ASP I 282 -28.21 -1.25 24.21
CA ASP I 282 -29.33 -1.66 25.03
C ASP I 282 -29.54 -3.16 24.92
N ILE I 283 -30.23 -3.71 25.91
CA ILE I 283 -30.64 -5.12 25.92
C ILE I 283 -32.13 -5.10 26.21
N ILE I 284 -32.94 -5.40 25.20
CA ILE I 284 -34.39 -5.38 25.36
C ILE I 284 -34.85 -6.70 25.94
N GLY I 285 -35.64 -6.64 27.01
CA GLY I 285 -36.17 -7.83 27.64
C GLY I 285 -35.26 -8.37 28.72
N ASP I 286 -35.56 -9.59 29.16
CA ASP I 286 -34.85 -10.23 30.24
C ASP I 286 -33.56 -10.87 29.72
N ILE I 287 -32.47 -10.66 30.46
CA ILE I 287 -31.17 -11.21 30.07
C ILE I 287 -31.18 -12.71 30.30
N LYS I 288 -30.63 -13.47 29.36
CA LYS I 288 -30.66 -14.91 29.40
C LYS I 288 -29.34 -15.47 28.89
N GLN I 289 -29.17 -16.79 29.08
CA GLN I 289 -27.88 -17.45 28.87
C GLN I 289 -27.77 -17.95 27.44
N ALA I 290 -26.58 -17.82 26.86
CA ALA I 290 -26.28 -18.39 25.56
C ALA I 290 -25.82 -19.85 25.73
N HIS I 291 -26.16 -20.68 24.75
CA HIS I 291 -25.98 -22.12 24.93
C HIS I 291 -26.00 -22.81 23.57
N CYS I 292 -25.61 -24.09 23.59
CA CYS I 292 -25.75 -25.01 22.46
C CYS I 292 -26.44 -26.27 22.92
N ASN I 293 -27.32 -26.80 22.09
CA ASN I 293 -28.10 -28.01 22.38
C ASN I 293 -27.67 -29.13 21.44
N ILE I 294 -27.33 -30.27 22.02
CA ILE I 294 -27.02 -31.50 21.29
C ILE I 294 -27.89 -32.60 21.85
N SER I 295 -28.49 -33.39 20.95
CA SER I 295 -29.38 -34.47 21.38
C SER I 295 -28.56 -35.58 22.01
N GLU I 296 -28.93 -35.96 23.25
CA GLU I 296 -28.24 -37.03 23.95
C GLU I 296 -28.39 -38.36 23.23
N GLU I 297 -29.55 -38.61 22.64
CA GLU I 297 -29.83 -39.85 21.93
C GLU I 297 -28.87 -40.12 20.78
N LYS I 298 -28.34 -39.07 20.14
CA LYS I 298 -27.37 -39.22 19.06
C LYS I 298 -25.94 -39.27 19.58
N TRP I 299 -25.58 -38.41 20.52
CA TRP I 299 -24.21 -38.36 21.03
C TRP I 299 -23.84 -39.64 21.75
N ASN I 300 -24.77 -40.20 22.54
CA ASN I 300 -24.48 -41.43 23.27
C ASN I 300 -24.18 -42.58 22.33
N ASP I 301 -24.96 -42.71 21.25
CA ASP I 301 -24.68 -43.70 20.23
C ASP I 301 -23.35 -43.41 19.53
N THR I 302 -23.13 -42.14 19.18
CA THR I 302 -22.01 -41.77 18.33
C THR I 302 -20.69 -42.03 19.02
N LEU I 303 -20.60 -41.76 20.32
CA LEU I 303 -19.31 -41.86 20.97
C LEU I 303 -18.88 -43.30 21.25
N GLN I 304 -19.83 -44.22 21.43
CA GLN I 304 -19.47 -45.63 21.45
C GLN I 304 -19.21 -46.20 20.05
N LYS I 305 -19.89 -45.67 19.03
CA LYS I 305 -19.51 -45.97 17.66
C LYS I 305 -18.07 -45.55 17.38
N VAL I 306 -17.68 -44.40 17.92
CA VAL I 306 -16.29 -43.95 17.81
C VAL I 306 -15.40 -44.82 18.68
N GLY I 307 -15.94 -45.32 19.79
CA GLY I 307 -15.15 -46.17 20.68
C GLY I 307 -14.72 -47.46 20.02
N ILE I 308 -15.61 -48.09 19.25
CA ILE I 308 -15.23 -49.33 18.59
C ILE I 308 -14.07 -49.08 17.62
N GLU I 309 -14.08 -47.93 16.94
CA GLU I 309 -13.00 -47.63 16.02
C GLU I 309 -11.70 -47.31 16.76
N LEU I 310 -11.79 -46.59 17.86
CA LEU I 310 -10.60 -46.31 18.66
C LEU I 310 -10.04 -47.56 19.32
N GLN I 311 -10.87 -48.60 19.47
CA GLN I 311 -10.42 -49.82 20.13
C GLN I 311 -9.34 -50.54 19.33
N LYS I 312 -9.32 -50.35 18.01
CA LYS I 312 -8.54 -51.23 17.15
C LYS I 312 -7.04 -51.02 17.32
N HIS I 313 -6.60 -49.76 17.39
CA HIS I 313 -5.19 -49.45 17.62
C HIS I 313 -4.84 -49.32 19.10
N PHE I 314 -5.82 -49.48 19.99
CA PHE I 314 -5.56 -49.71 21.42
C PHE I 314 -6.37 -50.91 21.90
N PRO I 315 -6.12 -52.09 21.32
CA PRO I 315 -6.96 -53.25 21.65
C PRO I 315 -6.81 -53.72 23.09
N ASN I 316 -5.66 -53.44 23.71
CA ASN I 316 -5.42 -53.91 25.08
C ASN I 316 -6.37 -53.27 26.08
N LYS I 317 -6.80 -52.03 25.83
CA LYS I 317 -7.46 -51.21 26.84
C LYS I 317 -8.82 -50.72 26.35
N THR I 318 -9.75 -50.59 27.30
CA THR I 318 -11.02 -49.94 27.05
C THR I 318 -10.85 -48.42 27.09
N ILE I 319 -11.95 -47.70 26.87
CA ILE I 319 -11.92 -46.27 26.54
C ILE I 319 -12.82 -45.50 27.50
N LYS I 320 -12.37 -44.31 27.89
CA LYS I 320 -13.16 -43.34 28.65
C LYS I 320 -12.82 -41.95 28.13
N TYR I 321 -13.84 -41.08 28.04
CA TYR I 321 -13.64 -39.73 27.56
C TYR I 321 -13.57 -38.75 28.73
N ASN I 322 -12.86 -37.65 28.53
CA ASN I 322 -12.50 -36.76 29.64
C ASN I 322 -12.38 -35.32 29.16
N GLN I 323 -12.29 -34.43 30.13
CA GLN I 323 -12.19 -32.97 29.93
C GLN I 323 -10.89 -32.59 29.23
N SER I 324 -10.86 -31.41 28.61
CA SER I 324 -9.66 -30.91 27.97
C SER I 324 -8.54 -30.72 29.00
N ALA I 325 -7.33 -30.46 28.48
CA ALA I 325 -6.14 -30.37 29.32
C ALA I 325 -6.18 -29.17 30.26
N GLY I 326 -6.99 -28.16 29.98
CA GLY I 326 -7.06 -26.97 30.80
C GLY I 326 -6.17 -25.85 30.31
N GLY I 327 -6.66 -24.62 30.38
CA GLY I 327 -5.89 -23.49 29.91
C GLY I 327 -6.79 -22.29 29.73
N ASP I 328 -6.34 -21.39 28.85
CA ASP I 328 -7.10 -20.19 28.53
C ASP I 328 -8.41 -20.57 27.85
N MET I 329 -9.38 -19.64 27.89
CA MET I 329 -10.67 -19.81 27.24
C MET I 329 -10.53 -20.31 25.80
N GLU I 330 -9.82 -19.55 24.97
CA GLU I 330 -9.71 -19.87 23.55
C GLU I 330 -8.98 -21.18 23.31
N ILE I 331 -8.24 -21.69 24.30
CA ILE I 331 -7.54 -22.95 24.15
C ILE I 331 -8.43 -24.13 24.56
N THR I 332 -9.15 -23.99 25.67
CA THR I 332 -9.87 -25.13 26.23
C THR I 332 -11.27 -25.28 25.63
N THR I 333 -11.95 -24.19 25.32
CA THR I 333 -13.35 -24.25 24.93
C THR I 333 -13.50 -24.50 23.44
N HIS I 334 -14.60 -25.18 23.08
CA HIS I 334 -15.04 -25.22 21.70
C HIS I 334 -15.50 -23.84 21.29
N SER I 335 -14.99 -23.35 20.15
CA SER I 335 -15.29 -22.01 19.68
C SER I 335 -15.69 -22.08 18.20
N PHE I 336 -16.49 -21.10 17.80
CA PHE I 336 -17.01 -21.05 16.44
C PHE I 336 -17.60 -19.67 16.21
N ASN I 337 -17.93 -19.41 14.95
CA ASN I 337 -18.60 -18.17 14.56
C ASN I 337 -20.06 -18.49 14.27
N CYS I 338 -20.92 -17.49 14.46
CA CYS I 338 -22.34 -17.64 14.19
C CYS I 338 -22.94 -16.28 13.86
N GLY I 339 -23.21 -16.05 12.59
CA GLY I 339 -23.84 -14.82 12.16
C GLY I 339 -23.01 -13.56 12.34
N GLY I 340 -21.73 -13.70 12.67
CA GLY I 340 -20.87 -12.58 13.02
C GLY I 340 -20.44 -12.56 14.46
N GLU I 341 -21.19 -13.21 15.36
CA GLU I 341 -20.77 -13.34 16.74
C GLU I 341 -19.85 -14.53 16.90
N PHE I 342 -19.02 -14.49 17.95
CA PHE I 342 -18.07 -15.55 18.25
C PHE I 342 -18.42 -16.16 19.59
N PHE I 343 -18.56 -17.49 19.60
CA PHE I 343 -19.01 -18.24 20.77
C PHE I 343 -17.86 -19.06 21.32
N TYR I 344 -17.92 -19.38 22.61
CA TYR I 344 -16.91 -20.20 23.28
C TYR I 344 -17.62 -21.06 24.31
N CYS I 345 -17.75 -22.36 24.02
CA CYS I 345 -18.63 -23.24 24.76
C CYS I 345 -17.84 -24.15 25.70
N ASN I 346 -18.29 -24.21 26.96
CA ASN I 346 -17.74 -25.16 27.92
C ASN I 346 -18.30 -26.54 27.63
N THR I 347 -17.41 -27.47 27.26
CA THR I 347 -17.81 -28.70 26.58
C THR I 347 -17.70 -29.92 27.50
N SER I 348 -17.59 -29.70 28.81
CA SER I 348 -17.38 -30.81 29.75
C SER I 348 -18.56 -31.79 29.75
N ASN I 349 -19.76 -31.30 29.46
CA ASN I 349 -20.92 -32.19 29.45
C ASN I 349 -20.83 -33.23 28.34
N LEU I 350 -20.24 -32.89 27.21
CA LEU I 350 -20.18 -33.81 26.08
C LEU I 350 -19.22 -34.96 26.34
N PHE I 351 -17.94 -34.64 26.57
CA PHE I 351 -16.90 -35.65 26.65
C PHE I 351 -16.92 -36.31 28.03
N ASN I 352 -17.84 -37.27 28.15
CA ASN I 352 -18.10 -37.96 29.41
C ASN I 352 -18.71 -39.31 29.08
N GLY I 353 -18.33 -40.33 29.86
CA GLY I 353 -18.74 -41.69 29.61
C GLY I 353 -17.59 -42.56 29.14
N THR I 354 -17.92 -43.83 28.87
CA THR I 354 -16.90 -44.83 28.58
C THR I 354 -17.44 -45.84 27.59
N TYR I 355 -16.54 -46.73 27.16
CA TYR I 355 -16.88 -47.84 26.29
C TYR I 355 -15.93 -49.00 26.58
N ASN I 356 -16.52 -50.20 26.71
CA ASN I 356 -15.78 -51.42 27.04
C ASN I 356 -16.03 -52.53 26.02
N GLY I 357 -16.24 -52.17 24.75
CA GLY I 357 -16.64 -53.17 23.76
C GLY I 357 -18.06 -53.63 23.91
N THR I 358 -18.92 -52.82 24.57
CA THR I 358 -20.28 -53.22 24.96
C THR I 358 -21.25 -52.14 24.46
N TYR I 359 -21.92 -52.43 23.35
CA TYR I 359 -22.83 -51.47 22.74
C TYR I 359 -24.14 -51.39 23.53
N ILE I 360 -24.67 -50.18 23.66
CA ILE I 360 -25.94 -49.92 24.34
C ILE I 360 -26.94 -49.41 23.32
N SER I 361 -28.18 -49.89 23.43
CA SER I 361 -29.15 -49.76 22.35
C SER I 361 -29.64 -48.33 22.18
N THR I 362 -29.96 -47.98 20.92
CA THR I 362 -30.69 -46.75 20.62
C THR I 362 -32.19 -47.00 20.52
N ASN I 363 -32.62 -48.21 20.22
CA ASN I 363 -34.00 -48.54 19.93
C ASN I 363 -34.64 -49.22 21.13
N SER I 364 -35.80 -48.73 21.60
CA SER I 364 -36.59 -47.56 21.22
C SER I 364 -36.02 -46.31 21.88
N SER I 365 -36.06 -45.18 21.17
CA SER I 365 -35.64 -43.90 21.74
C SER I 365 -36.76 -43.40 22.64
N ALA I 366 -36.63 -43.62 23.94
CA ALA I 366 -37.69 -43.29 24.88
C ALA I 366 -37.97 -41.79 24.93
N ASN I 367 -36.97 -40.95 24.66
CA ASN I 367 -37.14 -39.50 24.73
C ASN I 367 -36.25 -38.87 23.67
N SER I 368 -36.84 -38.57 22.51
CA SER I 368 -36.13 -37.85 21.46
C SER I 368 -35.97 -36.37 21.77
N THR I 369 -36.73 -35.84 22.72
CA THR I 369 -36.56 -34.45 23.16
C THR I 369 -35.47 -34.29 24.21
N SER I 370 -34.85 -35.38 24.66
CA SER I 370 -33.74 -35.28 25.60
C SER I 370 -32.56 -34.55 24.96
N THR I 371 -31.89 -33.73 25.77
CA THR I 371 -30.79 -32.89 25.27
C THR I 371 -29.74 -32.77 26.35
N ILE I 372 -28.55 -32.35 25.93
CA ILE I 372 -27.47 -31.92 26.82
C ILE I 372 -27.05 -30.53 26.36
N THR I 373 -26.99 -29.59 27.30
CA THR I 373 -26.89 -28.16 26.99
C THR I 373 -25.50 -27.67 27.35
N LEU I 374 -24.73 -27.28 26.34
CA LEU I 374 -23.47 -26.59 26.55
C LEU I 374 -23.74 -25.12 26.83
N GLN I 375 -22.96 -24.54 27.74
CA GLN I 375 -23.08 -23.13 28.11
C GLN I 375 -21.90 -22.37 27.52
N CYS I 376 -22.19 -21.29 26.80
CA CYS I 376 -21.21 -20.60 25.97
C CYS I 376 -21.17 -19.12 26.30
N ARG I 377 -19.97 -18.54 26.20
CA ARG I 377 -19.75 -17.12 26.39
C ARG I 377 -19.44 -16.47 25.05
N ILE I 378 -19.60 -15.14 25.01
CA ILE I 378 -19.45 -14.37 23.78
C ILE I 378 -18.31 -13.38 23.96
N LYS I 379 -17.57 -13.14 22.88
CA LYS I 379 -16.51 -12.15 22.83
C LYS I 379 -16.67 -11.29 21.59
N GLN I 380 -16.07 -10.10 21.63
CA GLN I 380 -16.01 -9.19 20.49
C GLN I 380 -14.60 -8.76 20.14
N ILE I 381 -13.67 -8.76 21.09
CA ILE I 381 -12.25 -8.55 20.80
C ILE I 381 -11.65 -9.93 20.57
N ILE I 382 -11.13 -10.16 19.37
CA ILE I 382 -10.78 -11.50 18.92
C ILE I 382 -9.32 -11.52 18.50
N ASN I 383 -8.65 -12.63 18.77
CA ASN I 383 -7.35 -12.97 18.20
C ASN I 383 -7.50 -14.26 17.41
N MET I 384 -7.86 -14.11 16.14
CA MET I 384 -8.14 -15.25 15.26
C MET I 384 -6.89 -16.07 15.00
N TRP I 385 -5.84 -15.41 14.49
CA TRP I 385 -4.60 -16.06 14.12
C TRP I 385 -3.45 -15.21 14.65
N GLN I 386 -2.30 -15.86 14.83
CA GLN I 386 -1.11 -15.16 15.28
C GLN I 386 -0.29 -14.67 14.09
N GLY I 387 0.01 -13.37 14.08
CA GLY I 387 0.80 -12.78 13.03
C GLY I 387 0.05 -12.30 11.81
N VAL I 388 -1.29 -12.34 11.83
CA VAL I 388 -2.09 -11.91 10.68
C VAL I 388 -2.47 -10.45 10.74
N GLY I 389 -1.90 -9.67 11.66
CA GLY I 389 -2.52 -8.43 12.06
C GLY I 389 -3.66 -8.82 12.98
N ARG I 390 -3.29 -9.38 14.12
CA ARG I 390 -4.14 -10.35 14.81
C ARG I 390 -5.47 -9.76 15.25
N CYS I 391 -5.45 -8.64 15.97
CA CYS I 391 -6.64 -8.23 16.71
C CYS I 391 -7.71 -7.74 15.74
N MET I 392 -8.95 -8.13 15.99
CA MET I 392 -10.11 -7.66 15.25
C MET I 392 -11.24 -7.46 16.24
N TYR I 393 -12.01 -6.38 16.05
CA TYR I 393 -13.22 -6.13 16.82
C TYR I 393 -14.41 -6.46 15.94
N ALA I 394 -15.18 -7.48 16.33
CA ALA I 394 -16.37 -7.87 15.60
C ALA I 394 -17.56 -7.08 16.13
N PRO I 395 -18.23 -6.23 15.34
CA PRO I 395 -19.30 -5.42 15.89
C PRO I 395 -20.48 -6.29 16.27
N PRO I 396 -21.33 -5.82 17.20
CA PRO I 396 -22.51 -6.61 17.55
C PRO I 396 -23.52 -6.63 16.42
N ILE I 397 -24.41 -7.61 16.48
CA ILE I 397 -25.48 -7.79 15.50
C ILE I 397 -26.81 -7.76 16.24
N ALA I 398 -27.75 -6.99 15.71
CA ALA I 398 -29.01 -6.73 16.39
C ALA I 398 -29.97 -7.91 16.26
N GLY I 399 -30.81 -8.06 17.27
CA GLY I 399 -31.82 -9.11 17.29
C GLY I 399 -31.36 -10.35 18.03
N ASN I 400 -31.94 -11.49 17.69
CA ASN I 400 -31.57 -12.78 18.25
C ASN I 400 -31.24 -13.74 17.13
N ILE I 401 -30.33 -14.67 17.40
CA ILE I 401 -29.66 -15.45 16.36
C ILE I 401 -29.67 -16.93 16.71
N THR I 402 -29.50 -17.76 15.68
CA THR I 402 -29.49 -19.22 15.81
C THR I 402 -28.37 -19.76 14.93
N CYS I 403 -27.86 -20.96 15.27
CA CYS I 403 -26.57 -21.42 14.80
C CYS I 403 -26.59 -22.88 14.35
N ARG I 404 -27.70 -23.35 13.78
CA ARG I 404 -27.82 -24.79 13.52
C ARG I 404 -26.82 -25.27 12.48
N SER I 405 -26.24 -26.44 12.72
CA SER I 405 -25.19 -26.98 11.85
C SER I 405 -25.02 -28.46 12.17
N ASN I 406 -24.20 -29.13 11.35
CA ASN I 406 -23.91 -30.55 11.48
C ASN I 406 -22.49 -30.75 11.97
N ILE I 407 -22.32 -31.65 12.93
CA ILE I 407 -20.99 -32.05 13.39
C ILE I 407 -20.54 -33.25 12.58
N THR I 408 -19.30 -33.20 12.08
CA THR I 408 -18.78 -34.22 11.17
C THR I 408 -17.39 -34.73 11.55
N GLY I 409 -16.89 -34.43 12.75
CA GLY I 409 -15.60 -34.96 13.14
C GLY I 409 -15.16 -34.37 14.46
N LEU I 410 -14.13 -35.00 15.03
CA LEU I 410 -13.57 -34.60 16.31
C LEU I 410 -12.06 -34.50 16.18
N LEU I 411 -11.45 -33.56 16.92
CA LEU I 411 -10.01 -33.49 17.08
C LEU I 411 -9.70 -33.82 18.54
N LEU I 412 -8.87 -34.84 18.74
CA LEU I 412 -8.65 -35.44 20.06
C LEU I 412 -7.17 -35.57 20.35
N THR I 413 -6.86 -35.92 21.59
CA THR I 413 -5.48 -36.16 22.02
C THR I 413 -5.51 -36.96 23.31
N ARG I 414 -4.84 -38.11 23.32
CA ARG I 414 -4.86 -38.96 24.51
C ARG I 414 -4.05 -38.36 25.64
N ASP I 415 -4.47 -38.64 26.87
CA ASP I 415 -3.70 -38.32 28.06
C ASP I 415 -2.67 -39.42 28.31
N GLY I 416 -1.66 -39.08 29.10
CA GLY I 416 -0.61 -40.04 29.40
C GLY I 416 -1.14 -41.23 30.20
N GLY I 417 -0.53 -42.39 29.97
CA GLY I 417 -0.97 -43.59 30.64
C GLY I 417 -0.43 -43.71 32.04
N THR I 418 -1.15 -44.46 32.87
CA THR I 418 -0.79 -44.62 34.27
C THR I 418 -1.36 -45.93 34.78
N ASN I 419 -0.57 -46.60 35.63
CA ASN I 419 -0.96 -47.85 36.29
C ASN I 419 -1.18 -49.00 35.31
N SER I 420 -0.78 -48.85 34.05
CA SER I 420 -1.11 -49.82 33.00
C SER I 420 -2.61 -50.07 32.96
N ASN I 421 -3.39 -48.99 33.08
CA ASN I 421 -4.81 -49.13 33.36
C ASN I 421 -5.55 -49.69 32.14
N GLU I 422 -6.57 -50.51 32.43
CA GLU I 422 -7.43 -51.13 31.42
C GLU I 422 -8.36 -50.15 30.72
N THR I 423 -8.45 -48.90 31.20
CA THR I 423 -9.48 -47.96 30.78
C THR I 423 -8.88 -46.58 30.48
N GLU I 424 -7.76 -46.53 29.75
CA GLU I 424 -7.12 -45.24 29.51
C GLU I 424 -7.99 -44.38 28.59
N THR I 425 -7.68 -43.08 28.56
CA THR I 425 -8.64 -42.06 28.21
C THR I 425 -8.19 -41.21 27.03
N PHE I 426 -9.12 -40.36 26.58
CA PHE I 426 -8.92 -39.43 25.47
C PHE I 426 -9.36 -38.04 25.92
N ARG I 427 -8.78 -37.00 25.31
CA ARG I 427 -9.17 -35.61 25.55
C ARG I 427 -9.39 -34.88 24.24
N PRO I 428 -10.22 -33.83 24.22
CA PRO I 428 -10.29 -32.98 23.03
C PRO I 428 -9.03 -32.13 22.89
N ALA I 429 -8.77 -31.71 21.66
CA ALA I 429 -7.59 -30.88 21.39
C ALA I 429 -7.83 -30.08 20.11
N GLY I 430 -8.17 -28.80 20.29
CA GLY I 430 -8.07 -27.86 19.20
C GLY I 430 -6.68 -27.25 19.13
N GLY I 431 -6.38 -26.59 18.02
CA GLY I 431 -5.05 -26.03 17.84
C GLY I 431 -4.82 -25.40 16.49
N ASP I 432 -3.70 -25.77 15.86
CA ASP I 432 -3.34 -25.24 14.55
C ASP I 432 -4.44 -25.55 13.53
N MET I 433 -4.80 -24.54 12.73
CA MET I 433 -5.91 -24.70 11.81
C MET I 433 -5.55 -25.55 10.60
N ARG I 434 -4.27 -25.91 10.44
CA ARG I 434 -3.93 -26.91 9.44
C ARG I 434 -4.67 -28.22 9.73
N ASP I 435 -4.81 -28.57 11.01
CA ASP I 435 -5.50 -29.80 11.37
C ASP I 435 -6.96 -29.78 10.93
N ASN I 436 -7.56 -28.58 10.83
CA ASN I 436 -8.97 -28.49 10.46
C ASN I 436 -9.16 -28.69 8.95
N TRP I 437 -8.39 -27.95 8.15
CA TRP I 437 -8.50 -28.09 6.69
C TRP I 437 -7.96 -29.44 6.23
N ARG I 438 -6.93 -29.96 6.90
CA ARG I 438 -6.39 -31.27 6.55
C ARG I 438 -7.41 -32.39 6.77
N SER I 439 -8.39 -32.16 7.63
CA SER I 439 -9.42 -33.17 7.85
C SER I 439 -10.25 -33.44 6.59
N GLU I 440 -10.26 -32.52 5.63
CA GLU I 440 -11.09 -32.63 4.44
C GLU I 440 -10.30 -32.65 3.13
N LEU I 441 -9.08 -32.10 3.11
CA LEU I 441 -8.26 -32.08 1.89
C LEU I 441 -7.56 -33.40 1.62
N TYR I 442 -7.81 -34.44 2.43
CA TYR I 442 -7.04 -35.67 2.34
C TYR I 442 -7.21 -36.42 1.03
N LYS I 443 -8.23 -36.09 0.24
CA LYS I 443 -8.52 -36.86 -0.97
C LYS I 443 -7.56 -36.56 -2.12
N TYR I 444 -6.83 -35.45 -2.09
CA TYR I 444 -6.26 -34.85 -3.28
C TYR I 444 -4.73 -34.84 -3.24
N LYS I 445 -4.13 -34.93 -4.42
CA LYS I 445 -2.69 -34.76 -4.62
C LYS I 445 -2.46 -34.09 -5.97
N VAL I 446 -1.49 -33.18 -6.01
CA VAL I 446 -1.20 -32.40 -7.21
C VAL I 446 0.06 -32.95 -7.86
N VAL I 447 0.04 -33.08 -9.19
CA VAL I 447 1.10 -33.73 -9.95
C VAL I 447 1.41 -32.89 -11.18
N LYS I 448 2.56 -33.18 -11.79
CA LYS I 448 3.06 -32.47 -12.97
C LYS I 448 3.19 -33.44 -14.13
N ILE I 449 2.59 -33.07 -15.27
CA ILE I 449 2.64 -33.91 -16.47
C ILE I 449 3.98 -33.71 -17.16
N GLU I 450 4.62 -34.82 -17.54
CA GLU I 450 5.86 -34.85 -18.32
C GLU I 450 5.56 -35.55 -19.64
N PRO I 451 5.16 -34.83 -20.70
CA PRO I 451 4.67 -35.52 -21.91
C PRO I 451 5.74 -36.00 -22.87
N LEU I 452 7.02 -35.87 -22.55
CA LEU I 452 8.11 -36.23 -23.46
C LEU I 452 8.80 -37.50 -22.95
N GLY I 453 8.90 -38.50 -23.82
CA GLY I 453 9.55 -39.75 -23.48
C GLY I 453 10.15 -40.41 -24.69
N VAL I 454 11.01 -41.39 -24.43
CA VAL I 454 11.76 -42.11 -25.46
C VAL I 454 11.61 -43.61 -25.22
N ALA I 455 11.66 -44.40 -26.29
CA ALA I 455 11.45 -45.83 -26.20
C ALA I 455 12.16 -46.51 -27.36
N PRO I 456 12.44 -47.82 -27.26
CA PRO I 456 13.00 -48.54 -28.41
C PRO I 456 11.89 -48.97 -29.37
N THR I 457 12.18 -48.90 -30.67
CA THR I 457 11.20 -49.25 -31.68
C THR I 457 11.93 -49.61 -32.97
N ARG I 458 11.25 -50.36 -33.83
CA ARG I 458 11.82 -50.92 -35.06
C ARG I 458 11.84 -49.93 -36.23
N CYS I 459 11.65 -48.63 -36.00
CA CYS I 459 11.59 -47.63 -37.07
C CYS I 459 12.75 -46.65 -36.94
N LYS I 460 13.32 -46.27 -38.09
CA LYS I 460 14.53 -45.44 -38.18
C LYS I 460 14.23 -44.16 -38.94
N ARG I 461 15.25 -43.33 -39.11
CA ARG I 461 15.09 -42.06 -39.80
C ARG I 461 15.04 -42.25 -41.31
N ARG I 462 14.23 -41.43 -41.96
CA ARG I 462 14.15 -41.36 -43.41
C ARG I 462 15.04 -40.23 -43.91
N VAL I 463 15.94 -40.53 -44.84
CA VAL I 463 16.84 -39.54 -45.41
C VAL I 463 16.25 -39.03 -46.72
N ALA J 1 -11.04 -50.68 -25.31
CA ALA J 1 -10.09 -50.95 -26.42
C ALA J 1 -9.72 -49.64 -27.14
N VAL J 2 -8.60 -49.67 -27.86
CA VAL J 2 -8.15 -48.48 -28.58
C VAL J 2 -9.02 -48.16 -29.78
N GLY J 3 -9.86 -49.10 -30.22
CA GLY J 3 -10.82 -48.82 -31.28
C GLY J 3 -11.97 -47.97 -30.75
N ILE J 4 -11.65 -46.72 -30.41
CA ILE J 4 -12.56 -45.88 -29.66
C ILE J 4 -13.70 -45.39 -30.53
N GLY J 5 -13.42 -45.07 -31.79
CA GLY J 5 -14.32 -44.27 -32.60
C GLY J 5 -14.02 -42.80 -32.39
N ALA J 6 -15.05 -42.00 -32.11
CA ALA J 6 -14.81 -40.64 -31.67
C ALA J 6 -14.19 -40.65 -30.28
N VAL J 7 -13.08 -39.93 -30.11
CA VAL J 7 -12.29 -40.04 -28.89
C VAL J 7 -13.06 -39.47 -27.72
N PHE J 8 -13.09 -40.23 -26.60
CA PHE J 8 -13.69 -39.75 -25.37
C PHE J 8 -12.89 -40.16 -24.13
N LEU J 9 -11.61 -40.53 -24.28
CA LEU J 9 -10.85 -41.07 -23.17
C LEU J 9 -10.51 -40.03 -22.10
N GLY J 10 -10.62 -38.74 -22.40
CA GLY J 10 -10.34 -37.72 -21.40
C GLY J 10 -8.87 -37.33 -21.37
N PHE J 11 -8.50 -36.72 -20.23
CA PHE J 11 -7.17 -36.14 -20.11
C PHE J 11 -6.10 -37.23 -19.99
N LEU J 12 -6.16 -38.05 -18.94
CA LEU J 12 -5.16 -39.07 -18.66
C LEU J 12 -5.76 -40.47 -18.73
N GLY J 13 -6.59 -40.73 -19.74
CA GLY J 13 -7.34 -41.99 -19.76
C GLY J 13 -6.46 -43.22 -19.85
N ALA J 14 -5.40 -43.15 -20.67
CA ALA J 14 -4.54 -44.30 -20.91
C ALA J 14 -3.53 -44.54 -19.79
N ALA J 15 -3.57 -43.78 -18.70
CA ALA J 15 -2.67 -44.04 -17.58
C ALA J 15 -2.96 -45.41 -16.99
N GLY J 16 -1.93 -46.25 -16.91
CA GLY J 16 -2.09 -47.63 -16.55
C GLY J 16 -2.44 -48.56 -17.70
N SER J 17 -2.81 -48.03 -18.86
CA SER J 17 -3.07 -48.83 -20.03
C SER J 17 -1.79 -49.07 -20.81
N THR J 18 -1.89 -49.91 -21.85
CA THR J 18 -0.70 -50.38 -22.55
C THR J 18 0.01 -49.23 -23.25
N MET J 19 1.29 -49.45 -23.56
CA MET J 19 2.06 -48.47 -24.32
C MET J 19 1.42 -48.21 -25.68
N GLY J 20 0.95 -49.27 -26.33
CA GLY J 20 0.32 -49.10 -27.63
C GLY J 20 -0.96 -48.28 -27.57
N ALA J 21 -1.80 -48.55 -26.57
CA ALA J 21 -3.03 -47.79 -26.43
C ALA J 21 -2.76 -46.32 -26.16
N ALA J 22 -1.80 -46.03 -25.27
CA ALA J 22 -1.43 -44.65 -25.01
C ALA J 22 -0.74 -43.99 -26.20
N SER J 23 -0.12 -44.78 -27.08
CA SER J 23 0.53 -44.24 -28.26
C SER J 23 -0.45 -43.71 -29.30
N MET J 24 -1.60 -44.34 -29.46
CA MET J 24 -2.69 -43.74 -30.18
C MET J 24 -3.43 -42.74 -29.28
N THR J 25 -3.94 -41.68 -29.89
CA THR J 25 -4.61 -40.60 -29.17
C THR J 25 -3.68 -39.98 -28.14
N LEU J 26 -2.56 -39.44 -28.63
CA LEU J 26 -1.66 -38.64 -27.81
C LEU J 26 -2.11 -37.19 -27.71
N THR J 27 -2.97 -36.73 -28.63
CA THR J 27 -3.35 -35.33 -28.66
C THR J 27 -4.16 -34.92 -27.43
N VAL J 28 -4.89 -35.87 -26.84
CA VAL J 28 -5.72 -35.53 -25.69
C VAL J 28 -4.87 -35.06 -24.51
N GLN J 29 -3.64 -35.56 -24.41
CA GLN J 29 -2.70 -35.04 -23.41
C GLN J 29 -2.03 -33.77 -23.89
N ALA J 30 -1.62 -33.74 -25.15
CA ALA J 30 -0.84 -32.60 -25.67
C ALA J 30 -1.68 -31.33 -25.68
N ARG J 31 -2.93 -31.42 -26.10
CA ARG J 31 -3.75 -30.22 -26.29
C ARG J 31 -4.07 -29.52 -24.98
N ASN J 32 -4.06 -30.24 -23.86
CA ASN J 32 -4.41 -29.66 -22.56
C ASN J 32 -3.21 -28.99 -21.91
N LEU J 33 -2.81 -27.83 -22.44
CA LEU J 33 -1.79 -26.98 -21.85
C LEU J 33 -2.18 -25.51 -21.93
N LEU J 34 -3.45 -25.21 -21.65
CA LEU J 34 -3.97 -23.85 -21.65
C LEU J 34 -5.01 -23.70 -20.55
N SER J 35 -4.89 -22.65 -19.74
CA SER J 35 -5.85 -22.40 -18.66
C SER J 35 -5.52 -21.07 -18.01
N GLY J 36 -6.49 -20.54 -17.27
CA GLY J 36 -6.24 -19.58 -16.22
C GLY J 36 -6.66 -18.14 -16.52
N THR J 37 -6.84 -17.40 -15.43
CA THR J 37 -6.94 -15.95 -15.42
C THR J 37 -6.48 -15.50 -14.04
N VAL J 38 -6.43 -14.18 -13.84
CA VAL J 38 -5.51 -13.60 -12.85
C VAL J 38 -6.25 -13.02 -11.66
N TRP J 39 -5.76 -13.39 -10.46
CA TRP J 39 -5.88 -12.60 -9.25
C TRP J 39 -4.47 -12.31 -8.75
N GLY J 40 -4.16 -11.03 -8.52
CA GLY J 40 -2.88 -10.67 -7.95
C GLY J 40 -1.72 -10.97 -8.89
N ILE J 41 -0.56 -11.21 -8.28
CA ILE J 41 0.67 -11.47 -9.03
C ILE J 41 0.91 -12.97 -9.20
N LYS J 42 0.45 -13.78 -8.26
CA LYS J 42 0.81 -15.20 -8.26
C LYS J 42 0.10 -15.96 -9.38
N GLN J 43 -1.10 -15.53 -9.75
CA GLN J 43 -1.84 -16.24 -10.78
C GLN J 43 -1.27 -15.95 -12.17
N LEU J 44 -0.86 -14.71 -12.44
CA LEU J 44 -0.19 -14.41 -13.70
C LEU J 44 1.15 -15.14 -13.76
N GLN J 45 1.82 -15.27 -12.60
CA GLN J 45 3.02 -16.08 -12.52
C GLN J 45 2.75 -17.52 -12.92
N ALA J 46 1.69 -18.11 -12.37
CA ALA J 46 1.31 -19.46 -12.75
C ALA J 46 0.95 -19.56 -14.23
N ARG J 47 0.38 -18.51 -14.81
CA ARG J 47 0.08 -18.52 -16.24
C ARG J 47 1.37 -18.59 -17.05
N VAL J 48 2.32 -17.71 -16.76
CA VAL J 48 3.54 -17.65 -17.59
C VAL J 48 4.40 -18.88 -17.39
N LEU J 49 4.33 -19.51 -16.21
CA LEU J 49 5.13 -20.70 -15.96
C LEU J 49 4.74 -21.83 -16.91
N ALA J 50 3.44 -21.95 -17.21
CA ALA J 50 2.98 -22.95 -18.17
C ALA J 50 3.54 -22.69 -19.56
N VAL J 51 3.57 -21.42 -19.98
CA VAL J 51 4.15 -21.10 -21.28
C VAL J 51 5.63 -21.44 -21.31
N GLU J 52 6.33 -21.16 -20.21
CA GLU J 52 7.75 -21.51 -20.12
C GLU J 52 7.94 -23.01 -20.31
N ARG J 53 7.14 -23.82 -19.61
CA ARG J 53 7.27 -25.27 -19.73
C ARG J 53 6.92 -25.75 -21.14
N TYR J 54 5.87 -25.18 -21.73
CA TYR J 54 5.45 -25.59 -23.06
C TYR J 54 6.56 -25.29 -24.07
N LEU J 55 7.19 -24.14 -23.95
CA LEU J 55 8.26 -23.80 -24.89
C LEU J 55 9.54 -24.58 -24.60
N ARG J 56 9.80 -24.95 -23.34
CA ARG J 56 10.86 -25.93 -23.06
C ARG J 56 10.67 -27.19 -23.88
N ASP J 57 9.49 -27.83 -23.73
CA ASP J 57 9.26 -29.09 -24.41
C ASP J 57 9.29 -28.91 -25.92
N GLN J 58 8.67 -27.85 -26.43
CA GLN J 58 8.61 -27.64 -27.87
C GLN J 58 9.99 -27.39 -28.45
N GLN J 59 10.80 -26.55 -27.81
CA GLN J 59 12.15 -26.31 -28.30
C GLN J 59 12.98 -27.58 -28.29
N LEU J 60 13.03 -28.27 -27.13
CA LEU J 60 13.86 -29.45 -27.01
C LEU J 60 13.44 -30.53 -27.99
N LEU J 61 12.14 -30.60 -28.29
CA LEU J 61 11.68 -31.51 -29.33
C LEU J 61 12.07 -31.01 -30.72
N GLY J 62 12.19 -29.69 -30.87
CA GLY J 62 12.50 -29.14 -32.19
C GLY J 62 13.95 -29.36 -32.61
N ILE J 63 14.90 -29.09 -31.72
CA ILE J 63 16.32 -29.28 -32.08
C ILE J 63 16.62 -30.74 -32.41
N TRP J 64 15.82 -31.67 -31.90
CA TRP J 64 15.96 -33.06 -32.34
C TRP J 64 15.43 -33.29 -33.76
N GLY J 65 14.84 -32.29 -34.42
CA GLY J 65 14.28 -32.45 -35.73
C GLY J 65 12.82 -32.83 -35.76
N CYS J 66 12.14 -32.77 -34.62
CA CYS J 66 10.75 -33.24 -34.51
C CYS J 66 9.79 -32.06 -34.44
N SER J 67 9.41 -31.57 -35.62
CA SER J 67 8.35 -30.56 -35.67
C SER J 67 6.99 -31.17 -35.36
N GLY J 68 6.82 -32.47 -35.61
CA GLY J 68 5.56 -33.14 -35.31
C GLY J 68 5.40 -33.35 -33.82
N LYS J 69 4.16 -33.23 -33.34
CA LYS J 69 3.87 -33.24 -31.91
C LYS J 69 3.42 -34.60 -31.40
N LEU J 70 3.64 -35.69 -32.14
CA LEU J 70 3.20 -37.00 -31.69
C LEU J 70 4.28 -38.10 -31.61
N ILE J 71 4.94 -38.45 -32.71
CA ILE J 71 5.90 -39.55 -32.77
C ILE J 71 6.99 -39.21 -33.77
N CYS J 72 8.19 -39.74 -33.53
CA CYS J 72 9.34 -39.56 -34.43
C CYS J 72 10.19 -40.82 -34.45
N CYS J 73 10.55 -41.27 -35.65
CA CYS J 73 11.71 -42.13 -35.81
C CYS J 73 12.96 -41.28 -36.00
N THR J 74 14.02 -41.62 -35.28
CA THR J 74 15.23 -40.82 -35.19
C THR J 74 16.43 -41.62 -35.68
N ASN J 75 17.48 -40.89 -36.08
CA ASN J 75 18.65 -41.52 -36.68
C ASN J 75 19.64 -42.07 -35.66
N VAL J 76 19.49 -41.76 -34.38
CA VAL J 76 20.39 -42.26 -33.35
C VAL J 76 20.27 -43.78 -33.30
N PRO J 77 21.36 -44.56 -33.39
CA PRO J 77 21.21 -46.00 -33.20
C PRO J 77 20.90 -46.34 -31.75
N TRP J 78 20.22 -47.45 -31.55
CA TRP J 78 19.85 -47.90 -30.21
C TRP J 78 21.05 -48.48 -29.49
N ASN J 79 21.26 -48.02 -28.26
CA ASN J 79 22.24 -48.60 -27.35
C ASN J 79 21.46 -49.58 -26.48
N SER J 80 21.79 -50.86 -26.59
CA SER J 80 21.00 -51.90 -25.94
C SER J 80 21.42 -52.17 -24.49
N SER J 81 22.52 -51.56 -24.03
CA SER J 81 22.93 -51.76 -22.64
C SER J 81 21.96 -51.15 -21.66
N TRP J 82 21.12 -50.20 -22.08
CA TRP J 82 20.22 -49.50 -21.19
C TRP J 82 19.18 -50.42 -20.55
N SER J 83 18.66 -51.40 -21.28
CA SER J 83 17.77 -52.40 -20.69
C SER J 83 18.18 -53.83 -21.03
N ASN J 84 18.63 -54.05 -22.27
CA ASN J 84 18.80 -55.40 -22.82
C ASN J 84 17.53 -56.23 -22.65
N ARG J 85 16.38 -55.59 -22.86
CA ARG J 85 15.08 -56.21 -22.66
C ARG J 85 14.36 -56.37 -23.99
N ASN J 86 13.40 -57.30 -24.02
CA ASN J 86 12.74 -57.69 -25.26
C ASN J 86 11.71 -56.64 -25.66
N LEU J 87 11.17 -56.79 -26.86
CA LEU J 87 10.12 -55.90 -27.34
C LEU J 87 8.82 -56.14 -26.58
N SER J 88 8.47 -57.40 -26.32
CA SER J 88 7.28 -57.69 -25.53
C SER J 88 7.48 -57.32 -24.06
N GLU J 89 8.72 -57.36 -23.58
CA GLU J 89 9.00 -56.97 -22.19
C GLU J 89 8.67 -55.51 -21.94
N ILE J 90 8.74 -54.67 -22.99
CA ILE J 90 8.64 -53.22 -22.84
C ILE J 90 7.32 -52.70 -23.39
N TRP J 91 6.76 -53.39 -24.39
CA TRP J 91 5.73 -52.81 -25.24
C TRP J 91 4.32 -53.33 -24.97
N ASP J 92 4.17 -54.60 -24.57
CA ASP J 92 2.87 -55.27 -24.65
C ASP J 92 2.04 -55.17 -23.38
N ASN J 93 2.68 -55.07 -22.21
CA ASN J 93 1.96 -55.00 -20.93
C ASN J 93 2.42 -53.87 -20.03
N MET J 94 3.57 -53.27 -20.27
CA MET J 94 3.95 -52.07 -19.54
C MET J 94 3.07 -50.90 -19.94
N THR J 95 3.06 -49.87 -19.10
CA THR J 95 2.53 -48.56 -19.44
C THR J 95 3.64 -47.53 -19.38
N TRP J 96 3.39 -46.37 -20.01
CA TRP J 96 4.37 -45.30 -20.00
C TRP J 96 4.67 -44.84 -18.58
N LEU J 97 3.66 -44.85 -17.71
CA LEU J 97 3.80 -44.38 -16.35
C LEU J 97 4.81 -45.20 -15.55
N GLN J 98 4.98 -46.49 -15.88
CA GLN J 98 6.00 -47.33 -15.27
C GLN J 98 7.20 -47.55 -16.18
N TRP J 99 7.11 -47.15 -17.45
CA TRP J 99 8.31 -47.14 -18.30
C TRP J 99 9.21 -45.99 -17.94
N ASP J 100 8.65 -44.86 -17.48
CA ASP J 100 9.47 -43.71 -17.14
C ASP J 100 10.39 -43.97 -15.96
N LYS J 101 10.10 -44.97 -15.13
CA LYS J 101 10.98 -45.24 -13.98
C LYS J 101 12.30 -45.84 -14.41
N GLU J 102 12.36 -46.45 -15.60
CA GLU J 102 13.52 -47.24 -16.01
C GLU J 102 14.56 -46.40 -16.75
N ILE J 103 14.16 -45.77 -17.87
CA ILE J 103 15.11 -45.08 -18.74
C ILE J 103 15.20 -43.58 -18.43
N SER J 104 14.49 -43.10 -17.40
CA SER J 104 14.69 -41.71 -16.96
C SER J 104 16.11 -41.46 -16.51
N ASN J 105 16.82 -42.52 -16.09
CA ASN J 105 18.24 -42.38 -15.77
C ASN J 105 19.04 -41.97 -17.00
N TYR J 106 18.71 -42.53 -18.16
CA TYR J 106 19.48 -42.36 -19.39
C TYR J 106 18.91 -41.30 -20.32
N THR J 107 17.92 -40.51 -19.88
CA THR J 107 17.39 -39.45 -20.74
C THR J 107 18.44 -38.39 -21.02
N GLN J 108 19.26 -38.05 -20.03
CA GLN J 108 20.25 -36.99 -20.21
C GLN J 108 21.38 -37.40 -21.15
N ILE J 109 21.48 -38.68 -21.48
CA ILE J 109 22.43 -39.13 -22.51
C ILE J 109 21.77 -39.04 -23.89
N ILE J 110 20.55 -39.58 -23.99
CA ILE J 110 19.84 -39.62 -25.27
C ILE J 110 19.57 -38.22 -25.78
N TYR J 111 19.31 -37.27 -24.88
CA TYR J 111 19.06 -35.90 -25.30
C TYR J 111 20.26 -35.31 -26.03
N GLY J 112 21.45 -35.44 -25.45
CA GLY J 112 22.65 -34.97 -26.12
C GLY J 112 22.91 -35.70 -27.41
N LEU J 113 22.67 -37.03 -27.42
CA LEU J 113 22.87 -37.80 -28.65
C LEU J 113 21.98 -37.27 -29.77
N LEU J 114 20.70 -37.05 -29.50
CA LEU J 114 19.77 -36.54 -30.51
C LEU J 114 20.19 -35.14 -30.95
N GLU J 115 20.62 -34.31 -29.98
CA GLU J 115 21.01 -32.94 -30.30
C GLU J 115 22.17 -32.91 -31.28
N GLU J 116 23.19 -33.74 -31.05
CA GLU J 116 24.32 -33.75 -31.98
C GLU J 116 23.92 -34.41 -33.30
N SER J 117 23.10 -35.46 -33.23
CA SER J 117 22.70 -36.20 -34.42
C SER J 117 21.95 -35.35 -35.42
N GLN J 118 21.08 -34.44 -34.96
CA GLN J 118 20.44 -33.54 -35.92
C GLN J 118 21.45 -32.67 -36.65
N ASN J 119 22.56 -32.32 -35.99
CA ASN J 119 23.60 -31.53 -36.64
C ASN J 119 24.45 -32.35 -37.61
N GLN J 120 24.72 -33.63 -37.32
CA GLN J 120 25.29 -34.47 -38.37
C GLN J 120 24.32 -34.61 -39.55
N GLN J 121 23.02 -34.62 -39.29
CA GLN J 121 22.06 -34.71 -40.38
C GLN J 121 22.08 -33.48 -41.26
N GLU J 122 21.76 -32.32 -40.70
CA GLU J 122 21.39 -31.18 -41.55
C GLU J 122 22.59 -30.48 -42.18
N LYS J 123 23.79 -30.67 -41.65
CA LYS J 123 24.97 -30.11 -42.32
C LYS J 123 25.20 -30.79 -43.66
N ASN J 124 24.86 -32.08 -43.77
CA ASN J 124 25.05 -32.79 -45.02
C ASN J 124 24.11 -32.29 -46.11
N GLU J 125 22.86 -32.01 -45.75
CA GLU J 125 21.91 -31.46 -46.72
C GLU J 125 22.38 -30.10 -47.22
N GLN J 126 23.08 -29.34 -46.36
CA GLN J 126 23.66 -28.07 -46.79
C GLN J 126 24.74 -28.26 -47.84
N ASP J 127 25.34 -29.45 -47.92
CA ASP J 127 26.30 -29.78 -48.97
C ASP J 127 25.64 -30.48 -50.16
N LEU J 128 24.74 -31.43 -49.88
CA LEU J 128 24.13 -32.19 -50.96
C LEU J 128 23.27 -31.31 -51.86
N LEU J 129 22.49 -30.41 -51.26
CA LEU J 129 21.66 -29.50 -52.04
C LEU J 129 22.48 -28.45 -52.78
N ALA J 130 23.73 -28.25 -52.41
CA ALA J 130 24.65 -27.47 -53.22
C ALA J 130 25.24 -28.29 -54.36
N LEU J 131 25.50 -29.59 -54.13
CA LEU J 131 25.98 -30.46 -55.20
C LEU J 131 24.90 -30.68 -56.25
N ASP J 132 23.64 -30.71 -55.84
CA ASP J 132 22.53 -30.93 -56.76
C ASP J 132 22.44 -29.81 -57.80
N GLN K 1 -53.10 -25.16 47.05
CA GLN K 1 -53.74 -24.33 45.99
C GLN K 1 -53.04 -22.98 45.90
N VAL K 2 -52.69 -22.58 44.68
CA VAL K 2 -52.00 -21.31 44.46
C VAL K 2 -52.96 -20.16 44.66
N GLN K 3 -52.53 -19.13 45.38
CA GLN K 3 -53.35 -17.96 45.62
C GLN K 3 -52.44 -16.75 45.84
N LEU K 4 -52.98 -15.56 45.56
CA LEU K 4 -52.31 -14.30 45.77
C LEU K 4 -53.24 -13.35 46.52
N VAL K 5 -52.67 -12.53 47.40
CA VAL K 5 -53.42 -11.56 48.19
C VAL K 5 -52.65 -10.25 48.21
N GLN K 6 -53.36 -9.14 48.07
CA GLN K 6 -52.78 -7.81 47.97
C GLN K 6 -53.14 -6.97 49.20
N SER K 7 -52.65 -5.73 49.21
CA SER K 7 -52.93 -4.80 50.28
C SER K 7 -54.37 -4.30 50.18
N GLY K 8 -54.76 -3.45 51.15
CA GLY K 8 -56.12 -2.99 51.22
C GLY K 8 -56.38 -1.73 50.42
N ALA K 9 -57.66 -1.46 50.19
CA ALA K 9 -58.09 -0.26 49.47
C ALA K 9 -57.83 0.97 50.31
N GLU K 10 -57.73 2.12 49.65
CA GLU K 10 -57.37 3.36 50.33
C GLU K 10 -57.81 4.57 49.54
N MET K 11 -57.91 5.70 50.23
CA MET K 11 -58.05 7.01 49.61
C MET K 11 -56.73 7.74 49.70
N LYS K 12 -56.33 8.38 48.60
CA LYS K 12 -55.07 9.14 48.56
C LYS K 12 -55.27 10.34 47.67
N LYS K 13 -54.84 11.51 48.15
CA LYS K 13 -55.10 12.76 47.45
C LYS K 13 -54.10 12.93 46.28
N PRO K 14 -54.43 13.78 45.30
CA PRO K 14 -53.60 13.84 44.08
C PRO K 14 -52.18 14.28 44.36
N GLY K 15 -51.27 13.79 43.52
CA GLY K 15 -49.87 14.21 43.54
C GLY K 15 -48.98 13.44 44.48
N ALA K 16 -49.54 12.56 45.31
CA ALA K 16 -48.76 11.77 46.26
C ALA K 16 -48.11 10.58 45.56
N SER K 17 -47.66 9.60 46.34
CA SER K 17 -47.27 8.30 45.82
C SER K 17 -47.96 7.23 46.64
N VAL K 18 -48.02 6.01 46.09
CA VAL K 18 -48.69 4.89 46.73
C VAL K 18 -47.81 3.65 46.61
N ARG K 19 -47.79 2.84 47.67
CA ARG K 19 -47.08 1.56 47.69
C ARG K 19 -48.14 0.47 47.80
N VAL K 20 -48.35 -0.25 46.69
CA VAL K 20 -49.28 -1.38 46.63
C VAL K 20 -48.44 -2.66 46.61
N SER K 21 -48.87 -3.65 47.39
CA SER K 21 -48.10 -4.87 47.62
C SER K 21 -48.92 -6.09 47.23
N CYS K 22 -48.20 -7.14 46.84
CA CYS K 22 -48.79 -8.41 46.43
C CYS K 22 -47.96 -9.56 46.99
N LYS K 23 -48.63 -10.52 47.62
CA LYS K 23 -47.99 -11.71 48.17
C LYS K 23 -48.68 -12.95 47.62
N ALA K 24 -47.90 -13.99 47.33
CA ALA K 24 -48.39 -15.23 46.74
C ALA K 24 -47.90 -16.41 47.55
N SER K 25 -48.76 -17.42 47.67
CA SER K 25 -48.43 -18.67 48.34
C SER K 25 -48.89 -19.84 47.47
N GLY K 26 -48.10 -20.92 47.49
CA GLY K 26 -48.38 -22.12 46.72
C GLY K 26 -47.28 -22.52 45.77
N TYR K 27 -46.36 -21.62 45.43
CA TYR K 27 -45.25 -21.93 44.55
C TYR K 27 -44.02 -21.20 45.06
N THR K 28 -42.85 -21.65 44.60
CA THR K 28 -41.61 -20.94 44.89
C THR K 28 -41.67 -19.58 44.22
N PHE K 29 -41.51 -18.51 45.01
CA PHE K 29 -41.81 -17.16 44.54
C PHE K 29 -40.91 -16.75 43.37
N THR K 30 -39.70 -17.30 43.30
CA THR K 30 -38.73 -16.83 42.31
C THR K 30 -39.02 -17.33 40.90
N ASP K 31 -39.89 -18.34 40.75
CA ASP K 31 -39.95 -19.12 39.52
C ASP K 31 -41.08 -18.73 38.57
N TYR K 32 -41.80 -17.65 38.83
CA TYR K 32 -42.81 -17.14 37.91
C TYR K 32 -42.76 -15.63 37.85
N TYR K 33 -42.98 -15.08 36.66
CA TYR K 33 -43.02 -13.63 36.49
C TYR K 33 -44.25 -13.06 37.18
N ILE K 34 -44.10 -11.84 37.70
CA ILE K 34 -45.17 -11.09 38.32
C ILE K 34 -45.50 -9.91 37.42
N HIS K 35 -46.71 -9.90 36.88
CA HIS K 35 -47.18 -8.86 35.96
C HIS K 35 -48.19 -7.98 36.67
N TRP K 36 -48.08 -6.68 36.45
CA TRP K 36 -48.98 -5.69 37.05
C TRP K 36 -49.97 -5.22 36.00
N VAL K 37 -51.26 -5.32 36.32
CA VAL K 37 -52.35 -4.99 35.40
C VAL K 37 -53.32 -4.08 36.14
N ARG K 38 -53.69 -2.97 35.49
CA ARG K 38 -54.54 -1.94 36.08
C ARG K 38 -55.79 -1.77 35.24
N GLN K 39 -56.96 -1.74 35.90
CA GLN K 39 -58.25 -1.53 35.24
C GLN K 39 -58.92 -0.29 35.83
N ALA K 40 -59.00 0.77 35.04
CA ALA K 40 -59.80 1.92 35.43
C ALA K 40 -61.28 1.54 35.39
N PRO K 41 -62.16 2.34 36.04
CA PRO K 41 -63.59 1.97 36.11
C PRO K 41 -64.23 1.71 34.75
N GLY K 42 -64.69 0.48 34.53
CA GLY K 42 -65.35 0.11 33.29
C GLY K 42 -64.47 0.04 32.08
N GLN K 43 -63.15 0.18 32.24
CA GLN K 43 -62.22 0.25 31.13
C GLN K 43 -61.45 -1.07 31.00
N GLY K 44 -60.99 -1.35 29.79
CA GLY K 44 -60.17 -2.51 29.55
C GLY K 44 -58.86 -2.40 30.32
N PRO K 45 -58.38 -3.49 30.95
CA PRO K 45 -57.14 -3.36 31.75
C PRO K 45 -55.95 -2.93 30.90
N GLU K 46 -55.11 -2.08 31.49
CA GLU K 46 -53.85 -1.65 30.90
C GLU K 46 -52.70 -2.27 31.67
N TRP K 47 -51.69 -2.72 30.93
CA TRP K 47 -50.57 -3.47 31.52
C TRP K 47 -49.45 -2.50 31.86
N MET K 48 -48.95 -2.60 33.10
CA MET K 48 -47.99 -1.64 33.64
C MET K 48 -46.55 -2.11 33.57
N GLY K 49 -46.28 -3.39 33.82
CA GLY K 49 -44.92 -3.89 33.80
C GLY K 49 -44.85 -5.30 34.32
N TRP K 50 -43.64 -5.86 34.27
CA TRP K 50 -43.36 -7.19 34.80
C TRP K 50 -42.13 -7.13 35.70
N ILE K 51 -42.05 -8.10 36.61
CA ILE K 51 -40.95 -8.25 37.55
C ILE K 51 -40.41 -9.67 37.43
N ASN K 52 -39.10 -9.80 37.39
CA ASN K 52 -38.45 -11.10 37.54
C ASN K 52 -38.12 -11.29 39.01
N PRO K 53 -38.90 -12.04 39.79
CA PRO K 53 -38.61 -12.14 41.23
C PRO K 53 -37.33 -12.90 41.57
N SER K 54 -36.66 -13.49 40.58
CA SER K 54 -35.42 -14.22 40.82
C SER K 54 -34.18 -13.34 40.73
N THR K 55 -34.21 -12.28 39.90
CA THR K 55 -33.05 -11.44 39.67
C THR K 55 -33.35 -9.95 39.85
N GLY K 56 -34.60 -9.54 39.65
CA GLY K 56 -35.01 -8.17 39.83
C GLY K 56 -35.07 -7.32 38.59
N ARG K 57 -34.96 -7.91 37.40
CA ARG K 57 -35.16 -7.15 36.18
C ARG K 57 -36.63 -6.75 36.04
N THR K 58 -36.87 -5.57 35.46
CA THR K 58 -38.21 -5.04 35.28
C THR K 58 -38.30 -4.31 33.95
N ASN K 59 -39.54 -4.10 33.50
CA ASN K 59 -39.79 -3.37 32.26
C ASN K 59 -41.20 -2.80 32.30
N SER K 60 -41.39 -1.68 31.60
CA SER K 60 -42.66 -0.98 31.56
C SER K 60 -42.87 -0.44 30.15
N PRO K 61 -44.11 -0.14 29.77
CA PRO K 61 -44.35 0.43 28.43
C PRO K 61 -43.98 1.91 28.40
N GLN K 62 -44.24 2.52 27.23
CA GLN K 62 -43.75 3.87 26.98
C GLN K 62 -44.36 4.90 27.93
N LYS K 63 -45.67 4.84 28.15
CA LYS K 63 -46.32 5.86 28.96
C LYS K 63 -45.95 5.75 30.44
N PHE K 64 -45.62 4.55 30.92
CA PHE K 64 -45.19 4.34 32.30
C PHE K 64 -43.68 4.43 32.47
N GLN K 65 -42.92 4.65 31.41
CA GLN K 65 -41.47 4.56 31.48
C GLN K 65 -40.89 5.76 32.22
N GLY K 66 -41.02 5.76 33.54
CA GLY K 66 -40.44 6.81 34.36
C GLY K 66 -41.26 7.26 35.56
N ARG K 67 -42.44 6.68 35.77
CA ARG K 67 -43.30 7.07 36.88
C ARG K 67 -43.87 5.91 37.69
N VAL K 68 -43.42 4.68 37.47
CA VAL K 68 -43.72 3.56 38.36
C VAL K 68 -42.40 2.83 38.64
N THR K 69 -42.10 2.64 39.92
CA THR K 69 -40.98 1.84 40.36
C THR K 69 -41.51 0.52 40.90
N MET K 70 -40.99 -0.58 40.37
CA MET K 70 -41.39 -1.92 40.75
C MET K 70 -40.21 -2.66 41.33
N THR K 71 -40.45 -3.40 42.40
CA THR K 71 -39.42 -4.24 43.01
C THR K 71 -40.11 -5.34 43.80
N ARG K 72 -39.31 -6.10 44.53
CA ARG K 72 -39.80 -7.19 45.36
C ARG K 72 -38.80 -7.43 46.48
N ASP K 73 -39.25 -8.12 47.52
CA ASP K 73 -38.39 -8.59 48.60
C ASP K 73 -38.43 -10.11 48.59
N THR K 74 -37.28 -10.73 48.27
CA THR K 74 -37.22 -12.17 48.17
C THR K 74 -37.42 -12.85 49.52
N SER K 75 -37.04 -12.18 50.61
CA SER K 75 -37.09 -12.79 51.93
C SER K 75 -38.52 -13.08 52.40
N ILE K 76 -39.52 -12.36 51.87
CA ILE K 76 -40.89 -12.47 52.35
C ILE K 76 -41.86 -12.79 51.21
N SER K 77 -41.35 -13.01 49.99
CA SER K 77 -42.17 -13.45 48.86
C SER K 77 -43.30 -12.48 48.56
N THR K 78 -43.03 -11.17 48.66
CA THR K 78 -44.01 -10.13 48.44
C THR K 78 -43.45 -9.12 47.44
N ALA K 79 -44.23 -8.82 46.41
CA ALA K 79 -43.84 -7.90 45.35
C ALA K 79 -44.44 -6.51 45.63
N TYR K 80 -43.69 -5.48 45.24
CA TYR K 80 -44.00 -4.10 45.61
C TYR K 80 -44.03 -3.25 44.34
N MET K 81 -45.12 -2.52 44.15
CA MET K 81 -45.28 -1.55 43.07
C MET K 81 -45.40 -0.17 43.70
N ASP K 82 -44.62 0.78 43.19
CA ASP K 82 -44.58 2.15 43.70
C ASP K 82 -44.92 3.11 42.56
N LEU K 83 -46.22 3.33 42.36
CA LEU K 83 -46.65 4.36 41.44
C LEU K 83 -46.42 5.73 42.07
N ASN K 84 -45.87 6.65 41.28
CA ASN K 84 -45.41 7.93 41.77
C ASN K 84 -45.99 9.04 40.89
N ARG K 85 -46.13 10.22 41.49
CA ARG K 85 -46.77 11.37 40.85
C ARG K 85 -48.17 11.00 40.37
N LEU K 86 -49.03 10.66 41.32
CA LEU K 86 -50.36 10.17 40.98
C LEU K 86 -51.22 11.27 40.37
N THR K 87 -52.20 10.85 39.59
CA THR K 87 -53.15 11.75 38.94
C THR K 87 -54.55 11.18 39.09
N SER K 88 -55.52 11.88 38.51
CA SER K 88 -56.90 11.40 38.56
C SER K 88 -57.07 10.14 37.72
N ASP K 89 -56.31 10.01 36.63
CA ASP K 89 -56.43 8.86 35.75
C ASP K 89 -55.97 7.56 36.38
N ASP K 90 -55.29 7.62 37.53
CA ASP K 90 -54.85 6.42 38.23
C ASP K 90 -55.95 5.78 39.07
N THR K 91 -57.13 6.39 39.15
CA THR K 91 -58.26 5.74 39.80
C THR K 91 -58.57 4.42 39.11
N ALA K 92 -58.39 3.33 39.83
CA ALA K 92 -58.47 2.01 39.21
C ALA K 92 -58.31 0.93 40.28
N MET K 93 -58.62 -0.31 39.91
CA MET K 93 -58.20 -1.47 40.67
C MET K 93 -56.88 -1.99 40.12
N TYR K 94 -55.95 -2.27 41.02
CA TYR K 94 -54.62 -2.75 40.68
C TYR K 94 -54.54 -4.23 40.98
N TYR K 95 -54.19 -5.02 39.96
CA TYR K 95 -54.25 -6.48 40.01
C TYR K 95 -52.85 -7.06 39.89
N CYS K 96 -52.56 -8.03 40.74
CA CYS K 96 -51.30 -8.77 40.72
C CYS K 96 -51.55 -10.16 40.13
N THR K 97 -50.74 -10.54 39.14
CA THR K 97 -51.00 -11.71 38.33
C THR K 97 -49.72 -12.52 38.17
N THR K 98 -49.90 -13.81 37.88
CA THR K 98 -48.80 -14.77 37.81
C THR K 98 -48.54 -15.13 36.36
N GLY K 99 -47.33 -14.85 35.89
CA GLY K 99 -46.97 -14.97 34.49
C GLY K 99 -46.32 -16.30 34.14
N GLY K 100 -45.42 -16.25 33.17
CA GLY K 100 -44.85 -17.47 32.63
C GLY K 100 -43.74 -18.03 33.50
N TRP K 101 -43.40 -19.28 33.22
CA TRP K 101 -42.34 -19.96 33.94
C TRP K 101 -40.98 -19.34 33.59
N ILE K 102 -40.13 -19.23 34.59
CA ILE K 102 -38.81 -18.61 34.44
C ILE K 102 -37.79 -19.73 34.19
N GLY K 103 -37.04 -19.60 33.09
CA GLY K 103 -35.95 -20.50 32.79
C GLY K 103 -34.78 -19.72 32.22
N LEU K 104 -33.59 -20.31 32.35
CA LEU K 104 -32.37 -19.62 31.94
C LEU K 104 -32.28 -19.46 30.44
N TYR K 105 -32.83 -20.39 29.66
CA TYR K 105 -32.51 -20.52 28.25
C TYR K 105 -33.54 -19.89 27.32
N SER K 106 -34.52 -19.16 27.83
CA SER K 106 -35.50 -18.51 26.98
C SER K 106 -36.19 -17.39 27.74
N ASP K 107 -36.56 -16.34 27.02
CA ASP K 107 -37.20 -15.16 27.58
C ASP K 107 -38.72 -15.34 27.44
N THR K 108 -39.34 -15.80 28.53
CA THR K 108 -40.78 -15.97 28.60
C THR K 108 -41.48 -14.79 29.28
N SER K 109 -40.81 -13.65 29.40
CA SER K 109 -41.38 -12.50 30.08
C SER K 109 -42.61 -11.97 29.36
N GLY K 110 -42.56 -11.91 28.04
CA GLY K 110 -43.62 -11.32 27.25
C GLY K 110 -44.84 -12.19 27.04
N TYR K 111 -44.82 -13.43 27.52
CA TYR K 111 -45.99 -14.30 27.36
C TYR K 111 -47.13 -13.75 28.21
N PRO K 112 -48.31 -13.42 27.63
CA PRO K 112 -49.41 -12.91 28.47
C PRO K 112 -50.24 -14.03 29.09
N ASN K 113 -49.56 -14.95 29.79
CA ASN K 113 -50.20 -16.11 30.38
C ASN K 113 -50.50 -15.90 31.86
N PHE K 114 -51.49 -15.05 32.16
CA PHE K 114 -51.84 -14.76 33.55
C PHE K 114 -52.65 -15.93 34.10
N ASP K 115 -51.93 -16.86 34.72
CA ASP K 115 -52.56 -18.07 35.23
C ASP K 115 -53.47 -17.78 36.42
N TYR K 116 -53.06 -16.86 37.30
CA TYR K 116 -53.80 -16.54 38.51
C TYR K 116 -53.83 -15.03 38.70
N TRP K 117 -54.81 -14.57 39.46
CA TRP K 117 -55.04 -13.15 39.70
C TRP K 117 -55.22 -12.90 41.20
N GLY K 118 -54.78 -11.73 41.65
CA GLY K 118 -55.08 -11.30 43.01
C GLY K 118 -56.47 -10.72 43.11
N GLN K 119 -56.88 -10.45 44.36
CA GLN K 119 -58.25 -9.99 44.60
C GLN K 119 -58.46 -8.54 44.17
N GLY K 120 -57.39 -7.78 43.95
CA GLY K 120 -57.51 -6.42 43.47
C GLY K 120 -57.76 -5.42 44.57
N THR K 121 -57.03 -4.30 44.54
CA THR K 121 -57.09 -3.28 45.57
C THR K 121 -57.22 -1.91 44.92
N LEU K 122 -57.94 -1.02 45.59
CA LEU K 122 -58.47 0.20 44.98
C LEU K 122 -57.61 1.41 45.32
N VAL K 123 -57.33 2.22 44.30
CA VAL K 123 -56.78 3.56 44.45
C VAL K 123 -57.80 4.53 43.87
N THR K 124 -57.98 5.67 44.54
CA THR K 124 -58.96 6.67 44.10
C THR K 124 -58.37 8.05 44.34
N VAL K 125 -58.03 8.74 43.25
CA VAL K 125 -57.45 10.09 43.31
C VAL K 125 -58.55 11.08 42.98
N SER K 126 -58.88 11.93 43.94
CA SER K 126 -59.93 12.93 43.75
C SER K 126 -59.91 13.96 44.88
N GLN L 1 -62.16 1.94 21.79
CA GLN L 1 -61.00 1.16 21.29
C GLN L 1 -59.79 1.43 22.19
N SER L 2 -59.42 0.43 23.01
CA SER L 2 -58.43 0.70 24.06
C SER L 2 -57.01 0.67 23.52
N ALA L 3 -56.53 -0.51 23.12
CA ALA L 3 -55.28 -0.62 22.38
C ALA L 3 -55.46 -1.53 21.16
N LEU L 4 -56.22 -2.60 21.34
CA LEU L 4 -56.67 -3.46 20.26
C LEU L 4 -58.18 -3.33 20.09
N THR L 5 -58.65 -3.61 18.88
CA THR L 5 -60.02 -3.35 18.48
C THR L 5 -60.79 -4.65 18.34
N GLN L 6 -62.07 -4.61 18.69
CA GLN L 6 -62.95 -5.76 18.55
C GLN L 6 -64.39 -5.27 18.55
N PRO L 7 -65.33 -6.08 18.06
CA PRO L 7 -66.75 -5.70 18.17
C PRO L 7 -67.18 -5.56 19.63
N ALA L 8 -68.01 -4.55 19.90
CA ALA L 8 -68.32 -4.19 21.27
C ALA L 8 -69.35 -5.11 21.91
N SER L 9 -70.19 -5.78 21.11
CA SER L 9 -71.17 -6.70 21.67
C SER L 9 -71.89 -7.42 20.54
N VAL L 10 -72.35 -8.63 20.85
CA VAL L 10 -73.16 -9.43 19.95
C VAL L 10 -74.14 -10.23 20.80
N SER L 11 -75.34 -10.45 20.27
CA SER L 11 -76.37 -11.24 20.93
C SER L 11 -76.88 -12.31 19.98
N GLY L 12 -77.14 -13.51 20.52
CA GLY L 12 -77.56 -14.64 19.71
C GLY L 12 -78.32 -15.64 20.55
N SER L 13 -78.73 -16.76 19.89
CA SER L 13 -79.57 -17.78 20.51
C SER L 13 -78.73 -18.96 20.98
N PRO L 14 -79.21 -19.76 21.95
CA PRO L 14 -78.44 -20.93 22.38
C PRO L 14 -78.33 -21.96 21.27
N GLY L 15 -77.27 -22.77 21.35
CA GLY L 15 -76.95 -23.73 20.32
C GLY L 15 -76.08 -23.18 19.21
N GLN L 16 -76.20 -21.90 18.88
CA GLN L 16 -75.32 -21.26 17.91
C GLN L 16 -74.04 -20.83 18.61
N SER L 17 -73.22 -20.02 17.93
CA SER L 17 -71.97 -19.50 18.48
C SER L 17 -71.86 -18.01 18.25
N ILE L 18 -71.41 -17.29 19.27
CA ILE L 18 -70.95 -15.91 19.14
C ILE L 18 -69.44 -15.94 19.12
N THR L 19 -68.84 -15.53 18.01
CA THR L 19 -67.40 -15.55 17.81
C THR L 19 -66.89 -14.11 17.80
N ILE L 20 -65.91 -13.84 18.67
CA ILE L 20 -65.44 -12.48 18.94
C ILE L 20 -64.06 -12.34 18.31
N SER L 21 -63.91 -11.38 17.40
CA SER L 21 -62.64 -11.15 16.72
C SER L 21 -61.78 -10.15 17.48
N CYS L 22 -60.46 -10.33 17.39
CA CYS L 22 -59.45 -9.46 17.98
C CYS L 22 -58.55 -8.91 16.90
N THR L 23 -58.58 -7.58 16.72
CA THR L 23 -57.77 -6.89 15.73
C THR L 23 -56.96 -5.80 16.42
N GLY L 24 -55.81 -5.42 15.83
CA GLY L 24 -55.08 -6.04 14.75
C GLY L 24 -53.94 -5.18 14.22
N THR L 25 -52.78 -5.81 14.04
CA THR L 25 -51.62 -5.19 13.41
C THR L 25 -50.51 -6.22 13.33
N ASN L 26 -49.53 -5.96 12.47
CA ASN L 26 -48.45 -6.92 12.25
C ASN L 26 -47.63 -7.15 13.50
N TYR L 27 -47.36 -6.08 14.26
CA TYR L 27 -46.45 -6.16 15.39
C TYR L 27 -47.08 -6.72 16.64
N ASP L 28 -48.40 -6.92 16.68
CA ASP L 28 -49.10 -7.37 17.87
C ASP L 28 -49.70 -8.77 17.70
N VAL L 29 -50.55 -8.93 16.69
CA VAL L 29 -51.29 -10.19 16.52
C VAL L 29 -50.74 -11.01 15.36
N GLY L 30 -50.11 -10.36 14.38
CA GLY L 30 -49.66 -11.08 13.20
C GLY L 30 -48.36 -11.83 13.43
N SER L 31 -47.46 -11.25 14.23
CA SER L 31 -46.10 -11.77 14.34
C SER L 31 -46.00 -13.02 15.19
N TYR L 32 -46.77 -13.12 16.28
CA TYR L 32 -46.51 -14.07 17.35
C TYR L 32 -47.75 -14.95 17.60
N ASN L 33 -47.50 -16.15 18.12
CA ASN L 33 -48.53 -17.07 18.57
C ASN L 33 -48.97 -16.81 20.00
N LEU L 34 -48.56 -15.69 20.59
CA LEU L 34 -48.83 -15.39 22.00
C LEU L 34 -50.08 -14.52 22.11
N VAL L 35 -51.23 -15.19 22.04
CA VAL L 35 -52.54 -14.54 22.12
C VAL L 35 -53.35 -15.27 23.19
N SER L 36 -53.92 -14.50 24.12
CA SER L 36 -54.75 -15.04 25.18
C SER L 36 -56.10 -14.32 25.19
N TRP L 37 -57.05 -14.92 25.89
CA TRP L 37 -58.40 -14.37 26.02
C TRP L 37 -58.84 -14.43 27.46
N TYR L 38 -59.49 -13.36 27.92
CA TYR L 38 -59.93 -13.22 29.31
C TYR L 38 -61.38 -12.77 29.34
N GLN L 39 -62.13 -13.28 30.32
CA GLN L 39 -63.56 -13.02 30.48
C GLN L 39 -63.77 -12.29 31.80
N GLN L 40 -64.51 -11.19 31.75
CA GLN L 40 -64.85 -10.40 32.94
C GLN L 40 -66.36 -10.32 33.10
N HIS L 41 -66.77 -10.03 34.33
CA HIS L 41 -68.14 -10.17 34.79
C HIS L 41 -68.32 -9.16 35.92
N PRO L 42 -69.49 -8.47 36.01
CA PRO L 42 -69.56 -7.24 36.81
C PRO L 42 -69.13 -7.39 38.27
N GLY L 43 -68.05 -6.68 38.61
CA GLY L 43 -67.46 -6.72 39.94
C GLY L 43 -66.52 -7.88 40.19
N LYS L 44 -66.13 -8.63 39.16
CA LYS L 44 -65.33 -9.84 39.32
C LYS L 44 -63.89 -9.63 38.87
N VAL L 45 -63.07 -10.62 39.17
CA VAL L 45 -61.70 -10.71 38.67
C VAL L 45 -61.78 -11.30 37.26
N PRO L 46 -60.85 -11.02 36.35
CA PRO L 46 -60.90 -11.68 35.04
C PRO L 46 -60.69 -13.19 35.15
N LYS L 47 -61.27 -13.90 34.19
CA LYS L 47 -61.17 -15.36 34.10
C LYS L 47 -60.32 -15.71 32.89
N TYR L 48 -59.43 -16.69 33.06
CA TYR L 48 -58.39 -17.00 32.08
C TYR L 48 -58.90 -18.14 31.19
N ILE L 49 -59.06 -17.86 29.89
CA ILE L 49 -59.88 -18.69 29.00
C ILE L 49 -59.03 -19.45 27.99
N ILE L 50 -58.18 -18.75 27.24
CA ILE L 50 -57.34 -19.36 26.22
C ILE L 50 -55.92 -18.82 26.36
N TYR L 51 -54.94 -19.65 26.02
CA TYR L 51 -53.53 -19.25 26.04
C TYR L 51 -52.79 -19.95 24.90
N GLU L 52 -51.73 -19.30 24.44
CA GLU L 52 -50.98 -19.74 23.26
C GLU L 52 -51.92 -20.00 22.10
N VAL L 53 -52.87 -19.07 21.91
CA VAL L 53 -53.85 -18.93 20.82
C VAL L 53 -54.85 -20.09 20.69
N ASN L 54 -54.50 -21.32 21.11
CA ASN L 54 -55.39 -22.45 20.90
C ASN L 54 -55.43 -23.47 22.05
N LYS L 55 -55.04 -23.11 23.27
CA LYS L 55 -55.03 -24.02 24.41
C LYS L 55 -55.83 -23.45 25.58
N ARG L 56 -56.46 -24.34 26.35
CA ARG L 56 -57.32 -23.85 27.46
C ARG L 56 -56.75 -24.32 28.81
N PRO L 57 -56.71 -23.47 29.85
CA PRO L 57 -56.25 -23.87 31.17
C PRO L 57 -57.28 -24.76 31.87
N SER L 58 -56.87 -25.45 32.95
CA SER L 58 -57.80 -26.32 33.70
C SER L 58 -58.92 -25.47 34.34
N GLY L 59 -60.14 -26.00 34.37
CA GLY L 59 -61.26 -25.27 34.98
C GLY L 59 -62.14 -24.58 33.93
N VAL L 60 -61.61 -24.40 32.73
CA VAL L 60 -62.39 -23.78 31.62
C VAL L 60 -63.24 -24.85 30.95
N SER L 61 -64.56 -24.73 31.00
CA SER L 61 -65.41 -25.71 30.32
C SER L 61 -65.04 -25.79 28.85
N ASN L 62 -65.17 -26.98 28.28
CA ASN L 62 -64.62 -27.29 26.97
C ASN L 62 -65.51 -26.84 25.80
N ARG L 63 -66.44 -25.92 26.03
CA ARG L 63 -67.24 -25.38 24.93
C ARG L 63 -66.44 -24.37 24.10
N PHE L 64 -65.32 -23.88 24.61
CA PHE L 64 -64.54 -22.86 23.92
C PHE L 64 -63.60 -23.48 22.89
N SER L 65 -63.14 -22.63 21.97
CA SER L 65 -61.99 -22.96 21.13
C SER L 65 -61.47 -21.64 20.55
N GLY L 66 -60.21 -21.69 20.11
CA GLY L 66 -59.53 -20.50 19.60
C GLY L 66 -59.17 -20.60 18.12
N SER L 67 -58.85 -19.46 17.52
CA SER L 67 -58.49 -19.42 16.11
C SER L 67 -57.69 -18.15 15.83
N LYS L 68 -56.95 -18.17 14.72
CA LYS L 68 -56.19 -17.01 14.29
C LYS L 68 -55.81 -17.18 12.83
N SER L 69 -55.71 -16.04 12.13
CA SER L 69 -55.20 -16.03 10.77
C SER L 69 -54.82 -14.59 10.42
N GLY L 70 -53.63 -14.44 9.84
CA GLY L 70 -53.16 -13.12 9.46
C GLY L 70 -52.96 -12.24 10.68
N ASN L 71 -53.57 -11.05 10.64
CA ASN L 71 -53.42 -10.04 11.67
C ASN L 71 -54.56 -10.03 12.68
N THR L 72 -55.43 -11.04 12.66
CA THR L 72 -56.64 -11.08 13.46
C THR L 72 -56.80 -12.44 14.12
N ALA L 73 -57.15 -12.43 15.40
CA ALA L 73 -57.48 -13.64 16.15
C ALA L 73 -58.94 -13.60 16.54
N SER L 74 -59.48 -14.77 16.89
CA SER L 74 -60.89 -14.88 17.27
C SER L 74 -61.07 -15.94 18.34
N LEU L 75 -62.14 -15.79 19.11
CA LEU L 75 -62.52 -16.73 20.16
C LEU L 75 -63.85 -17.37 19.80
N THR L 76 -63.90 -18.70 19.84
CA THR L 76 -65.11 -19.46 19.57
C THR L 76 -65.71 -19.96 20.89
N ILE L 77 -67.01 -19.76 21.03
CA ILE L 77 -67.76 -20.06 22.24
C ILE L 77 -68.90 -21.00 21.86
N SER L 78 -68.61 -21.92 20.93
CA SER L 78 -69.64 -22.71 20.26
C SER L 78 -70.52 -23.46 21.25
N GLY L 79 -71.78 -23.63 20.88
CA GLY L 79 -72.77 -24.27 21.73
C GLY L 79 -73.18 -23.36 22.86
N LEU L 80 -73.81 -22.24 22.53
CA LEU L 80 -74.09 -21.20 23.51
C LEU L 80 -75.09 -21.67 24.56
N GLN L 81 -74.74 -21.43 25.82
CA GLN L 81 -75.67 -21.53 26.94
C GLN L 81 -75.52 -20.28 27.78
N ALA L 82 -76.51 -20.01 28.63
CA ALA L 82 -76.59 -18.74 29.35
C ALA L 82 -75.41 -18.49 30.32
N GLU L 83 -74.48 -19.43 30.54
CA GLU L 83 -73.28 -19.12 31.32
C GLU L 83 -72.30 -18.24 30.56
N ASP L 84 -72.28 -18.33 29.23
CA ASP L 84 -71.32 -17.61 28.42
C ASP L 84 -71.50 -16.10 28.45
N GLU L 85 -72.63 -15.60 28.96
CA GLU L 85 -72.92 -14.17 28.90
C GLU L 85 -71.96 -13.39 29.78
N ALA L 86 -70.94 -12.80 29.17
CA ALA L 86 -69.89 -12.10 29.91
C ALA L 86 -69.10 -11.23 28.95
N THR L 87 -68.20 -10.44 29.52
CA THR L 87 -67.41 -9.47 28.78
C THR L 87 -66.04 -10.09 28.50
N TYR L 88 -65.71 -10.25 27.22
CA TYR L 88 -64.53 -10.99 26.77
C TYR L 88 -63.47 -10.02 26.27
N TYR L 89 -62.22 -10.23 26.69
CA TYR L 89 -61.08 -9.43 26.27
C TYR L 89 -60.02 -10.30 25.62
N CYS L 90 -59.32 -9.72 24.66
CA CYS L 90 -58.16 -10.31 24.01
C CYS L 90 -56.90 -9.51 24.36
N CYS L 91 -55.78 -10.22 24.50
CA CYS L 91 -54.50 -9.60 24.77
C CYS L 91 -53.40 -10.47 24.17
N SER L 92 -52.29 -9.84 23.81
CA SER L 92 -51.25 -10.51 23.05
C SER L 92 -49.92 -9.80 23.24
N TYR L 93 -48.85 -10.49 22.83
CA TYR L 93 -47.52 -9.89 22.87
C TYR L 93 -47.37 -8.85 21.77
N ALA L 94 -46.67 -7.75 22.10
CA ALA L 94 -46.61 -6.58 21.25
C ALA L 94 -45.17 -6.17 20.92
N GLY L 95 -44.20 -7.07 21.05
CA GLY L 95 -42.82 -6.74 20.73
C GLY L 95 -42.20 -5.79 21.73
N SER L 96 -40.88 -5.80 21.81
CA SER L 96 -40.12 -4.95 22.72
C SER L 96 -40.57 -5.13 24.16
N SER L 97 -40.91 -6.37 24.53
CA SER L 97 -41.32 -6.71 25.90
C SER L 97 -42.52 -5.89 26.34
N ILE L 98 -43.50 -5.74 25.45
CA ILE L 98 -44.75 -5.04 25.72
C ILE L 98 -45.90 -5.97 25.35
N ILE L 99 -47.00 -5.85 26.08
CA ILE L 99 -48.21 -6.61 25.79
C ILE L 99 -49.40 -5.66 25.82
N PHE L 100 -50.34 -5.89 24.91
CA PHE L 100 -51.51 -5.02 24.74
C PHE L 100 -52.78 -5.78 25.09
N PHE L 101 -53.78 -5.07 25.58
CA PHE L 101 -55.10 -5.61 25.85
C PHE L 101 -56.12 -5.09 24.82
N GLY L 102 -57.34 -5.65 24.88
CA GLY L 102 -58.40 -5.28 23.97
C GLY L 102 -59.47 -4.45 24.64
N GLY L 103 -60.51 -4.12 23.87
CA GLY L 103 -61.60 -3.28 24.34
C GLY L 103 -62.69 -3.99 25.11
N GLY L 104 -63.31 -5.00 24.53
CA GLY L 104 -64.33 -5.78 25.21
C GLY L 104 -65.43 -6.25 24.25
N THR L 105 -66.15 -7.28 24.69
CA THR L 105 -67.28 -7.81 23.92
C THR L 105 -68.21 -8.54 24.88
N LYS L 106 -69.37 -7.95 25.16
CA LYS L 106 -70.36 -8.64 25.96
C LYS L 106 -71.09 -9.68 25.11
N LEU L 107 -71.62 -10.70 25.77
CA LEU L 107 -72.27 -11.82 25.10
C LEU L 107 -73.65 -12.00 25.69
N THR L 108 -74.59 -12.42 24.83
CA THR L 108 -75.96 -12.72 25.25
C THR L 108 -76.38 -14.04 24.63
N VAL L 109 -77.19 -14.78 25.38
CA VAL L 109 -77.83 -16.01 24.91
C VAL L 109 -79.33 -15.81 25.12
N ILE L 110 -80.03 -15.38 24.07
CA ILE L 110 -81.43 -14.99 24.19
C ILE L 110 -82.31 -16.20 24.49
#